data_3TVR
# 
_entry.id   3TVR 
# 
_audit_conform.dict_name       mmcif_pdbx.dic 
_audit_conform.dict_version    5.379 
_audit_conform.dict_location   http://mmcif.pdb.org/dictionaries/ascii/mmcif_pdbx.dic 
# 
loop_
_database_2.database_id 
_database_2.database_code 
_database_2.pdbx_database_accession 
_database_2.pdbx_DOI 
PDB   3TVR         pdb_00003tvr 10.2210/pdb3tvr/pdb 
RCSB  RCSB067980   ?            ?                   
WWPDB D_1000067980 ?            ?                   
# 
_pdbx_database_related.db_name        PDB 
_pdbx_database_related.db_id          3TL1 
_pdbx_database_related.details        'The same protein complexed with aromatic polyketide ligand analog.' 
_pdbx_database_related.content_type   unspecified 
# 
_pdbx_database_status.status_code                     REL 
_pdbx_database_status.entry_id                        3TVR 
_pdbx_database_status.recvd_initial_deposition_date   2011-09-20 
_pdbx_database_status.deposit_site                    RCSB 
_pdbx_database_status.process_site                    RCSB 
_pdbx_database_status.status_code_sf                  REL 
_pdbx_database_status.status_code_mr                  ? 
_pdbx_database_status.SG_entry                        ? 
_pdbx_database_status.status_code_cs                  ? 
_pdbx_database_status.methods_development_category    ? 
_pdbx_database_status.pdb_format_compatible           Y 
_pdbx_database_status.status_code_nmr_data            ? 
# 
loop_
_audit_author.name 
_audit_author.pdbx_ordinal 
'Lee, M.-Y.'  1 
'Ames, B.D.'  2 
'Tsai, S.-C.' 3 
# 
_citation.id                        primary 
_citation.title                     
'Insight into the Molecular Basis of Aromatic Polyketide Cyclization: Crystal Structure and in Vitro Characterization of WhiE-ORFVI.' 
_citation.journal_abbrev            Biochemistry 
_citation.journal_volume            51 
_citation.page_first                3079 
_citation.page_last                 3091 
_citation.year                      2012 
_citation.journal_id_ASTM           BICHAW 
_citation.country                   US 
_citation.journal_id_ISSN           0006-2960 
_citation.journal_id_CSD            0033 
_citation.book_publisher            ? 
_citation.pdbx_database_id_PubMed   22432862 
_citation.pdbx_database_id_DOI      10.1021/bi201705q 
# 
loop_
_citation_author.citation_id 
_citation_author.name 
_citation_author.ordinal 
_citation_author.identifier_ORCID 
primary 'Lee, M.Y.'  1 ? 
primary 'Ames, B.D.' 2 ? 
primary 'Tsai, S.C.' 3 ? 
# 
_cell.entry_id           3TVR 
_cell.length_a           47.702 
_cell.length_b           42.060 
_cell.length_c           47.999 
_cell.angle_alpha        90.00 
_cell.angle_beta         91.89 
_cell.angle_gamma        90.00 
_cell.Z_PDB              2 
_cell.pdbx_unique_axis   ? 
_cell.length_a_esd       ? 
_cell.length_b_esd       ? 
_cell.length_c_esd       ? 
_cell.angle_alpha_esd    ? 
_cell.angle_beta_esd     ? 
_cell.angle_gamma_esd    ? 
# 
_symmetry.entry_id                         3TVR 
_symmetry.space_group_name_H-M             'P 1 21 1' 
_symmetry.pdbx_full_space_group_name_H-M   ? 
_symmetry.cell_setting                     ? 
_symmetry.Int_Tables_number                4 
_symmetry.space_group_name_Hall            ? 
# 
loop_
_entity.id 
_entity.type 
_entity.src_method 
_entity.pdbx_description 
_entity.formula_weight 
_entity.pdbx_number_of_molecules 
_entity.pdbx_ec 
_entity.pdbx_mutation 
_entity.pdbx_fragment 
_entity.details 
1 polymer     man 'Polyketide cyclase' 19749.016 1   ? ? ? ? 
2 non-polymer syn GLYCEROL             92.094    1   ? ? ? ? 
3 water       nat water                18.015    199 ? ? ? ? 
# 
_entity_name_com.entity_id   1 
_entity_name_com.name        'WhiE ORF VI' 
# 
_entity_poly.entity_id                      1 
_entity_poly.type                           'polypeptide(L)' 
_entity_poly.nstd_linkage                   no 
_entity_poly.nstd_monomer                   no 
_entity_poly.pdbx_seq_one_letter_code       
;HHHHSSGLVPRGSHMAGHTDNEITIAAPMELVWNMTNDIEKWPGLFSEYASVEVLGRDDDKVTFRLTMHPDADGKVWSWV
SERVADPVTRTVRAQRVETGPFQYMNIVWEYAETAEGTVMRWTQDFAMKPDAPVDDAWMTDNINRNSRTQMALIRDRIEQ
AAGERRTASVLAD
;
_entity_poly.pdbx_seq_one_letter_code_can   
;HHHHSSGLVPRGSHMAGHTDNEITIAAPMELVWNMTNDIEKWPGLFSEYASVEVLGRDDDKVTFRLTMHPDADGKVWSWV
SERVADPVTRTVRAQRVETGPFQYMNIVWEYAETAEGTVMRWTQDFAMKPDAPVDDAWMTDNINRNSRTQMALIRDRIEQ
AAGERRTASVLAD
;
_entity_poly.pdbx_strand_id                 A 
_entity_poly.pdbx_target_identifier         ? 
# 
loop_
_entity_poly_seq.entity_id 
_entity_poly_seq.num 
_entity_poly_seq.mon_id 
_entity_poly_seq.hetero 
1 1   HIS n 
1 2   HIS n 
1 3   HIS n 
1 4   HIS n 
1 5   SER n 
1 6   SER n 
1 7   GLY n 
1 8   LEU n 
1 9   VAL n 
1 10  PRO n 
1 11  ARG n 
1 12  GLY n 
1 13  SER n 
1 14  HIS n 
1 15  MET n 
1 16  ALA n 
1 17  GLY n 
1 18  HIS n 
1 19  THR n 
1 20  ASP n 
1 21  ASN n 
1 22  GLU n 
1 23  ILE n 
1 24  THR n 
1 25  ILE n 
1 26  ALA n 
1 27  ALA n 
1 28  PRO n 
1 29  MET n 
1 30  GLU n 
1 31  LEU n 
1 32  VAL n 
1 33  TRP n 
1 34  ASN n 
1 35  MET n 
1 36  THR n 
1 37  ASN n 
1 38  ASP n 
1 39  ILE n 
1 40  GLU n 
1 41  LYS n 
1 42  TRP n 
1 43  PRO n 
1 44  GLY n 
1 45  LEU n 
1 46  PHE n 
1 47  SER n 
1 48  GLU n 
1 49  TYR n 
1 50  ALA n 
1 51  SER n 
1 52  VAL n 
1 53  GLU n 
1 54  VAL n 
1 55  LEU n 
1 56  GLY n 
1 57  ARG n 
1 58  ASP n 
1 59  ASP n 
1 60  ASP n 
1 61  LYS n 
1 62  VAL n 
1 63  THR n 
1 64  PHE n 
1 65  ARG n 
1 66  LEU n 
1 67  THR n 
1 68  MET n 
1 69  HIS n 
1 70  PRO n 
1 71  ASP n 
1 72  ALA n 
1 73  ASP n 
1 74  GLY n 
1 75  LYS n 
1 76  VAL n 
1 77  TRP n 
1 78  SER n 
1 79  TRP n 
1 80  VAL n 
1 81  SER n 
1 82  GLU n 
1 83  ARG n 
1 84  VAL n 
1 85  ALA n 
1 86  ASP n 
1 87  PRO n 
1 88  VAL n 
1 89  THR n 
1 90  ARG n 
1 91  THR n 
1 92  VAL n 
1 93  ARG n 
1 94  ALA n 
1 95  GLN n 
1 96  ARG n 
1 97  VAL n 
1 98  GLU n 
1 99  THR n 
1 100 GLY n 
1 101 PRO n 
1 102 PHE n 
1 103 GLN n 
1 104 TYR n 
1 105 MET n 
1 106 ASN n 
1 107 ILE n 
1 108 VAL n 
1 109 TRP n 
1 110 GLU n 
1 111 TYR n 
1 112 ALA n 
1 113 GLU n 
1 114 THR n 
1 115 ALA n 
1 116 GLU n 
1 117 GLY n 
1 118 THR n 
1 119 VAL n 
1 120 MET n 
1 121 ARG n 
1 122 TRP n 
1 123 THR n 
1 124 GLN n 
1 125 ASP n 
1 126 PHE n 
1 127 ALA n 
1 128 MET n 
1 129 LYS n 
1 130 PRO n 
1 131 ASP n 
1 132 ALA n 
1 133 PRO n 
1 134 VAL n 
1 135 ASP n 
1 136 ASP n 
1 137 ALA n 
1 138 TRP n 
1 139 MET n 
1 140 THR n 
1 141 ASP n 
1 142 ASN n 
1 143 ILE n 
1 144 ASN n 
1 145 ARG n 
1 146 ASN n 
1 147 SER n 
1 148 ARG n 
1 149 THR n 
1 150 GLN n 
1 151 MET n 
1 152 ALA n 
1 153 LEU n 
1 154 ILE n 
1 155 ARG n 
1 156 ASP n 
1 157 ARG n 
1 158 ILE n 
1 159 GLU n 
1 160 GLN n 
1 161 ALA n 
1 162 ALA n 
1 163 GLY n 
1 164 GLU n 
1 165 ARG n 
1 166 ARG n 
1 167 THR n 
1 168 ALA n 
1 169 SER n 
1 170 VAL n 
1 171 LEU n 
1 172 ALA n 
1 173 ASP n 
# 
_entity_src_gen.entity_id                          1 
_entity_src_gen.pdbx_src_id                        1 
_entity_src_gen.pdbx_alt_source_flag               sample 
_entity_src_gen.pdbx_seq_type                      ? 
_entity_src_gen.pdbx_beg_seq_num                   ? 
_entity_src_gen.pdbx_end_seq_num                   ? 
_entity_src_gen.gene_src_common_name               ? 
_entity_src_gen.gene_src_genus                     ? 
_entity_src_gen.pdbx_gene_src_gene                 'SC6G9.18, SCO5315, whiE ORFVI' 
_entity_src_gen.gene_src_species                   ? 
_entity_src_gen.gene_src_strain                    'A3(2)' 
_entity_src_gen.gene_src_tissue                    ? 
_entity_src_gen.gene_src_tissue_fraction           ? 
_entity_src_gen.gene_src_details                   ? 
_entity_src_gen.pdbx_gene_src_fragment             ? 
_entity_src_gen.pdbx_gene_src_scientific_name      'Streptomyces coelicolor' 
_entity_src_gen.pdbx_gene_src_ncbi_taxonomy_id     1902 
_entity_src_gen.pdbx_gene_src_variant              ? 
_entity_src_gen.pdbx_gene_src_cell_line            ? 
_entity_src_gen.pdbx_gene_src_atcc                 ? 
_entity_src_gen.pdbx_gene_src_organ                ? 
_entity_src_gen.pdbx_gene_src_organelle            ? 
_entity_src_gen.pdbx_gene_src_cell                 ? 
_entity_src_gen.pdbx_gene_src_cellular_location    ? 
_entity_src_gen.host_org_common_name               ? 
_entity_src_gen.pdbx_host_org_scientific_name      'Escherichia coli' 
_entity_src_gen.pdbx_host_org_ncbi_taxonomy_id     469008 
_entity_src_gen.host_org_genus                     ? 
_entity_src_gen.pdbx_host_org_gene                 ? 
_entity_src_gen.pdbx_host_org_organ                ? 
_entity_src_gen.host_org_species                   ? 
_entity_src_gen.pdbx_host_org_tissue               ? 
_entity_src_gen.pdbx_host_org_tissue_fraction      ? 
_entity_src_gen.pdbx_host_org_strain               'BL21(DE3)' 
_entity_src_gen.pdbx_host_org_variant              ? 
_entity_src_gen.pdbx_host_org_cell_line            ? 
_entity_src_gen.pdbx_host_org_atcc                 ? 
_entity_src_gen.pdbx_host_org_culture_collection   ? 
_entity_src_gen.pdbx_host_org_cell                 ? 
_entity_src_gen.pdbx_host_org_organelle            ? 
_entity_src_gen.pdbx_host_org_cellular_location    ? 
_entity_src_gen.pdbx_host_org_vector_type          plasmid 
_entity_src_gen.pdbx_host_org_vector               ? 
_entity_src_gen.host_org_details                   ? 
_entity_src_gen.expression_system_id               ? 
_entity_src_gen.plasmid_name                       pET28 
_entity_src_gen.plasmid_details                    ? 
_entity_src_gen.pdbx_description                   ? 
# 
_struct_ref.id                         1 
_struct_ref.db_name                    UNP 
_struct_ref.db_code                    CYPC_STRCO 
_struct_ref.pdbx_db_accession          P23154 
_struct_ref.entity_id                  1 
_struct_ref.pdbx_seq_one_letter_code   
;MAGHTDNEITIAAPMELVWNMTNDIEKWPGLFSEYASVEVLGRDDDKVTFRLTMHPDADGKVWSWVSERVADPVTRTVRA
QRVETGPFQYMNIVWEYAETAEGTVMRWTQDFAMKPDAPVDDAWMTDNINRNSRTQMALIRDRIEQAAGERRTASVLAD
;
_struct_ref.pdbx_align_begin           1 
_struct_ref.pdbx_db_isoform            ? 
# 
_struct_ref_seq.align_id                      1 
_struct_ref_seq.ref_id                        1 
_struct_ref_seq.pdbx_PDB_id_code              3TVR 
_struct_ref_seq.pdbx_strand_id                A 
_struct_ref_seq.seq_align_beg                 15 
_struct_ref_seq.pdbx_seq_align_beg_ins_code   ? 
_struct_ref_seq.seq_align_end                 173 
_struct_ref_seq.pdbx_seq_align_end_ins_code   ? 
_struct_ref_seq.pdbx_db_accession             P23154 
_struct_ref_seq.db_align_beg                  1 
_struct_ref_seq.pdbx_db_align_beg_ins_code    ? 
_struct_ref_seq.db_align_end                  159 
_struct_ref_seq.pdbx_db_align_end_ins_code    ? 
_struct_ref_seq.pdbx_auth_seq_align_beg       1 
_struct_ref_seq.pdbx_auth_seq_align_end       159 
# 
loop_
_struct_ref_seq_dif.align_id 
_struct_ref_seq_dif.pdbx_pdb_id_code 
_struct_ref_seq_dif.mon_id 
_struct_ref_seq_dif.pdbx_pdb_strand_id 
_struct_ref_seq_dif.seq_num 
_struct_ref_seq_dif.pdbx_pdb_ins_code 
_struct_ref_seq_dif.pdbx_seq_db_name 
_struct_ref_seq_dif.pdbx_seq_db_accession_code 
_struct_ref_seq_dif.db_mon_id 
_struct_ref_seq_dif.pdbx_seq_db_seq_num 
_struct_ref_seq_dif.details 
_struct_ref_seq_dif.pdbx_auth_seq_num 
_struct_ref_seq_dif.pdbx_ordinal 
1 3TVR HIS A 1  ? UNP P23154 ? ? 'expression tag' -13 1  
1 3TVR HIS A 2  ? UNP P23154 ? ? 'expression tag' -12 2  
1 3TVR HIS A 3  ? UNP P23154 ? ? 'expression tag' -11 3  
1 3TVR HIS A 4  ? UNP P23154 ? ? 'expression tag' -10 4  
1 3TVR SER A 5  ? UNP P23154 ? ? 'expression tag' -9  5  
1 3TVR SER A 6  ? UNP P23154 ? ? 'expression tag' -8  6  
1 3TVR GLY A 7  ? UNP P23154 ? ? 'expression tag' -7  7  
1 3TVR LEU A 8  ? UNP P23154 ? ? 'expression tag' -6  8  
1 3TVR VAL A 9  ? UNP P23154 ? ? 'expression tag' -5  9  
1 3TVR PRO A 10 ? UNP P23154 ? ? 'expression tag' -4  10 
1 3TVR ARG A 11 ? UNP P23154 ? ? 'expression tag' -3  11 
1 3TVR GLY A 12 ? UNP P23154 ? ? 'expression tag' -2  12 
1 3TVR SER A 13 ? UNP P23154 ? ? 'expression tag' -1  13 
1 3TVR HIS A 14 ? UNP P23154 ? ? 'expression tag' 0   14 
# 
loop_
_chem_comp.id 
_chem_comp.type 
_chem_comp.mon_nstd_flag 
_chem_comp.name 
_chem_comp.pdbx_synonyms 
_chem_comp.formula 
_chem_comp.formula_weight 
ALA 'L-peptide linking' y ALANINE         ?                               'C3 H7 N O2'     89.093  
ARG 'L-peptide linking' y ARGININE        ?                               'C6 H15 N4 O2 1' 175.209 
ASN 'L-peptide linking' y ASPARAGINE      ?                               'C4 H8 N2 O3'    132.118 
ASP 'L-peptide linking' y 'ASPARTIC ACID' ?                               'C4 H7 N O4'     133.103 
GLN 'L-peptide linking' y GLUTAMINE       ?                               'C5 H10 N2 O3'   146.144 
GLU 'L-peptide linking' y 'GLUTAMIC ACID' ?                               'C5 H9 N O4'     147.129 
GLY 'peptide linking'   y GLYCINE         ?                               'C2 H5 N O2'     75.067  
GOL non-polymer         . GLYCEROL        'GLYCERIN; PROPANE-1,2,3-TRIOL' 'C3 H8 O3'       92.094  
HIS 'L-peptide linking' y HISTIDINE       ?                               'C6 H10 N3 O2 1' 156.162 
HOH non-polymer         . WATER           ?                               'H2 O'           18.015  
ILE 'L-peptide linking' y ISOLEUCINE      ?                               'C6 H13 N O2'    131.173 
LEU 'L-peptide linking' y LEUCINE         ?                               'C6 H13 N O2'    131.173 
LYS 'L-peptide linking' y LYSINE          ?                               'C6 H15 N2 O2 1' 147.195 
MET 'L-peptide linking' y METHIONINE      ?                               'C5 H11 N O2 S'  149.211 
PHE 'L-peptide linking' y PHENYLALANINE   ?                               'C9 H11 N O2'    165.189 
PRO 'L-peptide linking' y PROLINE         ?                               'C5 H9 N O2'     115.130 
SER 'L-peptide linking' y SERINE          ?                               'C3 H7 N O3'     105.093 
THR 'L-peptide linking' y THREONINE       ?                               'C4 H9 N O3'     119.119 
TRP 'L-peptide linking' y TRYPTOPHAN      ?                               'C11 H12 N2 O2'  204.225 
TYR 'L-peptide linking' y TYROSINE        ?                               'C9 H11 N O3'    181.189 
VAL 'L-peptide linking' y VALINE          ?                               'C5 H11 N O2'    117.146 
# 
_exptl.entry_id          3TVR 
_exptl.method            'X-RAY DIFFRACTION' 
_exptl.crystals_number   1 
# 
_exptl_crystal.id                    1 
_exptl_crystal.density_meas          ? 
_exptl_crystal.density_Matthews      2.45 
_exptl_crystal.density_percent_sol   49.75 
_exptl_crystal.description           ? 
_exptl_crystal.F_000                 ? 
_exptl_crystal.preparation           ? 
# 
_exptl_crystal_grow.crystal_id      1 
_exptl_crystal_grow.method          'VAPOR DIFFUSION, SITTING DROP' 
_exptl_crystal_grow.temp            277 
_exptl_crystal_grow.temp_details    ? 
_exptl_crystal_grow.pH              5.4 
_exptl_crystal_grow.pdbx_pH_range   ? 
_exptl_crystal_grow.pdbx_details    
'0.1M Bis-Tris, 0.2M magnesium chloride, 28% PEG 3350, pH 5.4, VAPOR DIFFUSION, SITTING DROP, temperature 277K' 
# 
_diffrn.id                     1 
_diffrn.ambient_temp           100 
_diffrn.ambient_temp_details   ? 
_diffrn.crystal_id             1 
# 
_diffrn_detector.diffrn_id              1 
_diffrn_detector.detector               CCD 
_diffrn_detector.type                   'MAR CCD 165 mm' 
_diffrn_detector.pdbx_collection_date   2007-01-05 
_diffrn_detector.details                ? 
# 
_diffrn_radiation.diffrn_id                        1 
_diffrn_radiation.wavelength_id                    1 
_diffrn_radiation.pdbx_monochromatic_or_laue_m_l   M 
_diffrn_radiation.monochromator                    'Si (220) phi=0, Si(220) phi=90, double-crystal, nonfixed exit slit' 
_diffrn_radiation.pdbx_diffrn_protocol             'SINGLE WAVELENGTH' 
_diffrn_radiation.pdbx_scattering_type             x-ray 
# 
_diffrn_radiation_wavelength.id           1 
_diffrn_radiation_wavelength.wavelength   1.0000 
_diffrn_radiation_wavelength.wt           1.0 
# 
_diffrn_source.diffrn_id                   1 
_diffrn_source.source                      SYNCHROTRON 
_diffrn_source.type                        'SSRL BEAMLINE BL9-3' 
_diffrn_source.pdbx_synchrotron_site       SSRL 
_diffrn_source.pdbx_synchrotron_beamline   BL9-3 
_diffrn_source.pdbx_wavelength             ? 
_diffrn_source.pdbx_wavelength_list        1.0000 
# 
_reflns.pdbx_diffrn_id               1 
_reflns.pdbx_ordinal                 1 
_reflns.entry_id                     3TVR 
_reflns.observed_criterion_sigma_I   0.000 
_reflns.observed_criterion_sigma_F   ? 
_reflns.d_resolution_low             50 
_reflns.d_resolution_high            1.8 
_reflns.number_obs                   17903 
_reflns.number_all                   ? 
_reflns.percent_possible_obs         99.7 
_reflns.pdbx_Rmerge_I_obs            ? 
_reflns.pdbx_Rsym_value              ? 
_reflns.pdbx_netI_over_sigmaI        ? 
_reflns.B_iso_Wilson_estimate        ? 
_reflns.pdbx_redundancy              ? 
_reflns.R_free_details               ? 
_reflns.limit_h_max                  ? 
_reflns.limit_h_min                  ? 
_reflns.limit_k_max                  ? 
_reflns.limit_k_min                  ? 
_reflns.limit_l_max                  ? 
_reflns.limit_l_min                  ? 
_reflns.observed_criterion_F_max     ? 
_reflns.observed_criterion_F_min     ? 
_reflns.pdbx_chi_squared             ? 
_reflns.pdbx_scaling_rejects         ? 
# 
_reflns_shell.pdbx_diffrn_id         1 
_reflns_shell.pdbx_ordinal           1 
_reflns_shell.d_res_high             1.80 
_reflns_shell.d_res_low              1.86 
_reflns_shell.percent_possible_all   99.2 
_reflns_shell.Rmerge_I_obs           ? 
_reflns_shell.pdbx_Rsym_value        ? 
_reflns_shell.meanI_over_sigI_obs    ? 
_reflns_shell.pdbx_redundancy        ? 
_reflns_shell.percent_possible_obs   ? 
_reflns_shell.number_unique_all      ? 
_reflns_shell.number_measured_all    ? 
_reflns_shell.number_measured_obs    ? 
_reflns_shell.number_unique_obs      ? 
_reflns_shell.pdbx_chi_squared       ? 
# 
_refine.pdbx_refine_id                           'X-RAY DIFFRACTION' 
_refine.entry_id                                 3TVR 
_refine.pdbx_diffrn_id                           1 
_refine.pdbx_TLS_residual_ADP_flag               ? 
_refine.ls_number_reflns_obs                     15892 
_refine.ls_number_reflns_all                     17903 
_refine.pdbx_ls_sigma_I                          ? 
_refine.pdbx_ls_sigma_F                          . 
_refine.pdbx_data_cutoff_high_absF               ? 
_refine.pdbx_data_cutoff_low_absF                ? 
_refine.pdbx_data_cutoff_high_rms_absF           ? 
_refine.ls_d_res_low                             34.39 
_refine.ls_d_res_high                            1.80 
_refine.ls_percent_reflns_obs                    98.75 
_refine.ls_R_factor_obs                          0.17503 
_refine.ls_R_factor_all                          ? 
_refine.ls_R_factor_R_work                       0.17049 
_refine.ls_R_factor_R_free                       0.21414 
_refine.ls_R_factor_R_free_error                 ? 
_refine.ls_R_factor_R_free_error_details         ? 
_refine.ls_percent_reflns_R_free                 10.1 
_refine.ls_number_reflns_R_free                  1792 
_refine.ls_number_parameters                     ? 
_refine.ls_number_restraints                     ? 
_refine.occupancy_min                            ? 
_refine.occupancy_max                            ? 
_refine.correlation_coeff_Fo_to_Fc               0.964 
_refine.correlation_coeff_Fo_to_Fc_free          0.946 
_refine.B_iso_mean                               27.056 
_refine.aniso_B[1][1]                            1.57 
_refine.aniso_B[2][2]                            -0.71 
_refine.aniso_B[3][3]                            -0.96 
_refine.aniso_B[1][2]                            0.00 
_refine.aniso_B[1][3]                            -1.39 
_refine.aniso_B[2][3]                            -0.00 
_refine.solvent_model_details                    MASK 
_refine.solvent_model_param_ksol                 ? 
_refine.solvent_model_param_bsol                 ? 
_refine.pdbx_solvent_vdw_probe_radii             1.20 
_refine.pdbx_solvent_ion_probe_radii             0.80 
_refine.pdbx_solvent_shrinkage_radii             0.80 
_refine.pdbx_ls_cross_valid_method               THROUGHOUT 
_refine.details                                  ? 
_refine.pdbx_starting_model                      'PDB entry 2RER' 
_refine.pdbx_method_to_determine_struct          'MOLECULAR REPLACEMENT' 
_refine.pdbx_isotropic_thermal_model             ? 
_refine.pdbx_stereochemistry_target_values       'MAXIMUM LIKELIHOOD' 
_refine.pdbx_stereochem_target_val_spec_case     ? 
_refine.pdbx_R_Free_selection_details            RANDOM 
_refine.pdbx_overall_ESU_R                       0.130 
_refine.pdbx_overall_ESU_R_Free                  0.126 
_refine.overall_SU_ML                            0.083 
_refine.pdbx_overall_phase_error                 ? 
_refine.overall_SU_B                             2.689 
_refine.overall_SU_R_Cruickshank_DPI             ? 
_refine.pdbx_overall_SU_R_free_Cruickshank_DPI   ? 
_refine.pdbx_overall_SU_R_Blow_DPI               ? 
_refine.pdbx_overall_SU_R_free_Blow_DPI          ? 
_refine.ls_redundancy_reflns_obs                 ? 
_refine.B_iso_min                                ? 
_refine.B_iso_max                                ? 
_refine.overall_SU_R_free                        ? 
_refine.ls_wR_factor_R_free                      ? 
_refine.ls_wR_factor_R_work                      ? 
_refine.overall_FOM_free_R_set                   ? 
_refine.overall_FOM_work_R_set                   ? 
# 
_refine_hist.pdbx_refine_id                   'X-RAY DIFFRACTION' 
_refine_hist.cycle_id                         LAST 
_refine_hist.pdbx_number_atoms_protein        1374 
_refine_hist.pdbx_number_atoms_nucleic_acid   0 
_refine_hist.pdbx_number_atoms_ligand         6 
_refine_hist.number_atoms_solvent             199 
_refine_hist.number_atoms_total               1579 
_refine_hist.d_res_high                       1.80 
_refine_hist.d_res_low                        34.39 
# 
loop_
_refine_ls_restr.type 
_refine_ls_restr.dev_ideal 
_refine_ls_restr.dev_ideal_target 
_refine_ls_restr.weight 
_refine_ls_restr.number 
_refine_ls_restr.pdbx_refine_id 
_refine_ls_restr.pdbx_restraint_function 
r_bond_refined_d             0.021  0.019  ? 1411 'X-RAY DIFFRACTION' ? 
r_bond_other_d               ?      ?      ? ?    'X-RAY DIFFRACTION' ? 
r_angle_refined_deg          1.964  1.915  ? 1919 'X-RAY DIFFRACTION' ? 
r_angle_other_deg            ?      ?      ? ?    'X-RAY DIFFRACTION' ? 
r_dihedral_angle_1_deg       5.681  5.000  ? 170  'X-RAY DIFFRACTION' ? 
r_dihedral_angle_2_deg       39.072 23.425 ? 73   'X-RAY DIFFRACTION' ? 
r_dihedral_angle_3_deg       13.201 15.000 ? 224  'X-RAY DIFFRACTION' ? 
r_dihedral_angle_4_deg       17.847 15.000 ? 14   'X-RAY DIFFRACTION' ? 
r_chiral_restr               0.168  0.200  ? 207  'X-RAY DIFFRACTION' ? 
r_gen_planes_refined         0.011  0.021  ? 1100 'X-RAY DIFFRACTION' ? 
r_gen_planes_other           ?      ?      ? ?    'X-RAY DIFFRACTION' ? 
r_nbd_refined                ?      ?      ? ?    'X-RAY DIFFRACTION' ? 
r_nbd_other                  ?      ?      ? ?    'X-RAY DIFFRACTION' ? 
r_nbtor_refined              ?      ?      ? ?    'X-RAY DIFFRACTION' ? 
r_nbtor_other                ?      ?      ? ?    'X-RAY DIFFRACTION' ? 
r_xyhbond_nbd_refined        ?      ?      ? ?    'X-RAY DIFFRACTION' ? 
r_xyhbond_nbd_other          ?      ?      ? ?    'X-RAY DIFFRACTION' ? 
r_metal_ion_refined          ?      ?      ? ?    'X-RAY DIFFRACTION' ? 
r_metal_ion_other            ?      ?      ? ?    'X-RAY DIFFRACTION' ? 
r_symmetry_vdw_refined       ?      ?      ? ?    'X-RAY DIFFRACTION' ? 
r_symmetry_vdw_other         ?      ?      ? ?    'X-RAY DIFFRACTION' ? 
r_symmetry_hbond_refined     ?      ?      ? ?    'X-RAY DIFFRACTION' ? 
r_symmetry_hbond_other       ?      ?      ? ?    'X-RAY DIFFRACTION' ? 
r_symmetry_metal_ion_refined ?      ?      ? ?    'X-RAY DIFFRACTION' ? 
r_symmetry_metal_ion_other   ?      ?      ? ?    'X-RAY DIFFRACTION' ? 
r_mcbond_it                  ?      ?      ? ?    'X-RAY DIFFRACTION' ? 
r_mcbond_other               ?      ?      ? ?    'X-RAY DIFFRACTION' ? 
r_mcangle_it                 ?      ?      ? ?    'X-RAY DIFFRACTION' ? 
r_scbond_it                  ?      ?      ? ?    'X-RAY DIFFRACTION' ? 
r_scangle_it                 ?      ?      ? ?    'X-RAY DIFFRACTION' ? 
r_rigid_bond_restr           ?      ?      ? ?    'X-RAY DIFFRACTION' ? 
r_sphericity_free            ?      ?      ? ?    'X-RAY DIFFRACTION' ? 
r_sphericity_bonded          ?      ?      ? ?    'X-RAY DIFFRACTION' ? 
# 
_refine_ls_shell.pdbx_refine_id                   'X-RAY DIFFRACTION' 
_refine_ls_shell.pdbx_total_number_of_bins_used   20 
_refine_ls_shell.d_res_high                       1.80 
_refine_ls_shell.d_res_low                        1.844 
_refine_ls_shell.number_reflns_R_work             1015 
_refine_ls_shell.R_factor_R_work                  0.200 
_refine_ls_shell.percent_reflns_obs               88.02 
_refine_ls_shell.R_factor_R_free                  0.230 
_refine_ls_shell.R_factor_R_free_error            ? 
_refine_ls_shell.percent_reflns_R_free            ? 
_refine_ls_shell.number_reflns_R_free             109 
_refine_ls_shell.number_reflns_all                ? 
_refine_ls_shell.R_factor_all                     ? 
_refine_ls_shell.redundancy_reflns_obs            ? 
_refine_ls_shell.number_reflns_obs                ? 
# 
_struct.entry_id                  3TVR 
_struct.title                     'Crystal Structure of Streptomyces coelicolor Polyketide Aromatase/Cyclase whiE-ORFVI' 
_struct.pdbx_model_details        ? 
_struct.pdbx_CASP_flag            ? 
_struct.pdbx_model_type_details   ? 
# 
_struct_keywords.entry_id        3TVR 
_struct_keywords.pdbx_keywords   'UNKNOWN FUNCTION' 
_struct_keywords.text            'Helix-grip fold, polyketide aromatase/cyclase, polyketide binding, UNKNOWN FUNCTION' 
# 
loop_
_struct_asym.id 
_struct_asym.pdbx_blank_PDB_chainid_flag 
_struct_asym.pdbx_modified 
_struct_asym.entity_id 
_struct_asym.details 
A N N 1 ? 
B N N 2 ? 
C N N 3 ? 
# 
loop_
_struct_conf.conf_type_id 
_struct_conf.id 
_struct_conf.pdbx_PDB_helix_id 
_struct_conf.beg_label_comp_id 
_struct_conf.beg_label_asym_id 
_struct_conf.beg_label_seq_id 
_struct_conf.pdbx_beg_PDB_ins_code 
_struct_conf.end_label_comp_id 
_struct_conf.end_label_asym_id 
_struct_conf.end_label_seq_id 
_struct_conf.pdbx_end_PDB_ins_code 
_struct_conf.beg_auth_comp_id 
_struct_conf.beg_auth_asym_id 
_struct_conf.beg_auth_seq_id 
_struct_conf.end_auth_comp_id 
_struct_conf.end_auth_asym_id 
_struct_conf.end_auth_seq_id 
_struct_conf.pdbx_PDB_helix_class 
_struct_conf.details 
_struct_conf.pdbx_PDB_helix_length 
HELX_P HELX_P1 1 PRO A 28  ? ASN A 37  ? PRO A 14  ASN A 23  1 ? 10 
HELX_P HELX_P2 2 ASP A 38  ? GLU A 40  ? ASP A 24  GLU A 26  5 ? 3  
HELX_P HELX_P3 3 LYS A 41  ? PHE A 46  ? LYS A 27  PHE A 32  1 ? 6  
HELX_P HELX_P4 4 ASP A 135 ? ALA A 172 ? ASP A 121 ALA A 158 1 ? 38 
# 
_struct_conf_type.id          HELX_P 
_struct_conf_type.criteria    ? 
_struct_conf_type.reference   ? 
# 
_struct_sheet.id               A 
_struct_sheet.type             ? 
_struct_sheet.number_strands   8 
_struct_sheet.details          ? 
# 
loop_
_struct_sheet_order.sheet_id 
_struct_sheet_order.range_id_1 
_struct_sheet_order.range_id_2 
_struct_sheet_order.offset 
_struct_sheet_order.sense 
A 1 2 ? anti-parallel 
A 2 3 ? anti-parallel 
A 3 4 ? anti-parallel 
A 4 5 ? anti-parallel 
A 5 6 ? anti-parallel 
A 6 7 ? anti-parallel 
A 7 8 ? anti-parallel 
# 
loop_
_struct_sheet_range.sheet_id 
_struct_sheet_range.id 
_struct_sheet_range.beg_label_comp_id 
_struct_sheet_range.beg_label_asym_id 
_struct_sheet_range.beg_label_seq_id 
_struct_sheet_range.pdbx_beg_PDB_ins_code 
_struct_sheet_range.end_label_comp_id 
_struct_sheet_range.end_label_asym_id 
_struct_sheet_range.end_label_seq_id 
_struct_sheet_range.pdbx_end_PDB_ins_code 
_struct_sheet_range.beg_auth_comp_id 
_struct_sheet_range.beg_auth_asym_id 
_struct_sheet_range.beg_auth_seq_id 
_struct_sheet_range.end_auth_comp_id 
_struct_sheet_range.end_auth_asym_id 
_struct_sheet_range.end_auth_seq_id 
A 1 LEU A 8   ? PRO A 10  ? LEU A -6  PRO A -4  
A 2 HIS A 18  ? ILE A 25  ? HIS A 4   ILE A 11  
A 3 GLY A 117 ? MET A 128 ? GLY A 103 MET A 114 
A 4 PHE A 102 ? THR A 114 ? PHE A 88  THR A 100 
A 5 THR A 91  ? ARG A 96  ? THR A 77  ARG A 82  
A 6 SER A 78  ? ASP A 86  ? SER A 64  ASP A 72  
A 7 LYS A 61  ? MET A 68  ? LYS A 47  MET A 54  
A 8 TYR A 49  ? ASP A 58  ? TYR A 35  ASP A 44  
# 
loop_
_pdbx_struct_sheet_hbond.sheet_id 
_pdbx_struct_sheet_hbond.range_id_1 
_pdbx_struct_sheet_hbond.range_id_2 
_pdbx_struct_sheet_hbond.range_1_label_atom_id 
_pdbx_struct_sheet_hbond.range_1_label_comp_id 
_pdbx_struct_sheet_hbond.range_1_label_asym_id 
_pdbx_struct_sheet_hbond.range_1_label_seq_id 
_pdbx_struct_sheet_hbond.range_1_PDB_ins_code 
_pdbx_struct_sheet_hbond.range_1_auth_atom_id 
_pdbx_struct_sheet_hbond.range_1_auth_comp_id 
_pdbx_struct_sheet_hbond.range_1_auth_asym_id 
_pdbx_struct_sheet_hbond.range_1_auth_seq_id 
_pdbx_struct_sheet_hbond.range_2_label_atom_id 
_pdbx_struct_sheet_hbond.range_2_label_comp_id 
_pdbx_struct_sheet_hbond.range_2_label_asym_id 
_pdbx_struct_sheet_hbond.range_2_label_seq_id 
_pdbx_struct_sheet_hbond.range_2_PDB_ins_code 
_pdbx_struct_sheet_hbond.range_2_auth_atom_id 
_pdbx_struct_sheet_hbond.range_2_auth_comp_id 
_pdbx_struct_sheet_hbond.range_2_auth_asym_id 
_pdbx_struct_sheet_hbond.range_2_auth_seq_id 
A 1 2 N VAL A 9   ? N VAL A -5  O GLU A 22  ? O GLU A 8   
A 2 3 N ILE A 25  ? N ILE A 11  O THR A 118 ? O THR A 104 
A 3 4 O ALA A 127 ? O ALA A 113 N GLN A 103 ? N GLN A 89  
A 4 5 O ILE A 107 ? O ILE A 93  N ALA A 94  ? N ALA A 80  
A 5 6 O THR A 91  ? O THR A 77  N ASP A 86  ? N ASP A 72  
A 6 7 O TRP A 79  ? O TRP A 65  N LEU A 66  ? N LEU A 52  
A 7 8 O THR A 63  ? O THR A 49  N LEU A 55  ? N LEU A 41  
# 
_struct_site.id                   AC1 
_struct_site.pdbx_evidence_code   Software 
_struct_site.pdbx_auth_asym_id    A 
_struct_site.pdbx_auth_comp_id    GOL 
_struct_site.pdbx_auth_seq_id     400 
_struct_site.pdbx_auth_ins_code   ? 
_struct_site.pdbx_num_residues    6 
_struct_site.details              'BINDING SITE FOR RESIDUE GOL A 400' 
# 
loop_
_struct_site_gen.id 
_struct_site_gen.site_id 
_struct_site_gen.pdbx_num_res 
_struct_site_gen.label_comp_id 
_struct_site_gen.label_asym_id 
_struct_site_gen.label_seq_id 
_struct_site_gen.pdbx_auth_ins_code 
_struct_site_gen.auth_comp_id 
_struct_site_gen.auth_asym_id 
_struct_site_gen.auth_seq_id 
_struct_site_gen.label_atom_id 
_struct_site_gen.label_alt_id 
_struct_site_gen.symmetry 
_struct_site_gen.details 
1 AC1 6 TRP A 42  ? TRP A 28  . ? 1_555 ? 
2 AC1 6 TYR A 49  ? TYR A 35  . ? 1_555 ? 
3 AC1 6 ILE A 107 ? ILE A 93  . ? 1_555 ? 
4 AC1 6 GLN A 124 ? GLN A 110 . ? 1_555 ? 
5 AC1 6 HOH C .   ? HOH A 519 . ? 1_555 ? 
6 AC1 6 HOH C .   ? HOH A 605 . ? 1_555 ? 
# 
_atom_sites.entry_id                    3TVR 
_atom_sites.fract_transf_matrix[1][1]   0.00986327 
_atom_sites.fract_transf_matrix[1][2]   0.01232504 
_atom_sites.fract_transf_matrix[1][3]   0.01381070 
_atom_sites.fract_transf_matrix[2][1]   0.01974989 
_atom_sites.fract_transf_matrix[2][2]   -0.00101529 
_atom_sites.fract_transf_matrix[2][3]   -0.01319883 
_atom_sites.fract_transf_matrix[3][1]   -0.00588691 
_atom_sites.fract_transf_matrix[3][2]   0.01723788 
_atom_sites.fract_transf_matrix[3][3]   -0.01013479 
_atom_sites.fract_transf_vector[1]      -0.322313 
_atom_sites.fract_transf_vector[2]      1.411774 
_atom_sites.fract_transf_vector[3]      0.813733 
# 
loop_
_atom_type.symbol 
C 
N 
O 
S 
# 
loop_
_atom_site.group_PDB 
_atom_site.id 
_atom_site.type_symbol 
_atom_site.label_atom_id 
_atom_site.label_alt_id 
_atom_site.label_comp_id 
_atom_site.label_asym_id 
_atom_site.label_entity_id 
_atom_site.label_seq_id 
_atom_site.pdbx_PDB_ins_code 
_atom_site.Cartn_x 
_atom_site.Cartn_y 
_atom_site.Cartn_z 
_atom_site.occupancy 
_atom_site.B_iso_or_equiv 
_atom_site.pdbx_formal_charge 
_atom_site.auth_seq_id 
_atom_site.auth_comp_id 
_atom_site.auth_asym_id 
_atom_site.auth_atom_id 
_atom_site.pdbx_PDB_model_num 
ATOM   1    N N   . HIS A 1 1   ? -2.807  -24.317 -4.800  1.00 49.29 ? -13 HIS A N   1 
ATOM   2    C CA  . HIS A 1 1   ? -3.546  -23.039 -5.034  1.00 50.06 ? -13 HIS A CA  1 
ATOM   3    C C   . HIS A 1 1   ? -4.436  -23.017 -6.258  1.00 55.04 ? -13 HIS A C   1 
ATOM   4    O O   . HIS A 1 1   ? -5.584  -22.567 -6.162  1.00 59.07 ? -13 HIS A O   1 
ATOM   5    C CB  . HIS A 1 1   ? -2.666  -21.781 -4.826  1.00 40.58 ? -13 HIS A CB  1 
ATOM   6    C CG  . HIS A 1 1   ? -2.151  -21.656 -3.410  1.00 42.87 ? -13 HIS A CG  1 
ATOM   7    N ND1 . HIS A 1 1   ? -0.832  -21.756 -3.093  1.00 44.49 ? -13 HIS A ND1 1 
ATOM   8    C CD2 . HIS A 1 1   ? -2.852  -21.542 -2.175  1.00 40.40 ? -13 HIS A CD2 1 
ATOM   9    C CE1 . HIS A 1 1   ? -0.680  -21.659 -1.741  1.00 40.47 ? -13 HIS A CE1 1 
ATOM   10   N NE2 . HIS A 1 1   ? -1.922  -21.544 -1.182  1.00 39.59 ? -13 HIS A NE2 1 
ATOM   11   N N   . HIS A 1 2   ? -3.976  -23.547 -7.394  1.00 52.94 ? -12 HIS A N   1 
ATOM   12   C CA  . HIS A 1 2   ? -4.887  -23.764 -8.556  1.00 52.62 ? -12 HIS A CA  1 
ATOM   13   C C   . HIS A 1 2   ? -5.505  -22.543 -9.272  1.00 46.44 ? -12 HIS A C   1 
ATOM   14   O O   . HIS A 1 2   ? -6.086  -22.703 -10.334 1.00 51.12 ? -12 HIS A O   1 
ATOM   15   C CB  . HIS A 1 2   ? -5.987  -24.790 -8.196  1.00 51.92 ? -12 HIS A CB  1 
ATOM   16   N N   . HIS A 1 3   ? -5.455  -21.339 -8.693  1.00 36.65 ? -11 HIS A N   1 
ATOM   17   C CA  . HIS A 1 3   ? -5.693  -20.088 -9.481  1.00 30.88 ? -11 HIS A CA  1 
ATOM   18   C C   . HIS A 1 3   ? -4.310  -19.603 -9.819  1.00 26.32 ? -11 HIS A C   1 
ATOM   19   O O   . HIS A 1 3   ? -3.368  -19.924 -9.123  1.00 23.84 ? -11 HIS A O   1 
ATOM   20   C CB  . HIS A 1 3   ? -6.342  -19.008 -8.643  1.00 34.04 ? -11 HIS A CB  1 
ATOM   21   C CG  . HIS A 1 3   ? -7.751  -19.319 -8.199  1.00 38.02 ? -11 HIS A CG  1 
ATOM   22   N ND1 . HIS A 1 3   ? -8.819  -19.047 -8.965  1.00 39.33 ? -11 HIS A ND1 1 
ATOM   23   C CD2 . HIS A 1 3   ? -8.249  -19.839 -6.993  1.00 38.94 ? -11 HIS A CD2 1 
ATOM   24   C CE1 . HIS A 1 3   ? -9.949  -19.388 -8.311  1.00 38.80 ? -11 HIS A CE1 1 
ATOM   25   N NE2 . HIS A 1 3   ? -9.599  -19.879 -7.099  1.00 43.17 ? -11 HIS A NE2 1 
ATOM   26   N N   . HIS A 1 4   ? -4.184  -18.818 -10.898 1.00 25.27 ? -10 HIS A N   1 
ATOM   27   C CA  . HIS A 1 4   ? -2.914  -18.276 -11.323 1.00 23.90 ? -10 HIS A CA  1 
ATOM   28   C C   . HIS A 1 4   ? -3.019  -16.790 -11.394 1.00 22.99 ? -10 HIS A C   1 
ATOM   29   O O   . HIS A 1 4   ? -4.127  -16.258 -11.624 1.00 22.01 ? -10 HIS A O   1 
ATOM   30   C CB  . HIS A 1 4   ? -2.504  -18.794 -12.684 1.00 26.24 ? -10 HIS A CB  1 
ATOM   31   C CG  . HIS A 1 4   ? -2.192  -20.241 -12.673 1.00 27.44 ? -10 HIS A CG  1 
ATOM   32   N ND1 . HIS A 1 4   ? -0.934  -20.715 -12.522 1.00 28.92 ? -10 HIS A ND1 1 
ATOM   33   C CD2 . HIS A 1 4   ? -3.058  -21.368 -12.642 1.00 33.10 ? -10 HIS A CD2 1 
ATOM   34   C CE1 . HIS A 1 4   ? -0.971  -22.083 -12.470 1.00 34.17 ? -10 HIS A CE1 1 
ATOM   35   N NE2 . HIS A 1 4   ? -2.277  -22.473 -12.530 1.00 31.81 ? -10 HIS A NE2 1 
ATOM   36   N N   . SER A 1 5   ? -1.871  -16.117 -11.165 1.00 22.86 ? -9  SER A N   1 
ATOM   37   C CA  . SER A 1 5   ? -1.822  -14.638 -11.353 1.00 22.28 ? -9  SER A CA  1 
ATOM   38   C C   . SER A 1 5   ? -0.359  -14.258 -11.680 1.00 21.51 ? -9  SER A C   1 
ATOM   39   O O   . SER A 1 5   ? 0.568   -14.981 -11.330 1.00 20.29 ? -9  SER A O   1 
ATOM   40   C CB  . SER A 1 5   ? -2.231  -13.923 -10.053 1.00 20.61 ? -9  SER A CB  1 
ATOM   41   O OG  . SER A 1 5   ? -1.306  -14.188 -8.985  1.00 18.92 ? -9  SER A OG  1 
ATOM   42   N N   . SER A 1 6   ? -0.158  -13.051 -12.234 1.00 16.61 ? -8  SER A N   1 
ATOM   43   C CA  . SER A 1 6   ? 1.179   -12.595 -12.486 1.00 18.53 ? -8  SER A CA  1 
ATOM   44   C C   . SER A 1 6   ? 1.162   -11.073 -12.768 1.00 17.40 ? -8  SER A C   1 
ATOM   45   O O   . SER A 1 6   ? 0.192   -10.570 -13.272 1.00 17.45 ? -8  SER A O   1 
ATOM   46   C CB  . SER A 1 6   ? 1.687   -13.312 -13.787 1.00 17.85 ? -8  SER A CB  1 
ATOM   47   O OG  . SER A 1 6   ? 3.053   -12.993 -14.010 1.00 18.85 ? -8  SER A OG  1 
ATOM   48   N N   . GLY A 1 7   ? 2.251   -10.419 -12.413 1.00 19.43 ? -7  GLY A N   1 
ATOM   49   C CA  . GLY A 1 7   ? 2.502   -9.049  -12.835 1.00 19.30 ? -7  GLY A CA  1 
ATOM   50   C C   . GLY A 1 7   ? 1.670   -8.047  -12.058 1.00 22.46 ? -7  GLY A C   1 
ATOM   51   O O   . GLY A 1 7   ? 0.981   -8.352  -11.083 1.00 18.51 ? -7  GLY A O   1 
ATOM   52   N N   . LEU A 1 8   ? 1.658   -6.849  -12.615 1.00 20.73 ? -6  LEU A N   1 
ATOM   53   C CA  . LEU A 1 8   ? 0.899   -5.701  -12.066 1.00 20.22 ? -6  LEU A CA  1 
ATOM   54   C C   . LEU A 1 8   ? -0.217  -5.363  -13.058 1.00 21.32 ? -6  LEU A C   1 
ATOM   55   O O   . LEU A 1 8   ? 0.013   -5.158  -14.299 1.00 23.11 ? -6  LEU A O   1 
ATOM   56   C CB  . LEU A 1 8   ? 1.894   -4.563  -11.948 1.00 22.97 ? -6  LEU A CB  1 
ATOM   57   C CG  . LEU A 1 8   ? 1.339   -3.184  -11.551 1.00 26.04 ? -6  LEU A CG  1 
ATOM   58   C CD1 . LEU A 1 8   ? 0.679   -3.166  -10.175 1.00 25.08 ? -6  LEU A CD1 1 
ATOM   59   C CD2 . LEU A 1 8   ? 2.566   -2.226  -11.617 1.00 30.58 ? -6  LEU A CD2 1 
ATOM   60   N N   . VAL A 1 9   ? -1.448  -5.404  -12.569 1.00 17.05 ? -5  VAL A N   1 
ATOM   61   C CA  . VAL A 1 9   ? -2.643  -5.452  -13.406 1.00 19.34 ? -5  VAL A CA  1 
ATOM   62   C C   . VAL A 1 9   ? -3.678  -4.473  -12.886 1.00 22.90 ? -5  VAL A C   1 
ATOM   63   O O   . VAL A 1 9   ? -4.068  -4.548  -11.705 1.00 23.48 ? -5  VAL A O   1 
ATOM   64   C CB  . VAL A 1 9   ? -3.317  -6.854  -13.383 1.00 23.79 ? -5  VAL A CB  1 
ATOM   65   C CG1 . VAL A 1 9   ? -4.465  -6.900  -14.407 1.00 29.88 ? -5  VAL A CG1 1 
ATOM   66   C CG2 . VAL A 1 9   ? -2.251  -7.939  -13.655 1.00 27.93 ? -5  VAL A CG2 1 
ATOM   67   N N   . PRO A 1 10  ? -4.131  -3.503  -13.715 1.00 24.67 ? -4  PRO A N   1 
ATOM   68   C CA  . PRO A 1 10  ? -5.221  -2.625  -13.174 1.00 24.77 ? -4  PRO A CA  1 
ATOM   69   C C   . PRO A 1 10  ? -6.538  -3.377  -13.215 1.00 26.78 ? -4  PRO A C   1 
ATOM   70   O O   . PRO A 1 10  ? -6.691  -4.244  -14.066 1.00 29.99 ? -4  PRO A O   1 
ATOM   71   C CB  . PRO A 1 10  ? -5.274  -1.459  -14.163 1.00 26.98 ? -4  PRO A CB  1 
ATOM   72   C CG  . PRO A 1 10  ? -4.611  -1.962  -15.397 1.00 32.36 ? -4  PRO A CG  1 
ATOM   73   C CD  . PRO A 1 10  ? -3.624  -3.039  -15.013 1.00 28.16 ? -4  PRO A CD  1 
ATOM   74   N N   . ARG A 1 11  ? -7.470  -3.074  -12.296 1.00 25.45 ? -3  ARG A N   1 
ATOM   75   C CA  . ARG A 1 11  ? -8.738  -3.827  -12.129 1.00 28.89 ? -3  ARG A CA  1 
ATOM   76   C C   . ARG A 1 11  ? -9.932  -2.844  -12.147 1.00 28.60 ? -3  ARG A C   1 
ATOM   77   O O   . ARG A 1 11  ? -9.762  -1.635  -11.994 1.00 30.05 ? -3  ARG A O   1 
ATOM   78   C CB  . ARG A 1 11  ? -8.743  -4.612  -10.783 1.00 29.59 ? -3  ARG A CB  1 
ATOM   79   C CG  . ARG A 1 11  ? -7.519  -5.473  -10.566 1.00 32.07 ? -3  ARG A CG  1 
ATOM   80   C CD  . ARG A 1 11  ? -7.404  -6.588  -11.613 1.00 38.70 ? -3  ARG A CD  1 
ATOM   81   N NE  . ARG A 1 11  ? -8.690  -7.268  -11.790 1.00 38.09 ? -3  ARG A NE  1 
ATOM   82   C CZ  . ARG A 1 11  ? -9.144  -8.210  -10.991 1.00 41.48 ? -3  ARG A CZ  1 
ATOM   83   N NH1 . ARG A 1 11  ? -8.398  -8.604  -9.969  1.00 39.33 ? -3  ARG A NH1 1 
ATOM   84   N NH2 . ARG A 1 11  ? -10.350 -8.747  -11.204 1.00 45.42 ? -3  ARG A NH2 1 
ATOM   85   N N   . GLY A 1 12  ? -11.094 -3.396  -12.460 1.00 38.02 ? -2  GLY A N   1 
ATOM   86   C CA  . GLY A 1 12  ? -12.340 -2.649  -12.619 1.00 40.90 ? -2  GLY A CA  1 
ATOM   87   C C   . GLY A 1 12  ? -12.536 -2.181  -14.053 1.00 41.75 ? -2  GLY A C   1 
ATOM   88   O O   . GLY A 1 12  ? -11.795 -1.318  -14.553 1.00 44.27 ? -2  GLY A O   1 
ATOM   89   N N   . HIS A 1 14  ? -11.550 3.334   -15.160 1.00 56.08 ? 0   HIS A N   1 
ATOM   90   C CA  . HIS A 1 14  ? -12.808 2.777   -14.712 1.00 49.74 ? 0   HIS A CA  1 
ATOM   91   C C   . HIS A 1 14  ? -13.724 3.891   -14.271 1.00 51.40 ? 0   HIS A C   1 
ATOM   92   O O   . HIS A 1 14  ? -14.819 4.014   -14.831 1.00 54.08 ? 0   HIS A O   1 
ATOM   93   C CB  . HIS A 1 14  ? -12.609 1.748   -13.600 1.00 51.99 ? 0   HIS A CB  1 
ATOM   94   C CG  . HIS A 1 14  ? -13.799 0.860   -13.404 1.00 62.40 ? 0   HIS A CG  1 
ATOM   95   N ND1 . HIS A 1 14  ? -14.417 0.255   -14.440 1.00 71.14 ? 0   HIS A ND1 1 
ATOM   96   C CD2 . HIS A 1 14  ? -14.521 0.514   -12.255 1.00 75.44 ? 0   HIS A CD2 1 
ATOM   97   C CE1 . HIS A 1 14  ? -15.482 -0.454  -13.982 1.00 73.80 ? 0   HIS A CE1 1 
ATOM   98   N NE2 . HIS A 1 14  ? -15.545 -0.296  -12.647 1.00 73.38 ? 0   HIS A NE2 1 
ATOM   99   N N   . MET A 1 15  ? -13.317 4.701   -13.281 1.00 35.39 ? 1   MET A N   1 
ATOM   100  C CA  . MET A 1 15  ? -14.136 5.848   -12.846 1.00 35.26 ? 1   MET A CA  1 
ATOM   101  C C   . MET A 1 15  ? -13.375 6.793   -11.903 1.00 29.05 ? 1   MET A C   1 
ATOM   102  O O   . MET A 1 15  ? -12.583 6.362   -11.037 1.00 24.92 ? 1   MET A O   1 
ATOM   103  C CB  . MET A 1 15  ? -15.510 5.438   -12.267 1.00 38.73 ? 1   MET A CB  1 
ATOM   104  C CG  . MET A 1 15  ? -15.522 4.836   -10.866 1.00 43.83 ? 1   MET A CG  1 
ATOM   105  S SD  . MET A 1 15  ? -17.171 4.808   -10.064 1.00 46.75 ? 1   MET A SD  1 
ATOM   106  C CE  . MET A 1 15  ? -16.787 4.037   -8.484  1.00 45.26 ? 1   MET A CE  1 
ATOM   107  N N   . ALA A 1 16  ? -13.569 8.091   -12.096 1.00 22.46 ? 2   ALA A N   1 
ATOM   108  C CA  . ALA A 1 16  ? -12.798 9.087   -11.338 1.00 22.18 ? 2   ALA A CA  1 
ATOM   109  C C   . ALA A 1 16  ? -13.209 8.924   -9.865  1.00 21.24 ? 2   ALA A C   1 
ATOM   110  O O   . ALA A 1 16  ? -14.376 8.600   -9.548  1.00 20.90 ? 2   ALA A O   1 
ATOM   111  C CB  . ALA A 1 16  ? -13.123 10.489  -11.840 1.00 24.38 ? 2   ALA A CB  1 
ATOM   112  N N   . GLY A 1 17  ? -12.227 9.030   -8.993  1.00 19.30 ? 3   GLY A N   1 
ATOM   113  C CA  . GLY A 1 17  ? -12.481 8.866   -7.549  1.00 18.19 ? 3   GLY A CA  1 
ATOM   114  C C   . GLY A 1 17  ? -12.252 7.457   -7.036  1.00 19.18 ? 3   GLY A C   1 
ATOM   115  O O   . GLY A 1 17  ? -12.558 7.196   -5.882  1.00 18.51 ? 3   GLY A O   1 
ATOM   116  N N   . HIS A 1 18  ? -11.838 6.560   -7.918  1.00 19.32 ? 4   HIS A N   1 
ATOM   117  C CA  . HIS A 1 18  ? -11.710 5.093   -7.536  1.00 20.20 ? 4   HIS A CA  1 
ATOM   118  C C   . HIS A 1 18  ? -10.511 4.519   -8.255  1.00 20.27 ? 4   HIS A C   1 
ATOM   119  O O   . HIS A 1 18  ? -10.371 4.737   -9.462  1.00 19.55 ? 4   HIS A O   1 
ATOM   120  C CB  . HIS A 1 18  ? -12.947 4.360   -7.962  1.00 21.90 ? 4   HIS A CB  1 
ATOM   121  C CG  . HIS A 1 18  ? -12.884 2.889   -7.728  1.00 26.09 ? 4   HIS A CG  1 
ATOM   122  N ND1 . HIS A 1 18  ? -13.135 2.347   -6.519  1.00 25.35 ? 4   HIS A ND1 1 
ATOM   123  C CD2 . HIS A 1 18  ? -12.633 1.837   -8.599  1.00 25.96 ? 4   HIS A CD2 1 
ATOM   124  C CE1 . HIS A 1 18  ? -13.047 0.991   -6.615  1.00 26.96 ? 4   HIS A CE1 1 
ATOM   125  N NE2 . HIS A 1 18  ? -12.761 0.679   -7.884  1.00 26.48 ? 4   HIS A NE2 1 
ATOM   126  N N   . THR A 1 19  ? -9.637  3.803   -7.542  1.00 18.25 ? 5   THR A N   1 
ATOM   127  C CA  . THR A 1 19  ? -8.531  3.146   -8.199  1.00 17.72 ? 5   THR A CA  1 
ATOM   128  C C   . THR A 1 19  ? -8.540  1.698   -7.697  1.00 18.37 ? 5   THR A C   1 
ATOM   129  O O   . THR A 1 19  ? -8.897  1.452   -6.515  1.00 15.96 ? 5   THR A O   1 
ATOM   130  C CB  . THR A 1 19  ? -7.156  3.785   -7.845  1.00 18.14 ? 5   THR A CB  1 
ATOM   131  O OG1 . THR A 1 19  ? -6.886  3.693   -6.439  1.00 19.10 ? 5   THR A OG1 1 
ATOM   132  C CG2 . THR A 1 19  ? -7.133  5.299   -8.304  1.00 17.22 ? 5   THR A CG2 1 
ATOM   133  N N   . ASP A 1 20  ? -8.068  0.798   -8.535  1.00 17.34 ? 6   ASP A N   1 
ATOM   134  C CA  . ASP A 1 20  ? -8.048  -0.605  -8.143  1.00 16.86 ? 6   ASP A CA  1 
ATOM   135  C C   . ASP A 1 20  ? -6.901  -1.237  -8.946  1.00 17.87 ? 6   ASP A C   1 
ATOM   136  O O   . ASP A 1 20  ? -6.974  -1.240  -10.154 1.00 18.32 ? 6   ASP A O   1 
ATOM   137  C CB  . ASP A 1 20  ? -9.395  -1.240  -8.601  1.00 17.24 ? 6   ASP A CB  1 
ATOM   138  C CG  . ASP A 1 20  ? -9.584  -2.626  -8.054  1.00 20.09 ? 6   ASP A CG  1 
ATOM   139  O OD1 . ASP A 1 20  ? -8.589  -3.192  -7.609  1.00 21.94 ? 6   ASP A OD1 1 
ATOM   140  O OD2 . ASP A 1 20  ? -10.757 -3.133  -8.094  1.00 23.80 ? 6   ASP A OD2 1 
ATOM   141  N N   . ASN A 1 21  ? -5.857  -1.682  -8.262  1.00 15.84 ? 7   ASN A N   1 
ATOM   142  C CA  . ASN A 1 21  ? -4.699  -2.301  -8.910  1.00 15.92 ? 7   ASN A CA  1 
ATOM   143  C C   . ASN A 1 21  ? -4.244  -3.543  -8.106  1.00 15.47 ? 7   ASN A C   1 
ATOM   144  O O   . ASN A 1 21  ? -4.336  -3.573  -6.888  1.00 14.80 ? 7   ASN A O   1 
ATOM   145  C CB  . ASN A 1 21  ? -3.550  -1.282  -8.861  1.00 17.38 ? 7   ASN A CB  1 
ATOM   146  C CG  . ASN A 1 21  ? -3.816  -0.076  -9.784  1.00 19.81 ? 7   ASN A CG  1 
ATOM   147  O OD1 . ASN A 1 21  ? -3.746  -0.223  -11.016 1.00 20.15 ? 7   ASN A OD1 1 
ATOM   148  N ND2 . ASN A 1 21  ? -4.313  1.025   -9.200  1.00 18.19 ? 7   ASN A ND2 1 
ATOM   149  N N   . GLU A 1 22  ? -3.697  -4.539  -8.803  1.00 15.31 ? 8   GLU A N   1 
ATOM   150  C CA  . GLU A 1 22  ? -3.221  -5.713  -8.089  1.00 17.09 ? 8   GLU A CA  1 
ATOM   151  C C   . GLU A 1 22  ? -1.804  -6.039  -8.583  1.00 18.22 ? 8   GLU A C   1 
ATOM   152  O O   . GLU A 1 22  ? -1.426  -5.726  -9.729  1.00 16.83 ? 8   GLU A O   1 
ATOM   153  C CB  . GLU A 1 22  ? -4.180  -6.901  -8.241  1.00 20.28 ? 8   GLU A CB  1 
ATOM   154  C CG  . GLU A 1 22  ? -4.063  -7.573  -9.602  1.00 25.54 ? 8   GLU A CG  1 
ATOM   155  C CD  . GLU A 1 22  ? -4.982  -8.776  -9.804  1.00 35.61 ? 8   GLU A CD  1 
ATOM   156  O OE1 . GLU A 1 22  ? -5.966  -8.943  -9.059  1.00 38.54 ? 8   GLU A OE1 1 
ATOM   157  O OE2 . GLU A 1 22  ? -4.731  -9.542  -10.739 1.00 40.03 ? 8   GLU A OE2 1 
ATOM   158  N N   . ILE A 1 23  ? -1.032  -6.638  -7.707  1.00 14.16 ? 9   ILE A N   1 
ATOM   159  C CA  . ILE A 1 23  ? 0.254   -7.132  -8.117  1.00 15.33 ? 9   ILE A CA  1 
ATOM   160  C C   . ILE A 1 23  ? 0.467   -8.543  -7.512  1.00 15.59 ? 9   ILE A C   1 
ATOM   161  O O   . ILE A 1 23  ? 0.035   -8.819  -6.411  1.00 15.07 ? 9   ILE A O   1 
ATOM   162  C CB  . ILE A 1 23  ? 1.363   -6.193  -7.640  1.00 14.24 ? 9   ILE A CB  1 
ATOM   163  C CG1 . ILE A 1 23  ? 2.690   -6.485  -8.452  1.00 19.64 ? 9   ILE A CG1 1 
ATOM   164  C CG2 . ILE A 1 23  ? 1.521   -6.206  -6.124  1.00 17.19 ? 9   ILE A CG2 1 
ATOM   165  C CD1 . ILE A 1 23  ? 3.780   -5.408  -8.324  1.00 20.36 ? 9   ILE A CD1 1 
ATOM   166  N N   . THR A 1 24  ? 1.222   -9.364  -8.228  1.00 16.19 ? 10  THR A N   1 
ATOM   167  C CA  . THR A 1 24  ? 1.580   -10.713 -7.668  1.00 15.70 ? 10  THR A CA  1 
ATOM   168  C C   . THR A 1 24  ? 3.002   -10.619 -7.209  1.00 16.71 ? 10  THR A C   1 
ATOM   169  O O   . THR A 1 24  ? 3.924   -10.149 -7.945  1.00 18.63 ? 10  THR A O   1 
ATOM   170  C CB  . THR A 1 24  ? 1.452   -11.788 -8.770  1.00 14.59 ? 10  THR A CB  1 
ATOM   171  O OG1 . THR A 1 24  ? 0.045   -11.965 -9.096  1.00 16.65 ? 10  THR A OG1 1 
ATOM   172  C CG2 . THR A 1 24  ? 2.025   -13.113 -8.274  1.00 20.31 ? 10  THR A CG2 1 
ATOM   173  N N   . ILE A 1 25  ? 3.245   -11.128 -6.015  1.00 13.93 ? 11  ILE A N   1 
ATOM   174  C CA  . ILE A 1 25  ? 4.569   -11.070 -5.413  1.00 15.08 ? 11  ILE A CA  1 
ATOM   175  C C   . ILE A 1 25  ? 4.992   -12.520 -5.167  1.00 18.16 ? 11  ILE A C   1 
ATOM   176  O O   . ILE A 1 25  ? 4.272   -13.268 -4.530  1.00 17.35 ? 11  ILE A O   1 
ATOM   177  C CB  . ILE A 1 25  ? 4.539   -10.328 -4.061  1.00 15.48 ? 11  ILE A CB  1 
ATOM   178  C CG1 . ILE A 1 25  ? 3.972   -8.851  -4.296  1.00 16.18 ? 11  ILE A CG1 1 
ATOM   179  C CG2 . ILE A 1 25  ? 5.894   -10.373 -3.349  1.00 15.51 ? 11  ILE A CG2 1 
ATOM   180  C CD1 . ILE A 1 25  ? 4.011   -7.984  -3.033  1.00 19.60 ? 11  ILE A CD1 1 
ATOM   181  N N   . ALA A 1 26  ? 6.173   -12.884 -5.667  1.00 17.72 ? 12  ALA A N   1 
ATOM   182  C CA  . ALA A 1 26  ? 6.583   -14.340 -5.668  1.00 18.46 ? 12  ALA A CA  1 
ATOM   183  C C   . ALA A 1 26  ? 7.220   -14.604 -4.306  1.00 19.32 ? 12  ALA A C   1 
ATOM   184  O O   . ALA A 1 26  ? 8.444   -14.714 -4.153  1.00 19.54 ? 12  ALA A O   1 
ATOM   185  C CB  . ALA A 1 26  ? 7.527   -14.617 -6.847  1.00 17.04 ? 12  ALA A CB  1 
ATOM   186  N N   . ALA A 1 27  ? 6.387   -14.590 -3.247  1.00 17.65 ? 13  ALA A N   1 
ATOM   187  C CA  . ALA A 1 27  ? 6.813   -14.790 -1.895  1.00 19.61 ? 13  ALA A CA  1 
ATOM   188  C C   . ALA A 1 27  ? 5.575   -15.342 -1.106  1.00 18.08 ? 13  ALA A C   1 
ATOM   189  O O   . ALA A 1 27  ? 4.419   -15.157 -1.553  1.00 18.32 ? 13  ALA A O   1 
ATOM   190  C CB  . ALA A 1 27  ? 7.380   -13.510 -1.252  1.00 20.57 ? 13  ALA A CB  1 
ATOM   191  N N   . PRO A 1 28  ? 5.812   -16.100 -0.032  1.00 18.70 ? 14  PRO A N   1 
ATOM   192  C CA  . PRO A 1 28  ? 4.618   -16.656 0.649   1.00 19.96 ? 14  PRO A CA  1 
ATOM   193  C C   . PRO A 1 28  ? 3.804   -15.525 1.324   1.00 18.24 ? 14  PRO A C   1 
ATOM   194  O O   . PRO A 1 28  ? 4.357   -14.511 1.765   1.00 17.47 ? 14  PRO A O   1 
ATOM   195  C CB  . PRO A 1 28  ? 5.206   -17.551 1.766   1.00 22.52 ? 14  PRO A CB  1 
ATOM   196  C CG  . PRO A 1 28  ? 6.665   -17.827 1.316   1.00 23.25 ? 14  PRO A CG  1 
ATOM   197  C CD  . PRO A 1 28  ? 7.090   -16.599 0.510   1.00 20.95 ? 14  PRO A CD  1 
ATOM   198  N N   . MET A 1 29  ? 2.543   -15.832 1.551   1.00 17.41 ? 15  MET A N   1 
ATOM   199  C CA  . MET A 1 29  ? 1.638   -14.909 2.212   1.00 19.56 ? 15  MET A CA  1 
ATOM   200  C C   . MET A 1 29  ? 2.126   -14.346 3.555   1.00 17.36 ? 15  MET A C   1 
ATOM   201  O O   . MET A 1 29  ? 2.007   -13.134 3.814   1.00 17.78 ? 15  MET A O   1 
ATOM   202  C CB  . MET A 1 29  ? 0.287   -15.621 2.382   1.00 20.10 ? 15  MET A CB  1 
ATOM   203  C CG  . MET A 1 29  ? -0.607  -14.929 3.375   1.00 20.01 ? 15  MET A CG  1 
ATOM   204  S SD  . MET A 1 29  ? -1.298  -13.464 2.511   1.00 22.44 ? 15  MET A SD  1 
ATOM   205  C CE  . MET A 1 29  ? -2.609  -14.260 1.665   1.00 15.13 ? 15  MET A CE  1 
ATOM   206  N N   . GLU A 1 30  ? 2.735   -15.158 4.436   1.00 17.46 ? 16  GLU A N   1 
ATOM   207  C CA  . GLU A 1 30  ? 3.156   -14.631 5.718   1.00 19.07 ? 16  GLU A CA  1 
ATOM   208  C C   . GLU A 1 30  ? 4.197   -13.527 5.602   1.00 20.66 ? 16  GLU A C   1 
ATOM   209  O O   . GLU A 1 30  ? 4.090   -12.501 6.299   1.00 18.22 ? 16  GLU A O   1 
ATOM   210  C CB  . GLU A 1 30  ? 3.738   -15.743 6.612   1.00 25.16 ? 16  GLU A CB  1 
ATOM   211  C CG  . GLU A 1 30  ? 4.295   -15.272 7.929   1.00 34.33 ? 16  GLU A CG  1 
ATOM   212  C CD  . GLU A 1 30  ? 4.933   -16.425 8.719   1.00 46.38 ? 16  GLU A CD  1 
ATOM   213  O OE1 . GLU A 1 30  ? 4.264   -17.481 8.887   1.00 57.87 ? 16  GLU A OE1 1 
ATOM   214  O OE2 . GLU A 1 30  ? 6.114   -16.306 9.165   1.00 51.34 ? 16  GLU A OE2 1 
ATOM   215  N N   . LEU A 1 31  ? 5.228   -13.759 4.767   1.00 18.83 ? 17  LEU A N   1 
ATOM   216  C CA  . LEU A 1 31  ? 6.198   -12.746 4.541   1.00 16.85 ? 17  LEU A CA  1 
ATOM   217  C C   . LEU A 1 31  ? 5.569   -11.465 3.898   1.00 16.10 ? 17  LEU A C   1 
ATOM   218  O O   . LEU A 1 31  ? 5.922   -10.324 4.326   1.00 19.06 ? 17  LEU A O   1 
ATOM   219  C CB  . LEU A 1 31  ? 7.309   -13.251 3.641   1.00 19.12 ? 17  LEU A CB  1 
ATOM   220  C CG  . LEU A 1 31  ? 8.490   -12.266 3.534   1.00 19.50 ? 17  LEU A CG  1 
ATOM   221  C CD1 . LEU A 1 31  ? 9.258   -12.069 4.843   1.00 21.04 ? 17  LEU A CD1 1 
ATOM   222  C CD2 . LEU A 1 31  ? 9.430   -12.715 2.406   1.00 21.00 ? 17  LEU A CD2 1 
ATOM   223  N N   . VAL A 1 32  ? 4.742   -11.637 2.902   1.00 15.86 ? 18  VAL A N   1 
ATOM   224  C CA  . VAL A 1 32  ? 4.141   -10.483 2.176   1.00 15.72 ? 18  VAL A CA  1 
ATOM   225  C C   . VAL A 1 32  ? 3.315   -9.682  3.238   1.00 18.18 ? 18  VAL A C   1 
ATOM   226  O O   . VAL A 1 32  ? 3.458   -8.449  3.333   1.00 16.40 ? 18  VAL A O   1 
ATOM   227  C CB  . VAL A 1 32  ? 3.317   -10.952 1.026   1.00 15.51 ? 18  VAL A CB  1 
ATOM   228  C CG1 . VAL A 1 32  ? 2.588   -9.798  0.309   1.00 14.93 ? 18  VAL A CG1 1 
ATOM   229  C CG2 . VAL A 1 32  ? 4.256   -11.638 0.000   1.00 15.80 ? 18  VAL A CG2 1 
ATOM   230  N N   . TRP A 1 33  ? 2.479   -10.410 3.969   1.00 17.21 ? 19  TRP A N   1 
ATOM   231  C CA  . TRP A 1 33  ? 1.617   -9.799  4.995   1.00 18.64 ? 19  TRP A CA  1 
ATOM   232  C C   . TRP A 1 33  ? 2.449   -9.064  6.015   1.00 18.06 ? 19  TRP A C   1 
ATOM   233  O O   . TRP A 1 33  ? 2.166   -7.901  6.360   1.00 16.10 ? 19  TRP A O   1 
ATOM   234  C CB  . TRP A 1 33  ? 0.740   -10.849 5.678   1.00 19.03 ? 19  TRP A CB  1 
ATOM   235  C CG  . TRP A 1 33  ? -0.088  -10.262 6.789   1.00 17.39 ? 19  TRP A CG  1 
ATOM   236  C CD1 . TRP A 1 33  ? 0.246   -10.193 8.138   1.00 18.19 ? 19  TRP A CD1 1 
ATOM   237  C CD2 . TRP A 1 33  ? -1.381  -9.589  6.645   1.00 17.05 ? 19  TRP A CD2 1 
ATOM   238  N NE1 . TRP A 1 33  ? -0.771  -9.599  8.862   1.00 18.08 ? 19  TRP A NE1 1 
ATOM   239  C CE2 . TRP A 1 33  ? -1.807  -9.232  7.994   1.00 18.70 ? 19  TRP A CE2 1 
ATOM   240  C CE3 . TRP A 1 33  ? -2.246  -9.364  5.577   1.00 16.41 ? 19  TRP A CE3 1 
ATOM   241  C CZ2 . TRP A 1 33  ? -2.996  -8.530  8.219   1.00 17.03 ? 19  TRP A CZ2 1 
ATOM   242  C CZ3 . TRP A 1 33  ? -3.470  -8.723  5.810   1.00 20.11 ? 19  TRP A CZ3 1 
ATOM   243  C CH2 . TRP A 1 33  ? -3.818  -8.311  7.119   1.00 16.93 ? 19  TRP A CH2 1 
ATOM   244  N N   . ASN A 1 34  ? 3.483   -9.710  6.565   1.00 17.62 ? 20  ASN A N   1 
ATOM   245  C CA  . ASN A 1 34  ? 4.240   -9.122  7.615   1.00 18.30 ? 20  ASN A CA  1 
ATOM   246  C C   . ASN A 1 34  ? 5.048   -7.873  7.172   1.00 18.88 ? 20  ASN A C   1 
ATOM   247  O O   . ASN A 1 34  ? 5.082   -6.893  7.880   1.00 18.30 ? 20  ASN A O   1 
ATOM   248  C CB  . ASN A 1 34  ? 5.203   -10.114 8.286   1.00 18.90 ? 20  ASN A CB  1 
ATOM   249  C CG  . ASN A 1 34  ? 4.494   -11.128 9.150   1.00 23.00 ? 20  ASN A CG  1 
ATOM   250  O OD1 . ASN A 1 34  ? 3.325   -10.920 9.549   1.00 24.53 ? 20  ASN A OD1 1 
ATOM   251  N ND2 . ASN A 1 34  ? 5.210   -12.252 9.476   1.00 21.52 ? 20  ASN A ND2 1 
ATOM   252  N N   . MET A 1 35  ? 5.721   -7.965  6.038   1.00 18.03 ? 21  MET A N   1 
ATOM   253  C CA  . MET A 1 35  ? 6.478   -6.822  5.589   1.00 18.58 ? 21  MET A CA  1 
ATOM   254  C C   . MET A 1 35  ? 5.541   -5.648  5.184   1.00 16.39 ? 21  MET A C   1 
ATOM   255  O O   . MET A 1 35  ? 5.801   -4.499  5.560   1.00 17.98 ? 21  MET A O   1 
ATOM   256  C CB  . MET A 1 35  ? 7.441   -7.200  4.459   1.00 17.74 ? 21  MET A CB  1 
ATOM   257  C CG  . MET A 1 35  ? 8.566   -8.107  4.982   1.00 18.76 ? 21  MET A CG  1 
ATOM   258  S SD  . MET A 1 35  ? 9.696   -8.509  3.620   1.00 19.75 ? 21  MET A SD  1 
ATOM   259  C CE  . MET A 1 35  ? 10.514  -6.913  3.457   1.00 21.19 ? 21  MET A CE  1 
ATOM   260  N N   . THR A 1 36  ? 4.473   -5.954  4.493   1.00 13.95 ? 22  THR A N   1 
ATOM   261  C CA  . THR A 1 36  ? 3.622   -4.825  4.062   1.00 15.95 ? 22  THR A CA  1 
ATOM   262  C C   . THR A 1 36  ? 2.924   -4.163  5.203   1.00 16.69 ? 22  THR A C   1 
ATOM   263  O O   . THR A 1 36  ? 2.465   -3.025  5.088   1.00 18.00 ? 22  THR A O   1 
ATOM   264  C CB  . THR A 1 36  ? 2.577   -5.189  3.004   1.00 17.24 ? 22  THR A CB  1 
ATOM   265  O OG1 . THR A 1 36  ? 1.715   -6.249  3.452   1.00 16.20 ? 22  THR A OG1 1 
ATOM   266  C CG2 . THR A 1 36  ? 3.265   -5.523  1.609   1.00 20.37 ? 22  THR A CG2 1 
ATOM   267  N N   . ASN A 1 37  ? 2.735   -4.923  6.300   1.00 16.97 ? 23  ASN A N   1 
ATOM   268  C CA  . ASN A 1 37  ? 2.080   -4.364  7.485   1.00 17.41 ? 23  ASN A CA  1 
ATOM   269  C C   . ASN A 1 37  ? 2.974   -3.831  8.557   1.00 18.45 ? 23  ASN A C   1 
ATOM   270  O O   . ASN A 1 37  ? 2.476   -3.379  9.609   1.00 20.19 ? 23  ASN A O   1 
ATOM   271  C CB  . ASN A 1 37  ? 1.027   -5.349  8.011   1.00 17.49 ? 23  ASN A CB  1 
ATOM   272  C CG  . ASN A 1 37  ? -0.168  -5.371  7.071   1.00 18.61 ? 23  ASN A CG  1 
ATOM   273  O OD1 . ASN A 1 37  ? -0.871  -4.350  6.973   1.00 21.16 ? 23  ASN A OD1 1 
ATOM   274  N ND2 . ASN A 1 37  ? -0.383  -6.492  6.306   1.00 17.90 ? 23  ASN A ND2 1 
ATOM   275  N N   . ASP A 1 38  ? 4.301   -3.905  8.316   1.00 19.80 ? 24  ASP A N   1 
ATOM   276  C CA  . ASP A 1 38  ? 5.280   -3.366  9.300   1.00 20.34 ? 24  ASP A CA  1 
ATOM   277  C C   . ASP A 1 38  ? 5.457   -1.847  9.037   1.00 21.96 ? 24  ASP A C   1 
ATOM   278  O O   . ASP A 1 38  ? 6.418   -1.424  8.362   1.00 20.01 ? 24  ASP A O   1 
ATOM   279  C CB  . ASP A 1 38  ? 6.609   -4.159  9.152   1.00 22.12 ? 24  ASP A CB  1 
ATOM   280  C CG  . ASP A 1 38  ? 7.635   -3.801  10.211  1.00 24.53 ? 24  ASP A CG  1 
ATOM   281  O OD1 . ASP A 1 38  ? 7.335   -2.986  11.127  1.00 28.14 ? 24  ASP A OD1 1 
ATOM   282  O OD2 . ASP A 1 38  ? 8.764   -4.325  10.100  1.00 28.69 ? 24  ASP A OD2 1 
ATOM   283  N N   . ILE A 1 39  ? 4.480   -1.043  9.477   1.00 21.23 ? 25  ILE A N   1 
ATOM   284  C CA  . ILE A 1 39  ? 4.315   0.273   8.846   1.00 20.98 ? 25  ILE A CA  1 
ATOM   285  C C   . ILE A 1 39  ? 5.496   1.233   9.192   1.00 20.77 ? 25  ILE A C   1 
ATOM   286  O O   . ILE A 1 39  ? 5.803   2.113   8.412   1.00 24.78 ? 25  ILE A O   1 
ATOM   287  C CB  . ILE A 1 39  ? 2.947   0.930   9.097   1.00 23.66 ? 25  ILE A CB  1 
ATOM   288  C CG1 . ILE A 1 39  ? 2.759   1.278   10.557  1.00 25.51 ? 25  ILE A CG1 1 
ATOM   289  C CG2 . ILE A 1 39  ? 1.814   -0.048  8.797   1.00 24.64 ? 25  ILE A CG2 1 
ATOM   290  C CD1 . ILE A 1 39  ? 1.408   1.976   10.773  1.00 25.13 ? 25  ILE A CD1 1 
ATOM   291  N N   . GLU A 1 40  ? 6.174   1.000   10.302  1.00 23.89 ? 26  GLU A N   1 
ATOM   292  C CA  . GLU A 1 40  ? 7.348   1.846   10.648  1.00 27.88 ? 26  GLU A CA  1 
ATOM   293  C C   . GLU A 1 40  ? 8.539   1.635   9.714   1.00 30.17 ? 26  GLU A C   1 
ATOM   294  O O   . GLU A 1 40  ? 9.389   2.524   9.532   1.00 27.75 ? 26  GLU A O   1 
ATOM   295  C CB  . GLU A 1 40  ? 7.676   1.763   12.144  1.00 34.41 ? 26  GLU A CB  1 
ATOM   296  C CG  . GLU A 1 40  ? 6.526   2.484   12.901  1.00 41.33 ? 26  GLU A CG  1 
ATOM   297  C CD  . GLU A 1 40  ? 6.878   3.056   14.309  1.00 49.23 ? 26  GLU A CD  1 
ATOM   298  O OE1 . GLU A 1 40  ? 6.562   4.269   14.637  1.00 48.17 ? 26  GLU A OE1 1 
ATOM   299  O OE2 . GLU A 1 40  ? 7.445   2.295   15.116  1.00 41.58 ? 26  GLU A OE2 1 
ATOM   300  N N   . LYS A 1 41  ? 8.538   0.504   9.043   1.00 24.53 ? 27  LYS A N   1 
ATOM   301  C CA  . LYS A 1 41  ? 9.543   0.277   8.011   1.00 23.53 ? 27  LYS A CA  1 
ATOM   302  C C   . LYS A 1 41  ? 9.100   0.621   6.610   1.00 23.07 ? 27  LYS A C   1 
ATOM   303  O O   . LYS A 1 41  ? 9.834   0.386   5.622   1.00 23.76 ? 27  LYS A O   1 
ATOM   304  C CB  . LYS A 1 41  ? 10.026  -1.149  8.121   1.00 26.94 ? 27  LYS A CB  1 
ATOM   305  C CG  . LYS A 1 41  ? 10.828  -1.499  9.390   1.00 30.88 ? 27  LYS A CG  1 
ATOM   306  C CD  . LYS A 1 41  ? 11.593  -2.811  9.110   1.00 36.23 ? 27  LYS A CD  1 
ATOM   307  C CE  . LYS A 1 41  ? 12.715  -3.094  10.131  1.00 41.82 ? 27  LYS A CE  1 
ATOM   308  N NZ  . LYS A 1 41  ? 12.185  -2.789  11.495  1.00 49.35 ? 27  LYS A NZ  1 
ATOM   309  N N   . TRP A 1 42  ? 7.900   1.227   6.454   1.00 20.13 ? 28  TRP A N   1 
ATOM   310  C CA  . TRP A 1 42  ? 7.511   1.640   5.140   1.00 19.80 ? 28  TRP A CA  1 
ATOM   311  C C   . TRP A 1 42  ? 8.521   2.541   4.399   1.00 21.51 ? 28  TRP A C   1 
ATOM   312  O O   . TRP A 1 42  ? 8.597   2.476   3.217   1.00 19.85 ? 28  TRP A O   1 
ATOM   313  C CB  . TRP A 1 42  ? 6.161   2.360   5.202   1.00 22.40 ? 28  TRP A CB  1 
ATOM   314  C CG  . TRP A 1 42  ? 4.988   1.420   5.305   1.00 21.89 ? 28  TRP A CG  1 
ATOM   315  C CD1 . TRP A 1 42  ? 4.983   0.005   5.237   1.00 20.44 ? 28  TRP A CD1 1 
ATOM   316  C CD2 . TRP A 1 42  ? 3.590   1.816   5.382   1.00 23.07 ? 28  TRP A CD2 1 
ATOM   317  N NE1 . TRP A 1 42  ? 3.677   -0.468  5.300   1.00 23.21 ? 28  TRP A NE1 1 
ATOM   318  C CE2 . TRP A 1 42  ? 2.796   0.582   5.362   1.00 24.46 ? 28  TRP A CE2 1 
ATOM   319  C CE3 . TRP A 1 42  ? 2.936   3.040   5.431   1.00 25.37 ? 28  TRP A CE3 1 
ATOM   320  C CZ2 . TRP A 1 42  ? 1.410   0.607   5.425   1.00 25.78 ? 28  TRP A CZ2 1 
ATOM   321  C CZ3 . TRP A 1 42  ? 1.518   3.050   5.493   1.00 27.36 ? 28  TRP A CZ3 1 
ATOM   322  C CH2 . TRP A 1 42  ? 0.788   1.859   5.475   1.00 28.06 ? 28  TRP A CH2 1 
ATOM   323  N N   . PRO A 1 43  ? 9.175   3.492   5.088   1.00 21.09 ? 29  PRO A N   1 
ATOM   324  C CA  . PRO A 1 43  ? 10.130  4.343   4.347   1.00 23.24 ? 29  PRO A CA  1 
ATOM   325  C C   . PRO A 1 43  ? 11.242  3.592   3.653   1.00 23.12 ? 29  PRO A C   1 
ATOM   326  O O   . PRO A 1 43  ? 11.717  4.076   2.636   1.00 22.21 ? 29  PRO A O   1 
ATOM   327  C CB  . PRO A 1 43  ? 10.695  5.296   5.419   1.00 25.48 ? 29  PRO A CB  1 
ATOM   328  C CG  . PRO A 1 43  ? 9.613   5.310   6.493   1.00 24.12 ? 29  PRO A CG  1 
ATOM   329  C CD  . PRO A 1 43  ? 9.028   3.894   6.507   1.00 24.86 ? 29  PRO A CD  1 
ATOM   330  N N   . GLY A 1 44  ? 11.540  2.383   4.146   1.00 23.78 ? 30  GLY A N   1 
ATOM   331  C CA  . GLY A 1 44  ? 12.531  1.506   3.487   1.00 26.84 ? 30  GLY A CA  1 
ATOM   332  C C   . GLY A 1 44  ? 11.936  0.547   2.479   1.00 26.77 ? 30  GLY A C   1 
ATOM   333  O O   . GLY A 1 44  ? 12.647  -0.012  1.657   1.00 28.80 ? 30  GLY A O   1 
ATOM   334  N N   . LEU A 1 45  ? 10.609  0.374   2.501   1.00 22.90 ? 31  LEU A N   1 
ATOM   335  C CA  . LEU A 1 45  ? 9.932   -0.565  1.607   1.00 22.03 ? 31  LEU A CA  1 
ATOM   336  C C   . LEU A 1 45  ? 9.350   0.169   0.380   1.00 23.83 ? 31  LEU A C   1 
ATOM   337  O O   . LEU A 1 45  ? 9.557   -0.245  -0.778  1.00 24.86 ? 31  LEU A O   1 
ATOM   338  C CB  . LEU A 1 45  ? 8.764   -1.229  2.381   1.00 18.80 ? 31  LEU A CB  1 
ATOM   339  C CG  . LEU A 1 45  ? 7.952   -2.256  1.588   1.00 20.78 ? 31  LEU A CG  1 
ATOM   340  C CD1 . LEU A 1 45  ? 8.860   -3.509  1.479   1.00 22.78 ? 31  LEU A CD1 1 
ATOM   341  C CD2 . LEU A 1 45  ? 6.693   -2.662  2.328   1.00 20.88 ? 31  LEU A CD2 1 
ATOM   342  N N   . PHE A 1 46  ? 8.483   1.132   0.704   1.00 26.29 ? 32  PHE A N   1 
ATOM   343  C CA  . PHE A 1 46  ? 7.992   2.212   -0.188  1.00 27.64 ? 32  PHE A CA  1 
ATOM   344  C C   . PHE A 1 46  ? 9.062   3.262   -0.464  1.00 22.93 ? 32  PHE A C   1 
ATOM   345  O O   . PHE A 1 46  ? 9.977   3.425   0.323   1.00 26.58 ? 32  PHE A O   1 
ATOM   346  C CB  . PHE A 1 46  ? 6.910   3.067   0.496   1.00 29.62 ? 32  PHE A CB  1 
ATOM   347  C CG  . PHE A 1 46  ? 5.553   2.403   0.639   1.00 30.74 ? 32  PHE A CG  1 
ATOM   348  C CD1 . PHE A 1 46  ? 5.333   1.459   1.627   1.00 26.83 ? 32  PHE A CD1 1 
ATOM   349  C CD2 . PHE A 1 46  ? 4.482   2.836   -0.147  1.00 25.87 ? 32  PHE A CD2 1 
ATOM   350  C CE1 . PHE A 1 46  ? 4.089   0.912   1.826   1.00 31.29 ? 32  PHE A CE1 1 
ATOM   351  C CE2 . PHE A 1 46  ? 3.206   2.293   0.019   1.00 26.50 ? 32  PHE A CE2 1 
ATOM   352  C CZ  . PHE A 1 46  ? 3.003   1.335   1.015   1.00 28.18 ? 32  PHE A CZ  1 
ATOM   353  N N   . SER A 1 47  ? 8.876   3.997   -1.544  1.00 22.59 ? 33  SER A N   1 
ATOM   354  C CA  . SER A 1 47  ? 9.824   5.132   -1.772  1.00 25.78 ? 33  SER A CA  1 
ATOM   355  C C   . SER A 1 47  ? 9.059   6.414   -1.582  1.00 32.53 ? 33  SER A C   1 
ATOM   356  O O   . SER A 1 47  ? 9.582   7.496   -1.781  1.00 36.81 ? 33  SER A O   1 
ATOM   357  C CB  . SER A 1 47  ? 10.448  5.032   -3.164  1.00 24.83 ? 33  SER A CB  1 
ATOM   358  O OG  . SER A 1 47  ? 9.513   5.376   -4.164  1.00 26.90 ? 33  SER A OG  1 
ATOM   359  N N   . GLU A 1 48  ? 7.792   6.325   -1.224  1.00 28.50 ? 34  GLU A N   1 
ATOM   360  C CA  . GLU A 1 48  ? 7.127   7.596   -1.202  1.00 34.22 ? 34  GLU A CA  1 
ATOM   361  C C   . GLU A 1 48  ? 7.061   8.328   0.150   1.00 31.33 ? 34  GLU A C   1 
ATOM   362  O O   . GLU A 1 48  ? 6.734   9.524   0.161   1.00 27.09 ? 34  GLU A O   1 
ATOM   363  C CB  . GLU A 1 48  ? 5.761   7.476   -1.822  1.00 31.94 ? 34  GLU A CB  1 
ATOM   364  C CG  . GLU A 1 48  ? 4.770   6.698   -0.976  1.00 34.55 ? 34  GLU A CG  1 
ATOM   365  C CD  . GLU A 1 48  ? 3.358   6.970   -1.450  1.00 44.87 ? 34  GLU A CD  1 
ATOM   366  O OE1 . GLU A 1 48  ? 3.187   7.855   -2.340  1.00 48.17 ? 34  GLU A OE1 1 
ATOM   367  O OE2 . GLU A 1 48  ? 2.438   6.275   -0.961  1.00 49.02 ? 34  GLU A OE2 1 
ATOM   368  N N   . TYR A 1 49  ? 7.357   7.624   1.249   1.00 22.89 ? 35  TYR A N   1 
ATOM   369  C CA  . TYR A 1 49  ? 7.273   8.218   2.592   1.00 24.05 ? 35  TYR A CA  1 
ATOM   370  C C   . TYR A 1 49  ? 8.672   8.495   3.124   1.00 25.57 ? 35  TYR A C   1 
ATOM   371  O O   . TYR A 1 49  ? 9.541   7.643   3.053   1.00 23.24 ? 35  TYR A O   1 
ATOM   372  C CB  . TYR A 1 49  ? 6.494   7.285   3.573   1.00 24.69 ? 35  TYR A CB  1 
ATOM   373  C CG  . TYR A 1 49  ? 5.035   7.024   3.143   1.00 23.96 ? 35  TYR A CG  1 
ATOM   374  C CD1 . TYR A 1 49  ? 4.167   8.123   2.924   1.00 25.43 ? 35  TYR A CD1 1 
ATOM   375  C CD2 . TYR A 1 49  ? 4.532   5.694   2.956   1.00 25.39 ? 35  TYR A CD2 1 
ATOM   376  C CE1 . TYR A 1 49  ? 2.830   7.955   2.544   1.00 27.03 ? 35  TYR A CE1 1 
ATOM   377  C CE2 . TYR A 1 49  ? 3.188   5.505   2.571   1.00 26.50 ? 35  TYR A CE2 1 
ATOM   378  C CZ  . TYR A 1 49  ? 2.364   6.619   2.347   1.00 32.64 ? 35  TYR A CZ  1 
ATOM   379  O OH  . TYR A 1 49  ? 1.026   6.518   1.996   1.00 37.14 ? 35  TYR A OH  1 
ATOM   380  N N   . ALA A 1 50  ? 8.880   9.723   3.591   1.00 22.04 ? 36  ALA A N   1 
ATOM   381  C CA  . ALA A 1 50  ? 10.070  10.113  4.295   1.00 24.65 ? 36  ALA A CA  1 
ATOM   382  C C   . ALA A 1 50  ? 10.022  9.483   5.687   1.00 27.79 ? 36  ALA A C   1 
ATOM   383  O O   . ALA A 1 50  ? 11.054  9.031   6.227   1.00 27.02 ? 36  ALA A O   1 
ATOM   384  C CB  . ALA A 1 50  ? 10.092  11.636  4.429   1.00 24.48 ? 36  ALA A CB  1 
ATOM   385  N N   . SER A 1 51  ? 8.838   9.447   6.314   1.00 23.79 ? 37  SER A N   1 
ATOM   386  C CA  . SER A 1 51  ? 8.733   8.878   7.664   1.00 23.91 ? 37  SER A CA  1 
ATOM   387  C C   . SER A 1 51  ? 7.284   8.379   7.949   1.00 24.86 ? 37  SER A C   1 
ATOM   388  O O   . SER A 1 51  ? 6.332   8.903   7.385   1.00 20.20 ? 37  SER A O   1 
ATOM   389  C CB  . SER A 1 51  ? 9.152   9.865   8.741   1.00 24.95 ? 37  SER A CB  1 
ATOM   390  O OG  . SER A 1 51  ? 8.391   11.044  8.662   1.00 29.43 ? 37  SER A OG  1 
ATOM   391  N N   . VAL A 1 52  ? 7.167   7.359   8.813   1.00 22.76 ? 38  VAL A N   1 
ATOM   392  C CA  . VAL A 1 52  ? 5.873   6.857   9.274   1.00 27.73 ? 38  VAL A CA  1 
ATOM   393  C C   . VAL A 1 52  ? 5.971   6.672   10.770  1.00 30.10 ? 38  VAL A C   1 
ATOM   394  O O   . VAL A 1 52  ? 6.803   5.871   11.243  1.00 32.14 ? 38  VAL A O   1 
ATOM   395  C CB  . VAL A 1 52  ? 5.462   5.509   8.586   1.00 25.44 ? 38  VAL A CB  1 
ATOM   396  C CG1 . VAL A 1 52  ? 4.035   5.099   9.007   1.00 25.21 ? 38  VAL A CG1 1 
ATOM   397  C CG2 . VAL A 1 52  ? 5.503   5.655   7.070   1.00 25.34 ? 38  VAL A CG2 1 
ATOM   398  N N   . GLU A 1 53  ? 5.133   7.350   11.545  1.00 24.35 ? 39  GLU A N   1 
ATOM   399  C CA  . GLU A 1 53  ? 5.243   7.271   13.043  1.00 24.31 ? 39  GLU A CA  1 
ATOM   400  C C   . GLU A 1 53  ? 3.940   6.794   13.624  1.00 26.65 ? 39  GLU A C   1 
ATOM   401  O O   . GLU A 1 53  ? 2.850   7.381   13.368  1.00 23.39 ? 39  GLU A O   1 
ATOM   402  C CB  . GLU A 1 53  ? 5.577   8.639   13.657  1.00 28.03 ? 39  GLU A CB  1 
ATOM   403  C CG  . GLU A 1 53  ? 5.092   9.785   12.775  1.00 37.90 ? 39  GLU A CG  1 
ATOM   404  C CD  . GLU A 1 53  ? 5.390   11.222  13.216  1.00 45.97 ? 39  GLU A CD  1 
ATOM   405  O OE1 . GLU A 1 53  ? 6.086   11.864  12.387  1.00 37.68 ? 39  GLU A OE1 1 
ATOM   406  O OE2 . GLU A 1 53  ? 4.852   11.740  14.285  1.00 37.99 ? 39  GLU A OE2 1 
ATOM   407  N N   . VAL A 1 54  ? 4.007   5.686   14.348  1.00 23.66 ? 40  VAL A N   1 
ATOM   408  C CA  . VAL A 1 54  ? 2.800   5.126   14.966  1.00 24.61 ? 40  VAL A CA  1 
ATOM   409  C C   . VAL A 1 54  ? 2.459   6.011   16.168  1.00 25.30 ? 40  VAL A C   1 
ATOM   410  O O   . VAL A 1 54  ? 3.341   6.330   16.972  1.00 27.84 ? 40  VAL A O   1 
ATOM   411  C CB  . VAL A 1 54  ? 2.958   3.654   15.388  1.00 27.27 ? 40  VAL A CB  1 
ATOM   412  C CG1 . VAL A 1 54  ? 1.798   3.220   16.260  1.00 26.79 ? 40  VAL A CG1 1 
ATOM   413  C CG2 . VAL A 1 54  ? 3.095   2.730   14.179  1.00 30.86 ? 40  VAL A CG2 1 
ATOM   414  N N   . LEU A 1 55  ? 1.217   6.448   16.240  1.00 21.58 ? 41  LEU A N   1 
ATOM   415  C CA  . LEU A 1 55  ? 0.829   7.411   17.300  1.00 24.11 ? 41  LEU A CA  1 
ATOM   416  C C   . LEU A 1 55  ? 0.102   6.669   18.382  1.00 28.04 ? 41  LEU A C   1 
ATOM   417  O O   . LEU A 1 55  ? 0.306   6.934   19.581  1.00 25.33 ? 41  LEU A O   1 
ATOM   418  C CB  . LEU A 1 55  ? -0.024  8.554   16.724  1.00 23.28 ? 41  LEU A CB  1 
ATOM   419  C CG  . LEU A 1 55  ? 0.689   9.443   15.699  1.00 22.39 ? 41  LEU A CG  1 
ATOM   420  C CD1 . LEU A 1 55  ? -0.279  10.548  15.282  1.00 26.28 ? 41  LEU A CD1 1 
ATOM   421  C CD2 . LEU A 1 55  ? 1.977   10.074  16.211  1.00 26.19 ? 41  LEU A CD2 1 
ATOM   422  N N   . GLY A 1 56  ? -0.712  5.699   17.998  1.00 28.90 ? 42  GLY A N   1 
ATOM   423  C CA  . GLY A 1 56  ? -1.410  4.901   19.022  1.00 31.45 ? 42  GLY A CA  1 
ATOM   424  C C   . GLY A 1 56  ? -2.033  3.637   18.482  1.00 32.93 ? 42  GLY A C   1 
ATOM   425  O O   . GLY A 1 56  ? -2.150  3.433   17.254  1.00 29.74 ? 42  GLY A O   1 
ATOM   426  N N   . ARG A 1 57  ? -2.420  2.762   19.397  1.00 35.75 ? 43  ARG A N   1 
ATOM   427  C CA  . ARG A 1 57  ? -3.332  1.657   19.048  1.00 43.73 ? 43  ARG A CA  1 
ATOM   428  C C   . ARG A 1 57  ? -4.491  1.507   20.021  1.00 52.40 ? 43  ARG A C   1 
ATOM   429  O O   . ARG A 1 57  ? -4.306  1.387   21.232  1.00 56.50 ? 43  ARG A O   1 
ATOM   430  C CB  . ARG A 1 57  ? -2.654  0.307   18.895  1.00 41.23 ? 43  ARG A CB  1 
ATOM   431  C CG  . ARG A 1 57  ? -1.211  0.275   19.265  1.00 43.91 ? 43  ARG A CG  1 
ATOM   432  C CD  . ARG A 1 57  ? -0.425  0.533   18.007  1.00 49.28 ? 43  ARG A CD  1 
ATOM   433  N NE  . ARG A 1 57  ? 0.957   0.887   18.277  1.00 59.84 ? 43  ARG A NE  1 
ATOM   434  C CZ  . ARG A 1 57  ? 1.958   0.025   18.197  1.00 57.86 ? 43  ARG A CZ  1 
ATOM   435  N NH1 . ARG A 1 57  ? 1.698   -1.231  17.847  1.00 53.69 ? 43  ARG A NH1 1 
ATOM   436  N NH2 . ARG A 1 57  ? 3.205   0.433   18.437  1.00 57.84 ? 43  ARG A NH2 1 
ATOM   437  N N   . ASP A 1 58  ? -5.681  1.490   19.441  1.00 49.57 ? 44  ASP A N   1 
ATOM   438  C CA  . ASP A 1 58  ? -6.907  1.320   20.159  1.00 52.77 ? 44  ASP A CA  1 
ATOM   439  C C   . ASP A 1 58  ? -7.423  -0.051  19.719  1.00 58.14 ? 44  ASP A C   1 
ATOM   440  O O   . ASP A 1 58  ? -7.978  -0.179  18.612  1.00 53.13 ? 44  ASP A O   1 
ATOM   441  C CB  . ASP A 1 58  ? -7.838  2.464   19.745  1.00 52.77 ? 44  ASP A CB  1 
ATOM   442  C CG  . ASP A 1 58  ? -9.293  2.217   20.090  1.00 59.81 ? 44  ASP A CG  1 
ATOM   443  O OD1 . ASP A 1 58  ? -9.599  1.586   21.120  1.00 62.82 ? 44  ASP A OD1 1 
ATOM   444  O OD2 . ASP A 1 58  ? -10.144 2.682   19.306  1.00 62.60 ? 44  ASP A OD2 1 
ATOM   445  N N   . ASP A 1 59  ? -7.250  -1.073  20.562  1.00 55.27 ? 45  ASP A N   1 
ATOM   446  C CA  . ASP A 1 59  ? -7.661  -2.447  20.254  1.00 64.42 ? 45  ASP A CA  1 
ATOM   447  C C   . ASP A 1 59  ? -6.706  -2.730  19.096  1.00 63.61 ? 45  ASP A C   1 
ATOM   448  O O   . ASP A 1 59  ? -5.500  -2.703  19.256  1.00 58.90 ? 45  ASP A O   1 
ATOM   449  C CB  . ASP A 1 59  ? -9.110  -2.512  19.738  1.00 68.62 ? 45  ASP A CB  1 
ATOM   450  C CG  . ASP A 1 59  ? -10.144 -2.699  20.866  1.00 78.20 ? 45  ASP A CG  1 
ATOM   451  O OD1 . ASP A 1 59  ? -9.844  -3.381  21.850  1.00 79.26 ? 45  ASP A OD1 1 
ATOM   452  O OD2 . ASP A 1 59  ? -11.255 -2.163  20.776  1.00 74.32 ? 45  ASP A OD2 1 
ATOM   453  N N   . ASP A 1 60  ? -7.278  -2.942  17.923  1.00 53.78 ? 46  ASP A N   1 
ATOM   454  C CA  . ASP A 1 60  ? -6.457  -3.172  16.741  1.00 58.03 ? 46  ASP A CA  1 
ATOM   455  C C   . ASP A 1 60  ? -6.281  -1.870  15.909  1.00 50.47 ? 46  ASP A C   1 
ATOM   456  O O   . ASP A 1 60  ? -5.245  -1.652  15.363  1.00 64.90 ? 46  ASP A O   1 
ATOM   457  C CB  . ASP A 1 60  ? -6.959  -4.240  15.814  1.00 56.40 ? 46  ASP A CB  1 
ATOM   458  C CG  . ASP A 1 60  ? -6.289  -4.135  14.453  1.00 67.27 ? 46  ASP A CG  1 
ATOM   459  O OD1 . ASP A 1 60  ? -5.789  -5.163  13.949  1.00 73.96 ? 46  ASP A OD1 1 
ATOM   460  O OD2 . ASP A 1 60  ? -6.259  -3.038  13.875  1.00 47.67 ? 46  ASP A OD2 1 
ATOM   461  N N   . LYS A 1 61  ? -7.272  -1.005  15.815  1.00 38.95 ? 47  LYS A N   1 
ATOM   462  C CA  . LYS A 1 61  ? -7.086  0.219   15.055  1.00 33.03 ? 47  LYS A CA  1 
ATOM   463  C C   . LYS A 1 61  ? -5.661  0.813   15.334  1.00 33.89 ? 47  LYS A C   1 
ATOM   464  O O   . LYS A 1 61  ? -5.342  1.087   16.465  1.00 36.29 ? 47  LYS A O   1 
ATOM   465  C CB  . LYS A 1 61  ? -8.174  1.212   15.392  1.00 31.10 ? 47  LYS A CB  1 
ATOM   466  C CG  . LYS A 1 61  ? -8.124  2.440   14.542  1.00 35.78 ? 47  LYS A CG  1 
ATOM   467  C CD  . LYS A 1 61  ? -9.421  3.191   14.530  1.00 38.62 ? 47  LYS A CD  1 
ATOM   468  N NZ  . LYS A 1 61  ? -11.763 6.722   17.496  1.00 65.38 ? 47  LYS A NZ  1 
ATOM   469  N N   . VAL A 1 62  ? -4.820  1.013   14.328  1.00 24.82 ? 48  VAL A N   1 
ATOM   470  C CA  . VAL A 1 62  ? -3.532  1.668   14.536  1.00 23.70 ? 48  VAL A CA  1 
ATOM   471  C C   . VAL A 1 62  ? -3.650  3.066   13.928  1.00 23.04 ? 48  VAL A C   1 
ATOM   472  O O   . VAL A 1 62  ? -4.092  3.185   12.815  1.00 19.86 ? 48  VAL A O   1 
ATOM   473  C CB  . VAL A 1 62  ? -2.386  0.935   13.855  1.00 25.27 ? 48  VAL A CB  1 
ATOM   474  C CG1 . VAL A 1 62  ? -1.119  1.715   13.960  1.00 23.23 ? 48  VAL A CG1 1 
ATOM   475  C CG2 . VAL A 1 62  ? -2.184  -0.424  14.433  1.00 29.92 ? 48  VAL A CG2 1 
ATOM   476  N N   . THR A 1 63  ? -3.247  4.098   14.645  1.00 19.89 ? 49  THR A N   1 
ATOM   477  C CA  . THR A 1 63  ? -3.307  5.457   14.150  1.00 19.75 ? 49  THR A CA  1 
ATOM   478  C C   . THR A 1 63  ? -1.869  5.929   13.902  1.00 17.99 ? 49  THR A C   1 
ATOM   479  O O   . THR A 1 63  ? -1.008  5.664   14.673  1.00 22.64 ? 49  THR A O   1 
ATOM   480  C CB  . THR A 1 63  ? -4.005  6.384   15.139  1.00 23.21 ? 49  THR A CB  1 
ATOM   481  O OG1 . THR A 1 63  ? -5.350  5.966   15.292  1.00 24.19 ? 49  THR A OG1 1 
ATOM   482  C CG2 . THR A 1 63  ? -3.982  7.747   14.619  1.00 21.83 ? 49  THR A CG2 1 
ATOM   483  N N   . PHE A 1 64  ? -1.612  6.582   12.792  1.00 18.03 ? 50  PHE A N   1 
ATOM   484  C CA  . PHE A 1 64  ? -0.212  6.875   12.432  1.00 17.90 ? 50  PHE A CA  1 
ATOM   485  C C   . PHE A 1 64  ? -0.085  8.120   11.612  1.00 18.97 ? 50  PHE A C   1 
ATOM   486  O O   . PHE A 1 64  ? -1.069  8.540   10.959  1.00 18.17 ? 50  PHE A O   1 
ATOM   487  C CB  . PHE A 1 64  ? 0.379   5.680   11.621  1.00 18.83 ? 50  PHE A CB  1 
ATOM   488  C CG  . PHE A 1 64  ? -0.433  5.299   10.460  1.00 17.52 ? 50  PHE A CG  1 
ATOM   489  C CD1 . PHE A 1 64  ? -1.602  4.512   10.625  1.00 17.86 ? 50  PHE A CD1 1 
ATOM   490  C CD2 . PHE A 1 64  ? -0.043  5.662   9.179   1.00 17.22 ? 50  PHE A CD2 1 
ATOM   491  C CE1 . PHE A 1 64  ? -2.376  4.177   9.543   1.00 17.65 ? 50  PHE A CE1 1 
ATOM   492  C CE2 . PHE A 1 64  ? -0.794  5.281   8.085   1.00 17.99 ? 50  PHE A CE2 1 
ATOM   493  C CZ  . PHE A 1 64  ? -1.969  4.539   8.249   1.00 18.53 ? 50  PHE A CZ  1 
ATOM   494  N N   . ARG A 1 65  ? 1.099   8.733   11.639  1.00 19.16 ? 51  ARG A N   1 
ATOM   495  C CA  . ARG A 1 65  ? 1.312   9.951   10.847  1.00 18.23 ? 51  ARG A CA  1 
ATOM   496  C C   . ARG A 1 65  ? 2.258   9.654   9.653   1.00 20.97 ? 51  ARG A C   1 
ATOM   497  O O   . ARG A 1 65  ? 3.387   9.123   9.835   1.00 24.10 ? 51  ARG A O   1 
ATOM   498  C CB  . ARG A 1 65  ? 1.931   11.081  11.670  1.00 19.70 ? 51  ARG A CB  1 
ATOM   499  C CG  . ARG A 1 65  ? 2.347   12.271  10.826  1.00 23.18 ? 51  ARG A CG  1 
ATOM   500  C CD  . ARG A 1 65  ? 2.743   13.460  11.729  1.00 25.55 ? 51  ARG A CD  1 
ATOM   501  N NE  . ARG A 1 65  ? 1.553   14.086  12.341  1.00 26.13 ? 51  ARG A NE  1 
ATOM   502  C CZ  . ARG A 1 65  ? 1.261   14.022  13.633  1.00 30.54 ? 51  ARG A CZ  1 
ATOM   503  N NH1 . ARG A 1 65  ? 2.099   13.415  14.488  1.00 32.28 ? 51  ARG A NH1 1 
ATOM   504  N NH2 . ARG A 1 65  ? 0.148   14.605  14.103  1.00 36.80 ? 51  ARG A NH2 1 
ATOM   505  N N   . LEU A 1 66  ? 1.804   10.023  8.464   1.00 19.88 ? 52  LEU A N   1 
ATOM   506  C CA  . LEU A 1 66  ? 2.634   9.864   7.250   1.00 20.55 ? 52  LEU A CA  1 
ATOM   507  C C   . LEU A 1 66  ? 3.292   11.215  6.902   1.00 19.68 ? 52  LEU A C   1 
ATOM   508  O O   . LEU A 1 66  ? 2.633   12.279  6.982   1.00 19.75 ? 52  LEU A O   1 
ATOM   509  C CB  . LEU A 1 66  ? 1.754   9.408   6.071   1.00 19.70 ? 52  LEU A CB  1 
ATOM   510  C CG  . LEU A 1 66  ? 1.055   8.079   6.292   1.00 22.72 ? 52  LEU A CG  1 
ATOM   511  C CD1 . LEU A 1 66  ? 0.179   7.781   5.103   1.00 27.62 ? 52  LEU A CD1 1 
ATOM   512  C CD2 . LEU A 1 66  ? 2.064   6.940   6.417   1.00 24.76 ? 52  LEU A CD2 1 
ATOM   513  N N   . THR A 1 67  ? 4.553   11.166  6.468   1.00 18.82 ? 53  THR A N   1 
ATOM   514  C CA  . THR A 1 67  ? 5.209   12.338  5.911   1.00 18.35 ? 53  THR A CA  1 
ATOM   515  C C   . THR A 1 67  ? 5.848   11.953  4.589   1.00 19.29 ? 53  THR A C   1 
ATOM   516  O O   . THR A 1 67  ? 6.653   11.042  4.537   1.00 19.30 ? 53  THR A O   1 
ATOM   517  C CB  . THR A 1 67  ? 6.259   12.900  6.861   1.00 20.32 ? 53  THR A CB  1 
ATOM   518  O OG1 . THR A 1 67  ? 5.613   13.209  8.101   1.00 22.49 ? 53  THR A OG1 1 
ATOM   519  C CG2 . THR A 1 67  ? 6.842   14.171  6.205   1.00 20.00 ? 53  THR A CG2 1 
ATOM   520  N N   . MET A 1 68  ? 5.450   12.642  3.542   1.00 18.07 ? 54  MET A N   1 
ATOM   521  C CA  . MET A 1 68  ? 5.936   12.389  2.205   1.00 19.98 ? 54  MET A CA  1 
ATOM   522  C C   . MET A 1 68  ? 7.282   13.131  1.962   1.00 21.71 ? 54  MET A C   1 
ATOM   523  O O   . MET A 1 68  ? 7.677   14.017  2.712   1.00 20.97 ? 54  MET A O   1 
ATOM   524  C CB  . MET A 1 68  ? 4.857   12.811  1.195   1.00 22.32 ? 54  MET A CB  1 
ATOM   525  C CG  . MET A 1 68  ? 3.691   11.741  1.088   1.00 27.72 ? 54  MET A CG  1 
ATOM   526  S SD  . MET A 1 68  ? 2.580   12.379  -0.163  1.00 41.51 ? 54  MET A SD  1 
ATOM   527  C CE  . MET A 1 68  ? 3.502   11.956  -1.657  1.00 43.82 ? 54  MET A CE  1 
ATOM   528  N N   . HIS A 1 69  ? 7.988   12.716  0.929   1.00 21.60 ? 55  HIS A N   1 
ATOM   529  C CA  . HIS A 1 69  ? 9.099   13.555  0.367   1.00 22.68 ? 55  HIS A CA  1 
ATOM   530  C C   . HIS A 1 69  ? 8.503   14.790  -0.266  1.00 24.30 ? 55  HIS A C   1 
ATOM   531  O O   . HIS A 1 69  ? 7.275   14.846  -0.543  1.00 24.46 ? 55  HIS A O   1 
ATOM   532  C CB  . HIS A 1 69  ? 9.864   12.725  -0.664  1.00 23.08 ? 55  HIS A CB  1 
ATOM   533  C CG  . HIS A 1 69  ? 10.413  11.455  -0.105  1.00 24.35 ? 55  HIS A CG  1 
ATOM   534  N ND1 . HIS A 1 69  ? 11.386  11.431  0.843   1.00 26.35 ? 55  HIS A ND1 1 
ATOM   535  C CD2 . HIS A 1 69  ? 10.118  10.099  -0.400  1.00 27.49 ? 55  HIS A CD2 1 
ATOM   536  C CE1 . HIS A 1 69  ? 11.701  10.149  1.162   1.00 26.84 ? 55  HIS A CE1 1 
ATOM   537  N NE2 . HIS A 1 69  ? 10.928  9.335   0.397   1.00 29.17 ? 55  HIS A NE2 1 
ATOM   538  N N   . PRO A 1 70  ? 9.344   15.836  -0.499  1.00 21.04 ? 56  PRO A N   1 
ATOM   539  C CA  . PRO A 1 70  ? 8.863   17.066  -1.058  1.00 22.58 ? 56  PRO A CA  1 
ATOM   540  C C   . PRO A 1 70  ? 8.195   16.816  -2.406  1.00 25.27 ? 56  PRO A C   1 
ATOM   541  O O   . PRO A 1 70  ? 8.675   15.981  -3.163  1.00 28.13 ? 56  PRO A O   1 
ATOM   542  C CB  . PRO A 1 70  ? 10.150  17.917  -1.186  1.00 23.87 ? 56  PRO A CB  1 
ATOM   543  C CG  . PRO A 1 70  ? 11.038  17.411  -0.111  1.00 20.17 ? 56  PRO A CG  1 
ATOM   544  C CD  . PRO A 1 70  ? 10.783  15.914  -0.136  1.00 22.12 ? 56  PRO A CD  1 
ATOM   545  N N   . ASP A 1 71  ? 7.089   17.503  -2.687  1.00 25.68 ? 57  ASP A N   1 
ATOM   546  C CA  . ASP A 1 71  ? 6.373   17.277  -3.964  1.00 29.68 ? 57  ASP A CA  1 
ATOM   547  C C   . ASP A 1 71  ? 7.077   18.096  -5.094  1.00 36.03 ? 57  ASP A C   1 
ATOM   548  O O   . ASP A 1 71  ? 8.170   18.628  -4.873  1.00 31.46 ? 57  ASP A O   1 
ATOM   549  C CB  . ASP A 1 71  ? 4.859   17.543  -3.816  1.00 31.46 ? 57  ASP A CB  1 
ATOM   550  C CG  . ASP A 1 71  ? 4.493   19.044  -3.590  1.00 38.41 ? 57  ASP A CG  1 
ATOM   551  O OD1 . ASP A 1 71  ? 5.364   19.923  -3.692  1.00 35.85 ? 57  ASP A OD1 1 
ATOM   552  O OD2 . ASP A 1 71  ? 3.298   19.366  -3.306  1.00 36.47 ? 57  ASP A OD2 1 
ATOM   553  N N   . ALA A 1 72  ? 6.480   18.172  -6.284  1.00 34.10 ? 58  ALA A N   1 
ATOM   554  C CA  . ALA A 1 72  ? 7.041   18.938  -7.395  1.00 37.64 ? 58  ALA A CA  1 
ATOM   555  C C   . ALA A 1 72  ? 7.205   20.431  -7.055  1.00 33.81 ? 58  ALA A C   1 
ATOM   556  O O   . ALA A 1 72  ? 8.047   21.095  -7.635  1.00 36.17 ? 58  ALA A O   1 
ATOM   557  C CB  . ALA A 1 72  ? 6.119   18.795  -8.617  1.00 38.22 ? 58  ALA A CB  1 
ATOM   558  N N   . ASP A 1 73  ? 6.388   20.972  -6.161  1.00 30.63 ? 59  ASP A N   1 
ATOM   559  C CA  . ASP A 1 73  ? 6.550   22.380  -5.747  1.00 32.01 ? 59  ASP A CA  1 
ATOM   560  C C   . ASP A 1 73  ? 7.502   22.513  -4.553  1.00 31.64 ? 59  ASP A C   1 
ATOM   561  O O   . ASP A 1 73  ? 7.721   23.605  -4.074  1.00 32.37 ? 59  ASP A O   1 
ATOM   562  C CB  . ASP A 1 73  ? 5.228   22.988  -5.349  1.00 38.83 ? 59  ASP A CB  1 
ATOM   563  C CG  . ASP A 1 73  ? 4.193   22.877  -6.431  1.00 45.68 ? 59  ASP A CG  1 
ATOM   564  O OD1 . ASP A 1 73  ? 4.563   23.015  -7.623  1.00 46.12 ? 59  ASP A OD1 1 
ATOM   565  O OD2 . ASP A 1 73  ? 3.019   22.655  -6.077  1.00 46.26 ? 59  ASP A OD2 1 
ATOM   566  N N   . GLY A 1 74  ? 8.065   21.389  -4.104  1.00 30.27 ? 60  GLY A N   1 
ATOM   567  C CA  . GLY A 1 74  ? 8.946   21.341  -2.934  1.00 28.94 ? 60  GLY A CA  1 
ATOM   568  C C   . GLY A 1 74  ? 8.200   21.252  -1.601  1.00 29.25 ? 60  GLY A C   1 
ATOM   569  O O   . GLY A 1 74  ? 8.802   21.303  -0.521  1.00 26.41 ? 60  GLY A O   1 
ATOM   570  N N   . LYS A 1 75  ? 6.893   21.135  -1.658  1.00 28.80 ? 61  LYS A N   1 
ATOM   571  C CA  . LYS A 1 75  ? 6.151   21.142  -0.402  1.00 29.67 ? 61  LYS A CA  1 
ATOM   572  C C   . LYS A 1 75  ? 6.095   19.725  0.241   1.00 29.19 ? 61  LYS A C   1 
ATOM   573  O O   . LYS A 1 75  ? 5.946   18.730  -0.473  1.00 25.03 ? 61  LYS A O   1 
ATOM   574  C CB  . LYS A 1 75  ? 4.745   21.692  -0.659  1.00 37.23 ? 61  LYS A CB  1 
ATOM   575  C CG  . LYS A 1 75  ? 3.803   21.504  0.504   1.00 43.03 ? 61  LYS A CG  1 
ATOM   576  C CD  . LYS A 1 75  ? 2.556   22.358  0.372   1.00 50.46 ? 61  LYS A CD  1 
ATOM   577  C CE  . LYS A 1 75  ? 1.526   21.970  1.431   1.00 52.12 ? 61  LYS A CE  1 
ATOM   578  N NZ  . LYS A 1 75  ? 2.056   21.394  2.708   1.00 55.17 ? 61  LYS A NZ  1 
ATOM   579  N N   . VAL A 1 76  ? 6.169   19.673  1.583   1.00 25.39 ? 62  VAL A N   1 
ATOM   580  C CA  . VAL A 1 76  ? 6.139   18.375  2.312   1.00 27.40 ? 62  VAL A CA  1 
ATOM   581  C C   . VAL A 1 76  ? 4.773   18.259  2.984   1.00 27.00 ? 62  VAL A C   1 
ATOM   582  O O   . VAL A 1 76  ? 4.455   19.049  3.846   1.00 31.04 ? 62  VAL A O   1 
ATOM   583  C CB  . VAL A 1 76  ? 7.251   18.318  3.331   1.00 27.39 ? 62  VAL A CB  1 
ATOM   584  C CG1 . VAL A 1 76  ? 7.104   17.066  4.222   1.00 26.70 ? 62  VAL A CG1 1 
ATOM   585  C CG2 . VAL A 1 76  ? 8.627   18.348  2.583   1.00 26.24 ? 62  VAL A CG2 1 
ATOM   586  N N   . TRP A 1 77  ? 4.002   17.276  2.558   1.00 28.30 ? 63  TRP A N   1 
ATOM   587  C CA  . TRP A 1 77  ? 2.647   17.003  3.056   1.00 29.42 ? 63  TRP A CA  1 
ATOM   588  C C   . TRP A 1 77  ? 2.718   15.945  4.125   1.00 26.55 ? 63  TRP A C   1 
ATOM   589  O O   . TRP A 1 77  ? 3.514   15.017  3.980   1.00 21.69 ? 63  TRP A O   1 
ATOM   590  C CB  . TRP A 1 77  ? 1.893   16.391  1.900   1.00 33.78 ? 63  TRP A CB  1 
ATOM   591  C CG  . TRP A 1 77  ? 1.640   17.357  0.795   1.00 38.86 ? 63  TRP A CG  1 
ATOM   592  C CD1 . TRP A 1 77  ? 2.226   17.381  -0.469  1.00 39.14 ? 63  TRP A CD1 1 
ATOM   593  C CD2 . TRP A 1 77  ? 0.677   18.464  0.814   1.00 42.85 ? 63  TRP A CD2 1 
ATOM   594  N NE1 . TRP A 1 77  ? 1.706   18.424  -1.242  1.00 42.51 ? 63  TRP A NE1 1 
ATOM   595  C CE2 . TRP A 1 77  ? 0.757   19.106  -0.519  1.00 49.32 ? 63  TRP A CE2 1 
ATOM   596  C CE3 . TRP A 1 77  ? -0.241  18.955  1.757   1.00 47.21 ? 63  TRP A CE3 1 
ATOM   597  C CZ2 . TRP A 1 77  ? -0.044  20.203  -0.853  1.00 51.14 ? 63  TRP A CZ2 1 
ATOM   598  C CZ3 . TRP A 1 77  ? -1.036  20.057  1.407   1.00 49.50 ? 63  TRP A CZ3 1 
ATOM   599  C CH2 . TRP A 1 77  ? -0.937  20.668  0.132   1.00 53.03 ? 63  TRP A CH2 1 
ATOM   600  N N   . SER A 1 78  ? 1.955   16.096  5.209   1.00 23.43 ? 64  SER A N   1 
ATOM   601  C CA  . SER A 1 78  ? 1.986   15.144  6.322   1.00 23.49 ? 64  SER A CA  1 
ATOM   602  C C   . SER A 1 78  ? 0.567   15.033  6.898   1.00 23.61 ? 64  SER A C   1 
ATOM   603  O O   . SER A 1 78  ? -0.139  16.061  7.040   1.00 22.86 ? 64  SER A O   1 
ATOM   604  C CB  . SER A 1 78  ? 2.888   15.667  7.380   1.00 25.85 ? 64  SER A CB  1 
ATOM   605  O OG  . SER A 1 78  ? 2.837   14.871  8.521   1.00 30.46 ? 64  SER A OG  1 
ATOM   606  N N   . TRP A 1 79  ? 0.146   13.831  7.254   1.00 18.58 ? 65  TRP A N   1 
ATOM   607  C CA  . TRP A 1 79  ? -1.231  13.693  7.791   1.00 19.82 ? 65  TRP A CA  1 
ATOM   608  C C   . TRP A 1 79  ? -1.368  12.455  8.594   1.00 22.25 ? 65  TRP A C   1 
ATOM   609  O O   . TRP A 1 79  ? -0.508  11.543  8.539   1.00 18.52 ? 65  TRP A O   1 
ATOM   610  C CB  . TRP A 1 79  ? -2.262  13.642  6.658   1.00 21.79 ? 65  TRP A CB  1 
ATOM   611  C CG  . TRP A 1 79  ? -2.094  12.437  5.754   1.00 21.74 ? 65  TRP A CG  1 
ATOM   612  C CD1 . TRP A 1 79  ? -2.723  11.159  5.881   1.00 20.47 ? 65  TRP A CD1 1 
ATOM   613  C CD2 . TRP A 1 79  ? -1.227  12.346  4.576   1.00 22.30 ? 65  TRP A CD2 1 
ATOM   614  N NE1 . TRP A 1 79  ? -2.358  10.341  4.833   1.00 24.08 ? 65  TRP A NE1 1 
ATOM   615  C CE2 . TRP A 1 79  ? -1.416  11.008  4.020   1.00 23.62 ? 65  TRP A CE2 1 
ATOM   616  C CE3 . TRP A 1 79  ? -0.346  13.249  3.918   1.00 22.47 ? 65  TRP A CE3 1 
ATOM   617  C CZ2 . TRP A 1 79  ? -0.729  10.587  2.845   1.00 25.49 ? 65  TRP A CZ2 1 
ATOM   618  C CZ3 . TRP A 1 79  ? 0.313   12.794  2.743   1.00 26.87 ? 65  TRP A CZ3 1 
ATOM   619  C CH2 . TRP A 1 79  ? 0.169   11.485  2.267   1.00 25.21 ? 65  TRP A CH2 1 
ATOM   620  N N   . VAL A 1 80  ? -2.455  12.386  9.356   1.00 18.63 ? 66  VAL A N   1 
ATOM   621  C CA  . VAL A 1 80  ? -2.723  11.238  10.199  1.00 18.36 ? 66  VAL A CA  1 
ATOM   622  C C   . VAL A 1 80  ? -3.796  10.366  9.563   1.00 18.01 ? 66  VAL A C   1 
ATOM   623  O O   . VAL A 1 80  ? -4.812  10.858  8.985   1.00 17.37 ? 66  VAL A O   1 
ATOM   624  C CB  . VAL A 1 80  ? -3.202  11.736  11.624  1.00 19.41 ? 66  VAL A CB  1 
ATOM   625  C CG1 . VAL A 1 80  ? -3.640  10.565  12.489  1.00 19.53 ? 66  VAL A CG1 1 
ATOM   626  C CG2 . VAL A 1 80  ? -2.036  12.467  12.291  1.00 20.92 ? 66  VAL A CG2 1 
ATOM   627  N N   . SER A 1 81  ? -3.554  9.057   9.579   1.00 16.85 ? 67  SER A N   1 
ATOM   628  C CA  . SER A 1 81  ? -4.536  8.107   9.034   1.00 16.98 ? 67  SER A CA  1 
ATOM   629  C C   . SER A 1 81  ? -4.743  7.021   10.104  1.00 15.45 ? 67  SER A C   1 
ATOM   630  O O   . SER A 1 81  ? -4.071  6.993   11.104  1.00 17.28 ? 67  SER A O   1 
ATOM   631  C CB  . SER A 1 81  ? -4.018  7.427   7.720   1.00 17.03 ? 67  SER A CB  1 
ATOM   632  O OG  . SER A 1 81  ? -4.158  8.328   6.634   1.00 18.02 ? 67  SER A OG  1 
ATOM   633  N N   . GLU A 1 82  ? -5.691  6.124   9.869   1.00 17.77 ? 68  GLU A N   1 
ATOM   634  C CA  . GLU A 1 82  ? -5.859  4.984   10.771  1.00 18.95 ? 68  GLU A CA  1 
ATOM   635  C C   . GLU A 1 82  ? -6.095  3.745   9.956   1.00 17.55 ? 68  GLU A C   1 
ATOM   636  O O   . GLU A 1 82  ? -6.619  3.842   8.855   1.00 19.48 ? 68  GLU A O   1 
ATOM   637  C CB  . GLU A 1 82  ? -7.084  5.183   11.674  1.00 20.30 ? 68  GLU A CB  1 
ATOM   638  C CG  . GLU A 1 82  ? -8.356  5.426   10.908  1.00 22.68 ? 68  GLU A CG  1 
ATOM   639  C CD  . GLU A 1 82  ? -9.562  5.720   11.819  1.00 32.68 ? 68  GLU A CD  1 
ATOM   640  O OE1 . GLU A 1 82  ? -10.657 5.291   11.439  1.00 35.77 ? 68  GLU A OE1 1 
ATOM   641  O OE2 . GLU A 1 82  ? -9.459  6.344   12.909  1.00 32.39 ? 68  GLU A OE2 1 
ATOM   642  N N   . ARG A 1 83  ? -5.716  2.573   10.480  1.00 17.17 ? 69  ARG A N   1 
ATOM   643  C CA  . ARG A 1 83  ? -5.912  1.350   9.706   1.00 17.31 ? 69  ARG A CA  1 
ATOM   644  C C   . ARG A 1 83  ? -6.207  0.192   10.630  1.00 17.78 ? 69  ARG A C   1 
ATOM   645  O O   . ARG A 1 83  ? -5.735  0.166   11.767  1.00 19.36 ? 69  ARG A O   1 
ATOM   646  C CB  . ARG A 1 83  ? -4.698  1.001   8.848   1.00 15.77 ? 69  ARG A CB  1 
ATOM   647  C CG  . ARG A 1 83  ? -3.466  0.640   9.648   1.00 17.22 ? 69  ARG A CG  1 
ATOM   648  C CD  . ARG A 1 83  ? -2.159  0.747   8.869   1.00 18.39 ? 69  ARG A CD  1 
ATOM   649  N NE  . ARG A 1 83  ? -2.129  0.123   7.549   1.00 16.99 ? 69  ARG A NE  1 
ATOM   650  C CZ  . ARG A 1 83  ? -1.642  -1.098  7.283   1.00 19.58 ? 69  ARG A CZ  1 
ATOM   651  N NH1 . ARG A 1 83  ? -1.311  -1.946  8.272   1.00 18.40 ? 69  ARG A NH1 1 
ATOM   652  N NH2 . ARG A 1 83  ? -1.575  -1.506  6.026   1.00 19.90 ? 69  ARG A NH2 1 
ATOM   653  N N   . VAL A 1 84  ? -7.018  -0.738  10.112  1.00 17.08 ? 70  VAL A N   1 
ATOM   654  C CA  . VAL A 1 84  ? -7.340  -1.980  10.823  1.00 20.50 ? 70  VAL A CA  1 
ATOM   655  C C   . VAL A 1 84  ? -6.903  -3.169  9.948   1.00 16.70 ? 70  VAL A C   1 
ATOM   656  O O   . VAL A 1 84  ? -7.433  -3.358  8.889   1.00 19.31 ? 70  VAL A O   1 
ATOM   657  C CB  . VAL A 1 84  ? -8.840  -2.034  11.082  1.00 24.31 ? 70  VAL A CB  1 
ATOM   658  C CG1 . VAL A 1 84  ? -9.209  -3.407  11.691  1.00 27.49 ? 70  VAL A CG1 1 
ATOM   659  C CG2 . VAL A 1 84  ? -9.176  -0.870  12.029  1.00 22.22 ? 70  VAL A CG2 1 
ATOM   660  N N   . ALA A 1 85  ? -5.888  -3.905  10.406  1.00 18.97 ? 71  ALA A N   1 
ATOM   661  C CA  . ALA A 1 85  ? -5.387  -5.030  9.624   1.00 18.70 ? 71  ALA A CA  1 
ATOM   662  C C   . ALA A 1 85  ? -5.897  -6.332  10.254  1.00 21.24 ? 71  ALA A C   1 
ATOM   663  O O   . ALA A 1 85  ? -5.785  -6.537  11.465  1.00 24.84 ? 71  ALA A O   1 
ATOM   664  C CB  . ALA A 1 85  ? -3.865  -5.007  9.612   1.00 20.13 ? 71  ALA A CB  1 
ATOM   665  N N   . ASP A 1 86  ? -6.583  -7.151  9.470   1.00 18.71 ? 72  ASP A N   1 
ATOM   666  C CA  . ASP A 1 86  ? -7.176  -8.402  9.971   1.00 19.48 ? 72  ASP A CA  1 
ATOM   667  C C   . ASP A 1 86  ? -6.515  -9.611  9.266   1.00 19.18 ? 72  ASP A C   1 
ATOM   668  O O   . ASP A 1 86  ? -6.822  -9.875  8.097   1.00 17.26 ? 72  ASP A O   1 
ATOM   669  C CB  . ASP A 1 86  ? -8.634  -8.423  9.585   1.00 19.84 ? 72  ASP A CB  1 
ATOM   670  C CG  . ASP A 1 86  ? -9.333  -9.729  10.010  1.00 24.65 ? 72  ASP A CG  1 
ATOM   671  O OD1 . ASP A 1 86  ? -8.709  -10.567 10.678  1.00 26.05 ? 72  ASP A OD1 1 
ATOM   672  O OD2 . ASP A 1 86  ? -10.507 -9.855  9.659   1.00 35.76 ? 72  ASP A OD2 1 
ATOM   673  N N   . PRO A 1 87  ? -5.664  -10.348 9.971   1.00 20.20 ? 73  PRO A N   1 
ATOM   674  C CA  . PRO A 1 87  ? -4.881  -11.420 9.362   1.00 20.56 ? 73  PRO A CA  1 
ATOM   675  C C   . PRO A 1 87  ? -5.725  -12.622 9.022   1.00 26.38 ? 73  PRO A C   1 
ATOM   676  O O   . PRO A 1 87  ? -5.349  -13.405 8.142   1.00 24.83 ? 73  PRO A O   1 
ATOM   677  C CB  . PRO A 1 87  ? -3.773  -11.694 10.419  1.00 24.55 ? 73  PRO A CB  1 
ATOM   678  C CG  . PRO A 1 87  ? -4.432  -11.278 11.673  1.00 26.33 ? 73  PRO A CG  1 
ATOM   679  C CD  . PRO A 1 87  ? -5.186  -10.025 11.330  1.00 22.01 ? 73  PRO A CD  1 
ATOM   680  N N   . VAL A 1 88  ? -6.882  -12.764 9.675   1.00 23.21 ? 74  VAL A N   1 
ATOM   681  C CA  . VAL A 1 88  ? -7.770  -13.884 9.356   1.00 24.27 ? 74  VAL A CA  1 
ATOM   682  C C   . VAL A 1 88  ? -8.381  -13.761 7.973   1.00 25.45 ? 74  VAL A C   1 
ATOM   683  O O   . VAL A 1 88  ? -8.400  -14.719 7.243   1.00 27.64 ? 74  VAL A O   1 
ATOM   684  C CB  . VAL A 1 88  ? -8.879  -14.087 10.450  1.00 25.14 ? 74  VAL A CB  1 
ATOM   685  C CG1 . VAL A 1 88  ? -9.842  -15.254 10.106  1.00 26.06 ? 74  VAL A CG1 1 
ATOM   686  C CG2 . VAL A 1 88  ? -8.226  -14.282 11.781  1.00 26.74 ? 74  VAL A CG2 1 
ATOM   687  N N   . THR A 1 89  ? -8.848  -12.564 7.605   1.00 19.26 ? 75  THR A N   1 
ATOM   688  C CA  . THR A 1 89  ? -9.437  -12.366 6.287   1.00 20.94 ? 75  THR A CA  1 
ATOM   689  C C   . THR A 1 89  ? -8.399  -11.770 5.287   1.00 18.89 ? 75  THR A C   1 
ATOM   690  O O   . THR A 1 89  ? -8.743  -11.552 4.100   1.00 22.31 ? 75  THR A O   1 
ATOM   691  C CB  . THR A 1 89  ? -10.606 -11.420 6.335   1.00 25.37 ? 75  THR A CB  1 
ATOM   692  O OG1 . THR A 1 89  ? -10.177 -10.179 6.889   1.00 24.41 ? 75  THR A OG1 1 
ATOM   693  C CG2 . THR A 1 89  ? -11.821 -12.060 7.252   1.00 25.62 ? 75  THR A CG2 1 
ATOM   694  N N   . ARG A 1 90  ? -7.204  -11.516 5.798   1.00 16.52 ? 76  ARG A N   1 
ATOM   695  C CA  . ARG A 1 90  ? -6.076  -10.969 4.997   1.00 17.10 ? 76  ARG A CA  1 
ATOM   696  C C   . ARG A 1 90  ? -6.554  -9.673  4.315   1.00 14.30 ? 76  ARG A C   1 
ATOM   697  O O   . ARG A 1 90  ? -6.414  -9.516  3.108   1.00 14.88 ? 76  ARG A O   1 
ATOM   698  C CB  . ARG A 1 90  ? -5.615  -12.018 3.947   1.00 18.79 ? 76  ARG A CB  1 
ATOM   699  C CG  . ARG A 1 90  ? -4.974  -13.299 4.605   1.00 19.44 ? 76  ARG A CG  1 
ATOM   700  C CD  . ARG A 1 90  ? -3.721  -12.941 5.334   1.00 19.29 ? 76  ARG A CD  1 
ATOM   701  N NE  . ARG A 1 90  ? -3.155  -14.115 5.967   1.00 23.59 ? 76  ARG A NE  1 
ATOM   702  C CZ  . ARG A 1 90  ? -2.146  -14.126 6.817   1.00 24.18 ? 76  ARG A CZ  1 
ATOM   703  N NH1 . ARG A 1 90  ? -1.498  -13.016 7.234   1.00 24.08 ? 76  ARG A NH1 1 
ATOM   704  N NH2 . ARG A 1 90  ? -1.763  -15.343 7.294   1.00 27.60 ? 76  ARG A NH2 1 
ATOM   705  N N   . THR A 1 91  ? -7.169  -8.796  5.105   1.00 15.00 ? 77  THR A N   1 
ATOM   706  C CA  . THR A 1 91  ? -7.747  -7.495  4.575   1.00 15.33 ? 77  THR A CA  1 
ATOM   707  C C   . THR A 1 91  ? -7.250  -6.368  5.481   1.00 16.49 ? 77  THR A C   1 
ATOM   708  O O   . THR A 1 91  ? -7.102  -6.568  6.656   1.00 16.18 ? 77  THR A O   1 
ATOM   709  C CB  . THR A 1 91  ? -9.306  -7.564  4.604   1.00 17.78 ? 77  THR A CB  1 
ATOM   710  O OG1 . THR A 1 91  ? -9.652  -8.532  3.617   1.00 22.73 ? 77  THR A OG1 1 
ATOM   711  C CG2 . THR A 1 91  ? -9.921  -6.333  4.083   1.00 24.70 ? 77  THR A CG2 1 
ATOM   712  N N   . VAL A 1 92  ? -6.977  -5.194  4.904   1.00 14.58 ? 78  VAL A N   1 
ATOM   713  C CA  . VAL A 1 92  ? -6.648  -4.044  5.702   1.00 14.23 ? 78  VAL A CA  1 
ATOM   714  C C   . VAL A 1 92  ? -7.546  -2.913  5.204   1.00 16.63 ? 78  VAL A C   1 
ATOM   715  O O   . VAL A 1 92  ? -7.734  -2.711  3.991   1.00 16.03 ? 78  VAL A O   1 
ATOM   716  C CB  . VAL A 1 92  ? -5.182  -3.606  5.507   1.00 14.65 ? 78  VAL A CB  1 
ATOM   717  C CG1 . VAL A 1 92  ? -4.918  -2.369  6.409   1.00 14.50 ? 78  VAL A CG1 1 
ATOM   718  C CG2 . VAL A 1 92  ? -4.208  -4.721  5.887   1.00 17.51 ? 78  VAL A CG2 1 
ATOM   719  N N   . ARG A 1 93  ? -8.202  -2.222  6.156   1.00 17.14 ? 79  ARG A N   1 
ATOM   720  C CA  . ARG A 1 93  ? -9.020  -1.107  5.801   1.00 15.34 ? 79  ARG A CA  1 
ATOM   721  C C   . ARG A 1 93  ? -8.453  0.145   6.470   1.00 16.43 ? 79  ARG A C   1 
ATOM   722  O O   . ARG A 1 93  ? -8.252  0.165   7.681   1.00 17.09 ? 79  ARG A O   1 
ATOM   723  C CB  . ARG A 1 93  ? -10.478 -1.349  6.284   1.00 19.77 ? 79  ARG A CB  1 
ATOM   724  C CG  . ARG A 1 93  ? -11.105 -2.553  5.548   1.00 24.64 ? 79  ARG A CG  1 
ATOM   725  C CD  . ARG A 1 93  ? -12.592 -2.769  5.941   1.00 30.76 ? 79  ARG A CD  1 
ATOM   726  N NE  . ARG A 1 93  ? -13.114 -3.943  5.217   1.00 38.14 ? 79  ARG A NE  1 
ATOM   727  C CZ  . ARG A 1 93  ? -12.883 -5.204  5.616   1.00 46.32 ? 79  ARG A CZ  1 
ATOM   728  N NH1 . ARG A 1 93  ? -12.155 -5.438  6.723   1.00 49.29 ? 79  ARG A NH1 1 
ATOM   729  N NH2 . ARG A 1 93  ? -13.381 -6.228  4.932   1.00 46.74 ? 79  ARG A NH2 1 
ATOM   730  N N   . ALA A 1 94  ? -8.198  1.193   5.696   1.00 15.84 ? 80  ALA A N   1 
ATOM   731  C CA  . ALA A 1 94  ? -7.588  2.388   6.279   1.00 16.15 ? 80  ALA A CA  1 
ATOM   732  C C   . ALA A 1 94  ? -8.364  3.592   5.779   1.00 15.13 ? 80  ALA A C   1 
ATOM   733  O O   . ALA A 1 94  ? -8.971  3.535   4.723   1.00 16.46 ? 80  ALA A O   1 
ATOM   734  C CB  . ALA A 1 94  ? -6.129  2.510   5.896   1.00 16.82 ? 80  ALA A CB  1 
ATOM   735  N N   . GLN A 1 95  ? -8.297  4.668   6.563   1.00 16.16 ? 81  GLN A N   1 
ATOM   736  C CA  . GLN A 1 95  ? -8.840  5.941   6.093   1.00 17.92 ? 81  GLN A CA  1 
ATOM   737  C C   . GLN A 1 95  ? -7.985  7.109   6.620   1.00 18.04 ? 81  GLN A C   1 
ATOM   738  O O   . GLN A 1 95  ? -7.320  7.011   7.640   1.00 17.43 ? 81  GLN A O   1 
ATOM   739  C CB  . GLN A 1 95  ? -10.300 6.076   6.564   1.00 20.65 ? 81  GLN A CB  1 
ATOM   740  C CG  . GLN A 1 95  ? -10.463 6.252   8.048   1.00 26.44 ? 81  GLN A CG  1 
ATOM   741  C CD  . GLN A 1 95  ? -11.941 6.227   8.427   1.00 32.92 ? 81  GLN A CD  1 
ATOM   742  O OE1 . GLN A 1 95  ? -12.781 6.521   7.610   1.00 39.43 ? 81  GLN A OE1 1 
ATOM   743  N NE2 . GLN A 1 95  ? -12.242 5.895   9.663   1.00 37.52 ? 81  GLN A NE2 1 
ATOM   744  N N   . ARG A 1 96  ? -7.994  8.200   5.874   1.00 18.12 ? 82  ARG A N   1 
ATOM   745  C CA  . ARG A 1 96  ? -7.357  9.400   6.355   1.00 18.55 ? 82  ARG A CA  1 
ATOM   746  C C   . ARG A 1 96  ? -8.204  9.989   7.433   1.00 19.61 ? 82  ARG A C   1 
ATOM   747  O O   . ARG A 1 96  ? -9.449  10.057  7.302   1.00 23.42 ? 82  ARG A O   1 
ATOM   748  C CB  . ARG A 1 96  ? -7.127  10.442  5.217   1.00 19.16 ? 82  ARG A CB  1 
ATOM   749  C CG  . ARG A 1 96  ? -6.020  10.041  4.211   1.00 20.56 ? 82  ARG A CG  1 
ATOM   750  C CD  . ARG A 1 96  ? -5.717  11.124  3.182   1.00 24.45 ? 82  ARG A CD  1 
ATOM   751  N NE  . ARG A 1 96  ? -5.275  12.387  3.773   1.00 28.42 ? 82  ARG A NE  1 
ATOM   752  C CZ  . ARG A 1 96  ? -4.440  13.242  3.169   1.00 24.87 ? 82  ARG A CZ  1 
ATOM   753  N NH1 . ARG A 1 96  ? -3.931  12.930  2.002   1.00 21.97 ? 82  ARG A NH1 1 
ATOM   754  N NH2 . ARG A 1 96  ? -4.091  14.381  3.768   1.00 28.37 ? 82  ARG A NH2 1 
ATOM   755  N N   . VAL A 1 97  ? -7.558  10.356  8.514   1.00 19.55 ? 83  VAL A N   1 
ATOM   756  C CA  . VAL A 1 97  ? -8.231  11.104  9.620   1.00 21.88 ? 83  VAL A CA  1 
ATOM   757  C C   . VAL A 1 97  ? -8.153  12.615  9.288   1.00 24.39 ? 83  VAL A C   1 
ATOM   758  O O   . VAL A 1 97  ? -9.182  13.320  9.285   1.00 27.62 ? 83  VAL A O   1 
ATOM   759  C CB  . VAL A 1 97  ? -7.577  10.822  10.961  1.00 21.45 ? 83  VAL A CB  1 
ATOM   760  C CG1 . VAL A 1 97  ? -8.193  11.755  12.032  1.00 22.00 ? 83  VAL A CG1 1 
ATOM   761  C CG2 . VAL A 1 97  ? -7.772  9.328   11.323  1.00 21.91 ? 83  VAL A CG2 1 
ATOM   762  N N   . GLU A 1 98  ? -6.952  13.123  9.004   1.00 22.53 ? 84  GLU A N   1 
ATOM   763  C CA  . GLU A 1 98  ? -6.817  14.498  8.433   1.00 22.03 ? 84  GLU A CA  1 
ATOM   764  C C   . GLU A 1 98  ? -6.900  14.341  6.930   1.00 25.39 ? 84  GLU A C   1 
ATOM   765  O O   . GLU A 1 98  ? -5.996  13.739  6.289   1.00 24.12 ? 84  GLU A O   1 
ATOM   766  C CB  . GLU A 1 98  ? -5.487  15.129  8.805   1.00 21.18 ? 84  GLU A CB  1 
ATOM   767  C CG  . GLU A 1 98  ? -5.337  15.194  10.311  1.00 22.05 ? 84  GLU A CG  1 
ATOM   768  C CD  . GLU A 1 98  ? -3.986  15.752  10.678  1.00 27.98 ? 84  GLU A CD  1 
ATOM   769  O OE1 . GLU A 1 98  ? -2.985  15.123  10.328  1.00 24.70 ? 84  GLU A OE1 1 
ATOM   770  O OE2 . GLU A 1 98  ? -3.917  16.819  11.325  1.00 24.44 ? 84  GLU A OE2 1 
ATOM   771  N N   . THR A 1 99  ? -7.964  14.885  6.341   1.00 23.05 ? 85  THR A N   1 
ATOM   772  C CA  . THR A 1 99  ? -8.206  14.589  4.938   1.00 24.42 ? 85  THR A CA  1 
ATOM   773  C C   . THR A 1 99  ? -7.489  15.543  3.960   1.00 27.69 ? 85  THR A C   1 
ATOM   774  O O   . THR A 1 99  ? -7.416  15.252  2.784   1.00 26.78 ? 85  THR A O   1 
ATOM   775  C CB  . THR A 1 99  ? -9.707  14.544  4.679   1.00 26.54 ? 85  THR A CB  1 
ATOM   776  O OG1 . THR A 1 99  ? -10.228 15.867  4.883   1.00 25.72 ? 85  THR A OG1 1 
ATOM   777  C CG2 . THR A 1 99  ? -10.388 13.558  5.640   1.00 23.72 ? 85  THR A CG2 1 
ATOM   778  N N   . GLY A 1 100 ? -6.923  16.666  4.415   1.00 25.43 ? 86  GLY A N   1 
ATOM   779  C CA  . GLY A 1 100 ? -6.132  17.487  3.476   1.00 27.75 ? 86  GLY A CA  1 
ATOM   780  C C   . GLY A 1 100 ? -6.996  17.991  2.324   1.00 24.58 ? 86  GLY A C   1 
ATOM   781  O O   . GLY A 1 100 ? -8.088  18.502  2.556   1.00 24.05 ? 86  GLY A O   1 
ATOM   782  N N   . PRO A 1 101 ? -6.554  17.794  1.080   1.00 23.83 ? 87  PRO A N   1 
ATOM   783  C CA  . PRO A 1 101 ? -7.351  18.277  -0.060  1.00 24.51 ? 87  PRO A CA  1 
ATOM   784  C C   . PRO A 1 101 ? -8.543  17.369  -0.379  1.00 21.60 ? 87  PRO A C   1 
ATOM   785  O O   . PRO A 1 101 ? -9.296  17.689  -1.288  1.00 20.67 ? 87  PRO A O   1 
ATOM   786  C CB  . PRO A 1 101 ? -6.350  18.288  -1.228  1.00 25.83 ? 87  PRO A CB  1 
ATOM   787  C CG  . PRO A 1 101 ? -5.440  17.108  -0.892  1.00 25.87 ? 87  PRO A CG  1 
ATOM   788  C CD  . PRO A 1 101 ? -5.335  17.091  0.628   1.00 27.30 ? 87  PRO A CD  1 
ATOM   789  N N   . PHE A 1 102 ? -8.693  16.254  0.362   1.00 21.94 ? 88  PHE A N   1 
ATOM   790  C CA  . PHE A 1 102 ? -9.788  15.285  0.047   1.00 18.20 ? 88  PHE A CA  1 
ATOM   791  C C   . PHE A 1 102 ? -10.973 15.545  0.976   1.00 17.28 ? 88  PHE A C   1 
ATOM   792  O O   . PHE A 1 102 ? -10.778 16.005  2.091   1.00 20.82 ? 88  PHE A O   1 
ATOM   793  C CB  . PHE A 1 102 ? -9.292  13.857  0.342   1.00 18.56 ? 88  PHE A CB  1 
ATOM   794  C CG  . PHE A 1 102 ? -8.159  13.415  -0.569  1.00 17.50 ? 88  PHE A CG  1 
ATOM   795  C CD1 . PHE A 1 102 ? -8.429  12.989  -1.873  1.00 18.90 ? 88  PHE A CD1 1 
ATOM   796  C CD2 . PHE A 1 102 ? -6.822  13.410  -0.118  1.00 22.27 ? 88  PHE A CD2 1 
ATOM   797  C CE1 . PHE A 1 102 ? -7.404  12.604  -2.726  1.00 21.48 ? 88  PHE A CE1 1 
ATOM   798  C CE2 . PHE A 1 102 ? -5.818  13.027  -0.981  1.00 20.06 ? 88  PHE A CE2 1 
ATOM   799  C CZ  . PHE A 1 102 ? -6.092  12.621  -2.273  1.00 21.06 ? 88  PHE A CZ  1 
ATOM   800  N N   . GLN A 1 103 ? -12.178 15.252  0.486   1.00 18.03 ? 89  GLN A N   1 
ATOM   801  C CA  . GLN A 1 103 ? -13.369 15.116  1.386   1.00 18.34 ? 89  GLN A CA  1 
ATOM   802  C C   . GLN A 1 103 ? -13.213 13.854  2.252   1.00 20.56 ? 89  GLN A C   1 
ATOM   803  O O   . GLN A 1 103 ? -13.522 13.855  3.423   1.00 19.24 ? 89  GLN A O   1 
ATOM   804  C CB  . GLN A 1 103 ? -14.581 14.952  0.516   1.00 18.24 ? 89  GLN A CB  1 
ATOM   805  C CG  . GLN A 1 103 ? -14.886 16.297  -0.188  1.00 18.58 ? 89  GLN A CG  1 
ATOM   806  C CD  . GLN A 1 103 ? -16.120 16.243  -1.038  1.00 19.78 ? 89  GLN A CD  1 
ATOM   807  O OE1 . GLN A 1 103 ? -17.231 16.012  -0.520  1.00 20.78 ? 89  GLN A OE1 1 
ATOM   808  N NE2 . GLN A 1 103 ? -15.954 16.402  -2.323  1.00 19.55 ? 89  GLN A NE2 1 
ATOM   809  N N   . TYR A 1 104 ? -12.714 12.802  1.633   1.00 17.96 ? 90  TYR A N   1 
ATOM   810  C CA  . TYR A 1 104 ? -12.419 11.551  2.390   1.00 17.91 ? 90  TYR A CA  1 
ATOM   811  C C   . TYR A 1 104 ? -11.437 10.747  1.515   1.00 17.10 ? 90  TYR A C   1 
ATOM   812  O O   . TYR A 1 104 ? -11.321 10.972  0.281   1.00 17.91 ? 90  TYR A O   1 
ATOM   813  C CB  . TYR A 1 104 ? -13.731 10.760  2.581   1.00 18.09 ? 90  TYR A CB  1 
ATOM   814  C CG  . TYR A 1 104 ? -14.285 10.160  1.306   1.00 23.08 ? 90  TYR A CG  1 
ATOM   815  C CD1 . TYR A 1 104 ? -14.943 10.979  0.347   1.00 19.97 ? 90  TYR A CD1 1 
ATOM   816  C CD2 . TYR A 1 104 ? -14.074 8.803   0.985   1.00 20.56 ? 90  TYR A CD2 1 
ATOM   817  C CE1 . TYR A 1 104 ? -15.404 10.441  -0.838  1.00 22.62 ? 90  TYR A CE1 1 
ATOM   818  C CE2 . TYR A 1 104 ? -14.543 8.275   -0.226  1.00 22.93 ? 90  TYR A CE2 1 
ATOM   819  C CZ  . TYR A 1 104 ? -15.204 9.125   -1.122  1.00 21.86 ? 90  TYR A CZ  1 
ATOM   820  O OH  . TYR A 1 104 ? -15.698 8.696   -2.308  1.00 29.91 ? 90  TYR A OH  1 
ATOM   821  N N   . MET A 1 105 ? -10.801 9.735   2.139   1.00 16.74 ? 91  MET A N   1 
ATOM   822  C CA  . MET A 1 105 ? -9.965  8.839   1.347   1.00 15.84 ? 91  MET A CA  1 
ATOM   823  C C   . MET A 1 105 ? -10.003 7.518   2.114   1.00 15.24 ? 91  MET A C   1 
ATOM   824  O O   . MET A 1 105 ? -9.659  7.496   3.285   1.00 17.84 ? 91  MET A O   1 
ATOM   825  C CB  . MET A 1 105 ? -8.542  9.359   1.351   1.00 16.74 ? 91  MET A CB  1 
ATOM   826  C CG  . MET A 1 105 ? -7.560  8.238   0.882   1.00 16.99 ? 91  MET A CG  1 
ATOM   827  S SD  . MET A 1 105 ? -7.763  7.822   -0.838  1.00 19.51 ? 91  MET A SD  1 
ATOM   828  C CE  . MET A 1 105 ? -6.961  9.254   -1.625  1.00 21.00 ? 91  MET A CE  1 
ATOM   829  N N   . ASN A 1 106 ? -10.477 6.465   1.451   1.00 16.32 ? 92  ASN A N   1 
ATOM   830  C CA  . ASN A 1 106 ? -10.591 5.118   2.041   1.00 15.44 ? 92  ASN A CA  1 
ATOM   831  C C   . ASN A 1 106 ? -9.659  4.218   1.219   1.00 17.33 ? 92  ASN A C   1 
ATOM   832  O O   . ASN A 1 106 ? -9.685  4.273   0.019   1.00 15.19 ? 92  ASN A O   1 
ATOM   833  C CB  . ASN A 1 106 ? -12.024 4.633   1.849   1.00 17.61 ? 92  ASN A CB  1 
ATOM   834  C CG  . ASN A 1 106 ? -13.010 5.327   2.830   1.00 21.72 ? 92  ASN A CG  1 
ATOM   835  O OD1 . ASN A 1 106 ? -12.611 5.768   3.913   1.00 22.55 ? 92  ASN A OD1 1 
ATOM   836  N ND2 . ASN A 1 106 ? -14.308 5.427   2.440   1.00 26.93 ? 92  ASN A ND2 1 
ATOM   837  N N   . ILE A 1 107 ? -8.844  3.383   1.876   1.00 16.30 ? 93  ILE A N   1 
ATOM   838  C CA  . ILE A 1 107 ? -7.886  2.556   1.152   1.00 16.07 ? 93  ILE A CA  1 
ATOM   839  C C   . ILE A 1 107 ? -8.049  1.140   1.718   1.00 15.95 ? 93  ILE A C   1 
ATOM   840  O O   . ILE A 1 107 ? -7.909  0.976   2.919   1.00 20.24 ? 93  ILE A O   1 
ATOM   841  C CB  . ILE A 1 107 ? -6.456  3.009   1.442   1.00 18.04 ? 93  ILE A CB  1 
ATOM   842  C CG1 . ILE A 1 107 ? -6.327  4.455   0.984   1.00 18.84 ? 93  ILE A CG1 1 
ATOM   843  C CG2 . ILE A 1 107 ? -5.430  2.106   0.673   1.00 16.57 ? 93  ILE A CG2 1 
ATOM   844  C CD1 . ILE A 1 107 ? -5.071  5.186   1.459   1.00 26.06 ? 93  ILE A CD1 1 
ATOM   845  N N   . VAL A 1 108 ? -8.297  0.188   0.843   1.00 15.43 ? 94  VAL A N   1 
ATOM   846  C CA  . VAL A 1 108 ? -8.449  -1.200  1.210   1.00 13.50 ? 94  VAL A CA  1 
ATOM   847  C C   . VAL A 1 108 ? -7.336  -2.034  0.545   1.00 15.47 ? 94  VAL A C   1 
ATOM   848  O O   . VAL A 1 108 ? -7.096  -1.915  -0.655  1.00 15.30 ? 94  VAL A O   1 
ATOM   849  C CB  . VAL A 1 108 ? -9.817  -1.685  0.822   1.00 15.63 ? 94  VAL A CB  1 
ATOM   850  C CG1 . VAL A 1 108 ? -9.934  -3.161  1.108   1.00 14.69 ? 94  VAL A CG1 1 
ATOM   851  C CG2 . VAL A 1 108 ? -10.834 -0.966  1.699   1.00 16.07 ? 94  VAL A CG2 1 
ATOM   852  N N   . TRP A 1 109 ? -6.696  -2.885  1.358   1.00 13.50 ? 95  TRP A N   1 
ATOM   853  C CA  . TRP A 1 109 ? -5.733  -3.829  0.767   1.00 13.87 ? 95  TRP A CA  1 
ATOM   854  C C   . TRP A 1 109 ? -6.273  -5.214  0.999   1.00 14.25 ? 95  TRP A C   1 
ATOM   855  O O   . TRP A 1 109 ? -6.767  -5.499  2.101   1.00 15.81 ? 95  TRP A O   1 
ATOM   856  C CB  . TRP A 1 109 ? -4.428  -3.729  1.461   1.00 13.85 ? 95  TRP A CB  1 
ATOM   857  C CG  . TRP A 1 109 ? -3.668  -2.454  1.299   1.00 15.24 ? 95  TRP A CG  1 
ATOM   858  C CD1 . TRP A 1 109 ? -3.975  -1.348  0.492   1.00 14.04 ? 95  TRP A CD1 1 
ATOM   859  C CD2 . TRP A 1 109 ? -2.389  -2.175  1.892   1.00 15.91 ? 95  TRP A CD2 1 
ATOM   860  N NE1 . TRP A 1 109 ? -2.953  -0.402  0.564   1.00 15.59 ? 95  TRP A NE1 1 
ATOM   861  C CE2 . TRP A 1 109 ? -1.981  -0.863  1.404   1.00 16.05 ? 95  TRP A CE2 1 
ATOM   862  C CE3 . TRP A 1 109 ? -1.529  -2.884  2.785   1.00 16.91 ? 95  TRP A CE3 1 
ATOM   863  C CZ2 . TRP A 1 109 ? -0.793  -0.277  1.823   1.00 17.69 ? 95  TRP A CZ2 1 
ATOM   864  C CZ3 . TRP A 1 109 ? -0.317  -2.280  3.161   1.00 18.21 ? 95  TRP A CZ3 1 
ATOM   865  C CH2 . TRP A 1 109 ? 0.044   -1.014  2.673   1.00 18.07 ? 95  TRP A CH2 1 
ATOM   866  N N   . GLU A 1 110 ? -6.234  -6.072  -0.020  1.00 14.75 ? 96  GLU A N   1 
ATOM   867  C CA  . GLU A 1 110 ? -6.667  -7.455  0.176   1.00 14.63 ? 96  GLU A CA  1 
ATOM   868  C C   . GLU A 1 110 ? -5.548  -8.374  -0.375  1.00 14.99 ? 96  GLU A C   1 
ATOM   869  O O   . GLU A 1 110 ? -4.868  -8.025  -1.347  1.00 16.32 ? 96  GLU A O   1 
ATOM   870  C CB  . GLU A 1 110 ? -7.861  -7.705  -0.698  1.00 17.37 ? 96  GLU A CB  1 
ATOM   871  C CG  . GLU A 1 110 ? -9.121  -7.018  -0.238  1.00 21.49 ? 96  GLU A CG  1 
ATOM   872  C CD  . GLU A 1 110 ? -10.138 -7.094  -1.331  1.00 32.03 ? 96  GLU A CD  1 
ATOM   873  O OE1 . GLU A 1 110 ? -10.068 -6.321  -2.344  1.00 33.00 ? 96  GLU A OE1 1 
ATOM   874  O OE2 . GLU A 1 110 ? -10.978 -7.998  -1.185  1.00 35.99 ? 96  GLU A OE2 1 
ATOM   875  N N   . TYR A 1 111 ? -5.448  -9.582  0.180   1.00 13.95 ? 97  TYR A N   1 
ATOM   876  C CA  . TYR A 1 111 ? -4.343  -10.452 -0.202  1.00 16.49 ? 97  TYR A CA  1 
ATOM   877  C C   . TYR A 1 111 ? -4.927  -11.849 -0.431  1.00 18.10 ? 97  TYR A C   1 
ATOM   878  O O   . TYR A 1 111 ? -5.958  -12.203 0.203   1.00 16.36 ? 97  TYR A O   1 
ATOM   879  C CB  . TYR A 1 111 ? -3.348  -10.573 0.898   1.00 15.53 ? 97  TYR A CB  1 
ATOM   880  C CG  . TYR A 1 111 ? -2.694  -9.342  1.421   1.00 15.49 ? 97  TYR A CG  1 
ATOM   881  C CD1 . TYR A 1 111 ? -1.317  -9.137  1.238   1.00 15.42 ? 97  TYR A CD1 1 
ATOM   882  C CD2 . TYR A 1 111 ? -3.435  -8.389  2.213   1.00 15.00 ? 97  TYR A CD2 1 
ATOM   883  C CE1 . TYR A 1 111 ? -0.665  -8.013  1.799   1.00 14.88 ? 97  TYR A CE1 1 
ATOM   884  C CE2 . TYR A 1 111 ? -2.835  -7.265  2.730   1.00 14.62 ? 97  TYR A CE2 1 
ATOM   885  C CZ  . TYR A 1 111 ? -1.451  -7.074  2.509   1.00 15.20 ? 97  TYR A CZ  1 
ATOM   886  O OH  . TYR A 1 111 ? -0.827  -6.014  3.092   1.00 16.48 ? 97  TYR A OH  1 
ATOM   887  N N   . ALA A 1 112 ? -4.325  -12.624 -1.356  1.00 15.75 ? 98  ALA A N   1 
ATOM   888  C CA  . ALA A 1 112 ? -4.701  -14.037 -1.398  1.00 14.96 ? 98  ALA A CA  1 
ATOM   889  C C   . ALA A 1 112 ? -3.503  -14.780 -1.939  1.00 17.53 ? 98  ALA A C   1 
ATOM   890  O O   . ALA A 1 112 ? -2.562  -14.189 -2.498  1.00 16.80 ? 98  ALA A O   1 
ATOM   891  C CB  . ALA A 1 112 ? -5.869  -14.195 -2.366  1.00 15.92 ? 98  ALA A CB  1 
ATOM   892  N N   . GLU A 1 113 ? -3.582  -16.099 -1.899  1.00 16.89 ? 99  GLU A N   1 
ATOM   893  C CA  . GLU A 1 113 ? -2.525  -16.921 -2.492  1.00 18.76 ? 99  GLU A CA  1 
ATOM   894  C C   . GLU A 1 113 ? -2.853  -17.444 -3.869  1.00 17.65 ? 99  GLU A C   1 
ATOM   895  O O   . GLU A 1 113 ? -4.002  -17.820 -4.173  1.00 18.59 ? 99  GLU A O   1 
ATOM   896  C CB  . GLU A 1 113 ? -2.195  -18.063 -1.491  1.00 23.60 ? 99  GLU A CB  1 
ATOM   897  C CG  . GLU A 1 113 ? -1.284  -17.500 -0.388  1.00 30.84 ? 99  GLU A CG  1 
ATOM   898  C CD  . GLU A 1 113 ? -0.636  -18.514 0.566   1.00 38.63 ? 99  GLU A CD  1 
ATOM   899  O OE1 . GLU A 1 113 ? -1.437  -19.252 1.157   1.00 36.16 ? 99  GLU A OE1 1 
ATOM   900  O OE2 . GLU A 1 113 ? 0.646   -18.515 0.732   1.00 39.38 ? 99  GLU A OE2 1 
ATOM   901  N N   . THR A 1 114 ? -1.838  -17.536 -4.744  1.00 16.31 ? 100 THR A N   1 
ATOM   902  C CA  . THR A 1 114 ? -2.082  -18.151 -6.055  1.00 16.38 ? 100 THR A CA  1 
ATOM   903  C C   . THR A 1 114 ? -0.859  -19.042 -6.292  1.00 15.27 ? 100 THR A C   1 
ATOM   904  O O   . THR A 1 114 ? 0.037   -19.115 -5.484  1.00 15.66 ? 100 THR A O   1 
ATOM   905  C CB  . THR A 1 114 ? -2.235  -17.197 -7.260  1.00 20.73 ? 100 THR A CB  1 
ATOM   906  O OG1 . THR A 1 114 ? -0.993  -16.517 -7.427  1.00 18.55 ? 100 THR A OG1 1 
ATOM   907  C CG2 . THR A 1 114 ? -3.403  -16.167 -7.119  1.00 18.96 ? 100 THR A CG2 1 
ATOM   908  N N   . ALA A 1 115 ? -0.832  -19.763 -7.426  1.00 17.55 ? 101 ALA A N   1 
ATOM   909  C CA  . ALA A 1 115 ? 0.293   -20.658 -7.704  1.00 18.62 ? 101 ALA A CA  1 
ATOM   910  C C   . ALA A 1 115 ? 1.622   -19.909 -7.776  1.00 19.16 ? 101 ALA A C   1 
ATOM   911  O O   . ALA A 1 115 ? 2.701   -20.452 -7.527  1.00 18.42 ? 101 ALA A O   1 
ATOM   912  C CB  . ALA A 1 115 ? 0.035   -21.345 -9.061  1.00 19.26 ? 101 ALA A CB  1 
ATOM   913  N N   . GLU A 1 116 ? 1.537   -18.617 -8.164  1.00 17.69 ? 102 GLU A N   1 
ATOM   914  C CA  . GLU A 1 116 ? 2.752   -17.815 -8.384  1.00 18.95 ? 102 GLU A CA  1 
ATOM   915  C C   . GLU A 1 116 ? 3.209   -17.066 -7.180  1.00 17.59 ? 102 GLU A C   1 
ATOM   916  O O   . GLU A 1 116 ? 4.301   -16.451 -7.177  1.00 17.87 ? 102 GLU A O   1 
ATOM   917  C CB  . GLU A 1 116 ? 2.459   -16.814 -9.535  1.00 21.94 ? 102 GLU A CB  1 
ATOM   918  C CG  . GLU A 1 116 ? 2.561   -17.498 -10.878 1.00 23.20 ? 102 GLU A CG  1 
ATOM   919  C CD  . GLU A 1 116 ? 1.272   -18.228 -11.284 1.00 25.43 ? 102 GLU A CD  1 
ATOM   920  O OE1 . GLU A 1 116 ? 0.216   -17.989 -10.708 1.00 24.78 ? 102 GLU A OE1 1 
ATOM   921  O OE2 . GLU A 1 116 ? 1.288   -19.097 -12.200 1.00 32.88 ? 102 GLU A OE2 1 
ATOM   922  N N   . GLY A 1 117 ? 2.390   -17.091 -6.126  1.00 16.74 ? 103 GLY A N   1 
ATOM   923  C CA  . GLY A 1 117 ? 2.811   -16.446 -4.897  1.00 16.66 ? 103 GLY A CA  1 
ATOM   924  C C   . GLY A 1 117 ? 1.668   -15.793 -4.181  1.00 19.20 ? 103 GLY A C   1 
ATOM   925  O O   . GLY A 1 117 ? 0.645   -16.455 -3.924  1.00 20.36 ? 103 GLY A O   1 
ATOM   926  N N   . THR A 1 118 ? 1.829   -14.504 -3.819  1.00 16.74 ? 104 THR A N   1 
ATOM   927  C CA  . THR A 1 118 ? 0.735   -13.771 -3.109  1.00 14.81 ? 104 THR A CA  1 
ATOM   928  C C   . THR A 1 118 ? 0.254   -12.618 -3.981  1.00 14.83 ? 104 THR A C   1 
ATOM   929  O O   . THR A 1 118 ? 1.106   -11.844 -4.421  1.00 16.81 ? 104 THR A O   1 
ATOM   930  C CB  . THR A 1 118 ? 1.240   -13.207 -1.832  1.00 14.64 ? 104 THR A CB  1 
ATOM   931  O OG1 . THR A 1 118 ? 1.755   -14.286 -0.996  1.00 15.77 ? 104 THR A OG1 1 
ATOM   932  C CG2 . THR A 1 118 ? 0.105   -12.400 -1.047  1.00 14.86 ? 104 THR A CG2 1 
ATOM   933  N N   . VAL A 1 119 ? -1.043  -12.534 -4.223  1.00 14.01 ? 105 VAL A N   1 
ATOM   934  C CA  . VAL A 1 119 ? -1.631  -11.385 -4.971  1.00 15.91 ? 105 VAL A CA  1 
ATOM   935  C C   . VAL A 1 119 ? -2.034  -10.351 -3.897  1.00 17.24 ? 105 VAL A C   1 
ATOM   936  O O   . VAL A 1 119 ? -2.657  -10.704 -2.843  1.00 17.41 ? 105 VAL A O   1 
ATOM   937  C CB  . VAL A 1 119 ? -2.822  -11.776 -5.806  1.00 19.13 ? 105 VAL A CB  1 
ATOM   938  C CG1 . VAL A 1 119 ? -3.489  -10.577 -6.496  1.00 20.80 ? 105 VAL A CG1 1 
ATOM   939  C CG2 . VAL A 1 119 ? -2.431  -12.701 -6.929  1.00 25.87 ? 105 VAL A CG2 1 
ATOM   940  N N   . MET A 1 120 ? -1.697  -9.065  -4.144  1.00 13.65 ? 106 MET A N   1 
ATOM   941  C CA  . MET A 1 120 ? -2.061  -8.002  -3.214  1.00 13.28 ? 106 MET A CA  1 
ATOM   942  C C   . MET A 1 120 ? -2.824  -6.954  -4.040  1.00 14.02 ? 106 MET A C   1 
ATOM   943  O O   . MET A 1 120 ? -2.342  -6.564  -5.091  1.00 14.74 ? 106 MET A O   1 
ATOM   944  C CB  . MET A 1 120 ? -0.810  -7.445  -2.578  1.00 13.88 ? 106 MET A CB  1 
ATOM   945  C CG  . MET A 1 120 ? -1.041  -6.173  -1.646  1.00 15.35 ? 106 MET A CG  1 
ATOM   946  S SD  . MET A 1 120 ? 0.357   -5.525  -0.822  1.00 20.88 ? 106 MET A SD  1 
ATOM   947  C CE  . MET A 1 120 ? 1.265   -4.884  -2.214  1.00 20.34 ? 106 MET A CE  1 
ATOM   948  N N   . ARG A 1 121 ? -4.046  -6.597  -3.621  1.00 13.41 ? 107 ARG A N   1 
ATOM   949  C CA  . ARG A 1 121 ? -4.886  -5.725  -4.463  1.00 14.08 ? 107 ARG A CA  1 
ATOM   950  C C   . ARG A 1 121 ? -5.171  -4.523  -3.596  1.00 15.42 ? 107 ARG A C   1 
ATOM   951  O O   . ARG A 1 121 ? -5.464  -4.680  -2.388  1.00 15.64 ? 107 ARG A O   1 
ATOM   952  C CB  . ARG A 1 121 ? -6.132  -6.489  -4.857  1.00 15.58 ? 107 ARG A CB  1 
ATOM   953  C CG  . ARG A 1 121 ? -7.081  -5.676  -5.687  1.00 16.18 ? 107 ARG A CG  1 
ATOM   954  C CD  . ARG A 1 121 ? -8.333  -6.504  -6.002  1.00 18.65 ? 107 ARG A CD  1 
ATOM   955  N NE  . ARG A 1 121 ? -9.274  -5.831  -6.873  1.00 22.18 ? 107 ARG A NE  1 
ATOM   956  C CZ  . ARG A 1 121 ? -10.314 -6.437  -7.456  1.00 25.20 ? 107 ARG A CZ  1 
ATOM   957  N NH1 . ARG A 1 121 ? -10.551 -7.722  -7.224  1.00 24.48 ? 107 ARG A NH1 1 
ATOM   958  N NH2 . ARG A 1 121 ? -11.155 -5.770  -8.229  1.00 24.54 ? 107 ARG A NH2 1 
ATOM   959  N N   . TRP A 1 122 ? -5.065  -3.318  -4.221  1.00 14.83 ? 108 TRP A N   1 
ATOM   960  C CA  . TRP A 1 122 ? -5.162  -2.098  -3.448  1.00 14.13 ? 108 TRP A CA  1 
ATOM   961  C C   . TRP A 1 122 ? -6.309  -1.369  -4.120  1.00 12.87 ? 108 TRP A C   1 
ATOM   962  O O   . TRP A 1 122 ? -6.294  -1.135  -5.359  1.00 14.17 ? 108 TRP A O   1 
ATOM   963  C CB  . TRP A 1 122 ? -3.912  -1.229  -3.685  1.00 14.79 ? 108 TRP A CB  1 
ATOM   964  C CG  . TRP A 1 122 ? -2.729  -1.557  -2.829  1.00 14.70 ? 108 TRP A CG  1 
ATOM   965  C CD1 . TRP A 1 122 ? -2.560  -2.681  -1.978  1.00 14.54 ? 108 TRP A CD1 1 
ATOM   966  C CD2 . TRP A 1 122 ? -1.517  -0.827  -2.760  1.00 14.84 ? 108 TRP A CD2 1 
ATOM   967  N NE1 . TRP A 1 122 ? -1.329  -2.627  -1.363  1.00 15.60 ? 108 TRP A NE1 1 
ATOM   968  C CE2 . TRP A 1 122 ? -0.659  -1.529  -1.814  1.00 15.33 ? 108 TRP A CE2 1 
ATOM   969  C CE3 . TRP A 1 122 ? -1.050  0.402   -3.335  1.00 16.47 ? 108 TRP A CE3 1 
ATOM   970  C CZ2 . TRP A 1 122 ? 0.603   -1.068  -1.483  1.00 16.52 ? 108 TRP A CZ2 1 
ATOM   971  C CZ3 . TRP A 1 122 ? 0.252   0.826   -3.008  1.00 17.91 ? 108 TRP A CZ3 1 
ATOM   972  C CH2 . TRP A 1 122 ? 1.038   0.130   -2.066  1.00 18.12 ? 108 TRP A CH2 1 
ATOM   973  N N   . THR A 1 123 ? -7.271  -0.897  -3.319  1.00 12.98 ? 109 THR A N   1 
ATOM   974  C CA  . THR A 1 123 ? -8.393  -0.169  -3.873  1.00 15.18 ? 109 THR A CA  1 
ATOM   975  C C   . THR A 1 123 ? -8.496  1.142   -3.102  1.00 14.91 ? 109 THR A C   1 
ATOM   976  O O   . THR A 1 123 ? -8.367  1.151   -1.875  1.00 16.41 ? 109 THR A O   1 
ATOM   977  C CB  . THR A 1 123 ? -9.703  -0.984  -3.651  1.00 18.69 ? 109 THR A CB  1 
ATOM   978  O OG1 . THR A 1 123 ? -9.554  -2.255  -4.280  1.00 19.46 ? 109 THR A OG1 1 
ATOM   979  C CG2 . THR A 1 123 ? -10.932 -0.245  -4.262  1.00 20.46 ? 109 THR A CG2 1 
ATOM   980  N N   . GLN A 1 124 ? -8.732  2.277   -3.793  1.00 14.36 ? 110 GLN A N   1 
ATOM   981  C CA  . GLN A 1 124 ? -8.809  3.515   -3.064  1.00 14.95 ? 110 GLN A CA  1 
ATOM   982  C C   . GLN A 1 124 ? -10.074 4.229   -3.585  1.00 15.89 ? 110 GLN A C   1 
ATOM   983  O O   . GLN A 1 124 ? -10.391 4.149   -4.732  1.00 15.86 ? 110 GLN A O   1 
ATOM   984  C CB  . GLN A 1 124 ? -7.610  4.444   -3.314  1.00 18.10 ? 110 GLN A CB  1 
ATOM   985  C CG  . GLN A 1 124 ? -6.338  3.857   -2.762  1.00 18.64 ? 110 GLN A CG  1 
ATOM   986  C CD  . GLN A 1 124 ? -5.156  4.820   -2.688  1.00 23.41 ? 110 GLN A CD  1 
ATOM   987  O OE1 . GLN A 1 124 ? -5.256  5.985   -2.183  1.00 25.20 ? 110 GLN A OE1 1 
ATOM   988  N NE2 . GLN A 1 124 ? -4.012  4.329   -3.130  1.00 20.33 ? 110 GLN A NE2 1 
ATOM   989  N N   . ASP A 1 125 ? -10.733 4.928   -2.667  1.00 14.98 ? 111 ASP A N   1 
ATOM   990  C CA  . ASP A 1 125 ? -11.952 5.647   -3.028  1.00 16.01 ? 111 ASP A CA  1 
ATOM   991  C C   . ASP A 1 125 ? -11.857 6.979   -2.343  1.00 14.63 ? 111 ASP A C   1 
ATOM   992  O O   . ASP A 1 125 ? -11.547 7.052   -1.197  1.00 15.00 ? 111 ASP A O   1 
ATOM   993  C CB  . ASP A 1 125 ? -13.217 4.903   -2.593  1.00 17.66 ? 111 ASP A CB  1 
ATOM   994  C CG  . ASP A 1 125 ? -13.408 3.635   -3.402  1.00 24.69 ? 111 ASP A CG  1 
ATOM   995  O OD1 . ASP A 1 125 ? -13.834 3.712   -4.576  1.00 22.95 ? 111 ASP A OD1 1 
ATOM   996  O OD2 . ASP A 1 125 ? -13.031 2.558   -2.909  1.00 28.50 ? 111 ASP A OD2 1 
ATOM   997  N N   . PHE A 1 126 ? -12.186 8.050   -3.085  1.00 16.59 ? 112 PHE A N   1 
ATOM   998  C CA  . PHE A 1 126 ? -11.959 9.342   -2.501  1.00 15.85 ? 112 PHE A CA  1 
ATOM   999  C C   . PHE A 1 126 ? -12.759 10.361  -3.328  1.00 14.38 ? 112 PHE A C   1 
ATOM   1000 O O   . PHE A 1 126 ? -13.215 10.049  -4.431  1.00 13.88 ? 112 PHE A O   1 
ATOM   1001 C CB  . PHE A 1 126 ? -10.433 9.743   -2.616  1.00 16.33 ? 112 PHE A CB  1 
ATOM   1002 C CG  . PHE A 1 126 ? -9.919  9.732   -3.999  1.00 18.55 ? 112 PHE A CG  1 
ATOM   1003 C CD1 . PHE A 1 126 ? -9.413  8.568   -4.549  1.00 19.40 ? 112 PHE A CD1 1 
ATOM   1004 C CD2 . PHE A 1 126 ? -9.992  10.872  -4.796  1.00 19.76 ? 112 PHE A CD2 1 
ATOM   1005 C CE1 . PHE A 1 126 ? -9.032  8.535   -5.887  1.00 20.08 ? 112 PHE A CE1 1 
ATOM   1006 C CE2 . PHE A 1 126 ? -9.542  10.870  -6.112  1.00 23.36 ? 112 PHE A CE2 1 
ATOM   1007 C CZ  . PHE A 1 126 ? -9.077  9.673   -6.652  1.00 20.63 ? 112 PHE A CZ  1 
ATOM   1008 N N   . ALA A 1 127 ? -12.822 11.572  -2.809  1.00 16.11 ? 113 ALA A N   1 
ATOM   1009 C CA  . ALA A 1 127 ? -13.274 12.702  -3.682  1.00 16.37 ? 113 ALA A CA  1 
ATOM   1010 C C   . ALA A 1 127 ? -12.487 13.952  -3.253  1.00 15.84 ? 113 ALA A C   1 
ATOM   1011 O O   . ALA A 1 127 ? -12.223 14.120  -2.053  1.00 17.91 ? 113 ALA A O   1 
ATOM   1012 C CB  . ALA A 1 127 ? -14.767 12.951  -3.411  1.00 15.94 ? 113 ALA A CB  1 
ATOM   1013 N N   . MET A 1 128 ? -12.082 14.769  -4.211  1.00 16.28 ? 114 MET A N   1 
ATOM   1014 C CA  . MET A 1 128 ? -11.327 16.007  -3.874  1.00 19.77 ? 114 MET A CA  1 
ATOM   1015 C C   . MET A 1 128 ? -12.365 17.029  -3.318  1.00 19.94 ? 114 MET A C   1 
ATOM   1016 O O   . MET A 1 128 ? -13.534 16.987  -3.730  1.00 20.59 ? 114 MET A O   1 
ATOM   1017 C CB  . MET A 1 128 ? -10.651 16.632  -5.099  1.00 22.46 ? 114 MET A CB  1 
ATOM   1018 C CG  . MET A 1 128 ? -9.699  15.737  -5.911  1.00 24.00 ? 114 MET A CG  1 
ATOM   1019 S SD  . MET A 1 128 ? -8.496  14.951  -4.808  1.00 25.45 ? 114 MET A SD  1 
ATOM   1020 C CE  . MET A 1 128 ? -7.659  16.378  -4.130  1.00 25.57 ? 114 MET A CE  1 
ATOM   1021 N N   . LYS A 1 129 ? -11.915 17.888  -2.418  1.00 21.74 ? 115 LYS A N   1 
ATOM   1022 C CA  . LYS A 1 129 ? -12.737 19.004  -1.917  1.00 21.85 ? 115 LYS A CA  1 
ATOM   1023 C C   . LYS A 1 129 ? -12.995 19.897  -3.135  1.00 20.81 ? 115 LYS A C   1 
ATOM   1024 O O   . LYS A 1 129 ? -12.198 19.943  -4.076  1.00 21.95 ? 115 LYS A O   1 
ATOM   1025 C CB  . LYS A 1 129 ? -12.012 19.797  -0.863  1.00 22.22 ? 115 LYS A CB  1 
ATOM   1026 C CG  . LYS A 1 129 ? -11.929 19.088  0.461   1.00 24.72 ? 115 LYS A CG  1 
ATOM   1027 C CD  . LYS A 1 129 ? -11.204 19.871  1.521   1.00 25.82 ? 115 LYS A CD  1 
ATOM   1028 C CE  . LYS A 1 129 ? -11.405 19.165  2.877   1.00 26.11 ? 115 LYS A CE  1 
ATOM   1029 N NZ  . LYS A 1 129 ? -10.616 19.882  3.897   1.00 36.32 ? 115 LYS A NZ  1 
ATOM   1030 N N   . PRO A 1 130 ? -14.173 20.560  -3.170  1.00 23.32 ? 116 PRO A N   1 
ATOM   1031 C CA  . PRO A 1 130 ? -14.488 21.412  -4.332  1.00 24.39 ? 116 PRO A CA  1 
ATOM   1032 C C   . PRO A 1 130 ? -13.413 22.494  -4.637  1.00 24.83 ? 116 PRO A C   1 
ATOM   1033 O O   . PRO A 1 130 ? -13.222 22.904  -5.780  1.00 27.11 ? 116 PRO A O   1 
ATOM   1034 C CB  . PRO A 1 130 ? -15.841 22.057  -3.909  1.00 22.61 ? 116 PRO A CB  1 
ATOM   1035 C CG  . PRO A 1 130 ? -16.465 21.101  -2.916  1.00 22.15 ? 116 PRO A CG  1 
ATOM   1036 C CD  . PRO A 1 130 ? -15.273 20.488  -2.174  1.00 19.62 ? 116 PRO A CD  1 
ATOM   1037 N N   . ASP A 1 131 ? -12.704 22.919  -3.623  1.00 25.93 ? 117 ASP A N   1 
ATOM   1038 C CA  . ASP A 1 131 ? -11.693 24.001  -3.825  1.00 31.63 ? 117 ASP A CA  1 
ATOM   1039 C C   . ASP A 1 131 ? -10.222 23.480  -3.916  1.00 36.54 ? 117 ASP A C   1 
ATOM   1040 O O   . ASP A 1 131 ? -9.261  24.246  -3.892  1.00 36.26 ? 117 ASP A O   1 
ATOM   1041 C CB  . ASP A 1 131 ? -11.848 24.993  -2.673  1.00 34.07 ? 117 ASP A CB  1 
ATOM   1042 C CG  . ASP A 1 131 ? -11.473 24.406  -1.308  1.00 41.37 ? 117 ASP A CG  1 
ATOM   1043 O OD1 . ASP A 1 131 ? -11.264 23.158  -1.120  1.00 40.19 ? 117 ASP A OD1 1 
ATOM   1044 O OD2 . ASP A 1 131 ? -11.401 25.232  -0.376  1.00 47.16 ? 117 ASP A OD2 1 
ATOM   1045 N N   . ALA A 1 132 ? -10.054 22.161  -3.956  1.00 28.14 ? 118 ALA A N   1 
ATOM   1046 C CA  . ALA A 1 132 ? -8.743  21.548  -4.099  1.00 28.73 ? 118 ALA A CA  1 
ATOM   1047 C C   . ALA A 1 132 ? -8.044  21.972  -5.423  1.00 29.11 ? 118 ALA A C   1 
ATOM   1048 O O   . ALA A 1 132 ? -8.705  22.325  -6.392  1.00 31.96 ? 118 ALA A O   1 
ATOM   1049 C CB  . ALA A 1 132 ? -8.882  20.026  -3.978  1.00 26.48 ? 118 ALA A CB  1 
ATOM   1050 N N   . PRO A 1 133 ? -6.690  22.011  -5.415  1.00 30.72 ? 119 PRO A N   1 
ATOM   1051 C CA  . PRO A 1 133 ? -5.929  22.489  -6.550  1.00 32.24 ? 119 PRO A CA  1 
ATOM   1052 C C   . PRO A 1 133 ? -6.029  21.547  -7.749  1.00 33.08 ? 119 PRO A C   1 
ATOM   1053 O O   . PRO A 1 133 ? -5.743  21.962  -8.859  1.00 33.36 ? 119 PRO A O   1 
ATOM   1054 C CB  . PRO A 1 133 ? -4.508  22.606  -6.010  1.00 34.75 ? 119 PRO A CB  1 
ATOM   1055 C CG  . PRO A 1 133 ? -4.463  21.805  -4.776  1.00 33.83 ? 119 PRO A CG  1 
ATOM   1056 C CD  . PRO A 1 133 ? -5.859  21.863  -4.211  1.00 30.44 ? 119 PRO A CD  1 
ATOM   1057 N N   . VAL A 1 134 ? -6.455  20.290  -7.560  1.00 28.48 ? 120 VAL A N   1 
ATOM   1058 C CA  . VAL A 1 134 ? -6.733  19.432  -8.721  1.00 30.07 ? 120 VAL A CA  1 
ATOM   1059 C C   . VAL A 1 134 ? -8.063  18.707  -8.496  1.00 24.84 ? 120 VAL A C   1 
ATOM   1060 O O   . VAL A 1 134 ? -8.504  18.639  -7.346  1.00 27.69 ? 120 VAL A O   1 
ATOM   1061 C CB  . VAL A 1 134 ? -5.664  18.351  -8.849  1.00 28.85 ? 120 VAL A CB  1 
ATOM   1062 C CG1 . VAL A 1 134 ? -4.352  18.999  -9.293  1.00 33.10 ? 120 VAL A CG1 1 
ATOM   1063 C CG2 . VAL A 1 134 ? -5.498  17.690  -7.483  1.00 28.45 ? 120 VAL A CG2 1 
ATOM   1064 N N   . ASP A 1 135 ? -8.607  18.164  -9.568  1.00 23.95 ? 121 ASP A N   1 
ATOM   1065 C CA  . ASP A 1 135 ? -9.911  17.440  -9.571  1.00 29.17 ? 121 ASP A CA  1 
ATOM   1066 C C   . ASP A 1 135 ? -9.736  15.913  -9.490  1.00 27.22 ? 121 ASP A C   1 
ATOM   1067 O O   . ASP A 1 135 ? -8.620  15.406  -9.409  1.00 24.58 ? 121 ASP A O   1 
ATOM   1068 C CB  . ASP A 1 135 ? -10.794 17.847  -10.753 1.00 31.71 ? 121 ASP A CB  1 
ATOM   1069 C CG  . ASP A 1 135 ? -10.237 17.441  -12.098 1.00 36.49 ? 121 ASP A CG  1 
ATOM   1070 O OD1 . ASP A 1 135 ? -9.321  16.548  -12.246 1.00 29.19 ? 121 ASP A OD1 1 
ATOM   1071 O OD2 . ASP A 1 135 ? -10.742 18.040  -13.063 1.00 32.49 ? 121 ASP A OD2 1 
ATOM   1072 N N   . ASP A 1 136 ? -10.852 15.228  -9.432  1.00 24.93 ? 122 ASP A N   1 
ATOM   1073 C CA  . ASP A 1 136 ? -10.848 13.779  -9.291  1.00 24.18 ? 122 ASP A CA  1 
ATOM   1074 C C   . ASP A 1 136 ? -10.190 13.066  -10.438 1.00 24.87 ? 122 ASP A C   1 
ATOM   1075 O O   . ASP A 1 136 ? -9.419  12.159  -10.154 1.00 23.00 ? 122 ASP A O   1 
ATOM   1076 C CB  . ASP A 1 136 ? -12.257 13.267  -9.074  1.00 23.55 ? 122 ASP A CB  1 
ATOM   1077 C CG  . ASP A 1 136 ? -12.762 13.542  -7.667  1.00 23.53 ? 122 ASP A CG  1 
ATOM   1078 O OD1 . ASP A 1 136 ? -11.929 13.750  -6.771  1.00 23.21 ? 122 ASP A OD1 1 
ATOM   1079 O OD2 . ASP A 1 136 ? -14.023 13.508  -7.424  1.00 22.53 ? 122 ASP A OD2 1 
ATOM   1080 N N   . ALA A 1 137 ? -10.436 13.498  -11.688 1.00 24.36 ? 123 ALA A N   1 
ATOM   1081 C CA  . ALA A 1 137 ? -9.819  12.863  -12.864 1.00 28.17 ? 123 ALA A CA  1 
ATOM   1082 C C   . ALA A 1 137 ? -8.311  12.911  -12.749 1.00 28.32 ? 123 ALA A C   1 
ATOM   1083 O O   . ALA A 1 137 ? -7.629  11.891  -13.017 1.00 28.35 ? 123 ALA A O   1 
ATOM   1084 C CB  . ALA A 1 137 ? -10.236 13.540  -14.164 1.00 33.63 ? 123 ALA A CB  1 
ATOM   1085 N N   . TRP A 1 138 ? -7.797  14.076  -12.374 1.00 26.02 ? 124 TRP A N   1 
ATOM   1086 C CA  . TRP A 1 138 ? -6.347  14.245  -12.275 1.00 26.63 ? 124 TRP A CA  1 
ATOM   1087 C C   . TRP A 1 138 ? -5.793  13.342  -11.188 1.00 26.91 ? 124 TRP A C   1 
ATOM   1088 O O   . TRP A 1 138 ? -4.796  12.595  -11.438 1.00 23.91 ? 124 TRP A O   1 
ATOM   1089 C CB  . TRP A 1 138 ? -5.987  15.704  -12.021 1.00 26.53 ? 124 TRP A CB  1 
ATOM   1090 C CG  . TRP A 1 138 ? -4.521  15.972  -11.988 1.00 28.12 ? 124 TRP A CG  1 
ATOM   1091 C CD1 . TRP A 1 138 ? -3.762  16.495  -13.029 1.00 36.39 ? 124 TRP A CD1 1 
ATOM   1092 C CD2 . TRP A 1 138 ? -3.588  15.834  -10.869 1.00 31.19 ? 124 TRP A CD2 1 
ATOM   1093 N NE1 . TRP A 1 138 ? -2.454  16.662  -12.651 1.00 34.94 ? 124 TRP A NE1 1 
ATOM   1094 C CE2 . TRP A 1 138 ? -2.276  16.282  -11.377 1.00 34.28 ? 124 TRP A CE2 1 
ATOM   1095 C CE3 . TRP A 1 138 ? -3.677  15.369  -9.555  1.00 27.03 ? 124 TRP A CE3 1 
ATOM   1096 C CZ2 . TRP A 1 138 ? -1.147  16.255  -10.596 1.00 36.44 ? 124 TRP A CZ2 1 
ATOM   1097 C CZ3 . TRP A 1 138 ? -2.530  15.366  -8.769  1.00 30.12 ? 124 TRP A CZ3 1 
ATOM   1098 C CH2 . TRP A 1 138 ? -1.294  15.812  -9.271  1.00 33.56 ? 124 TRP A CH2 1 
ATOM   1099 N N   . MET A 1 139 ? -6.453  13.368  -9.996  1.00 22.27 ? 125 MET A N   1 
ATOM   1100 C CA  . MET A 1 139 ? -5.966  12.653  -8.870  1.00 19.36 ? 125 MET A CA  1 
ATOM   1101 C C   . MET A 1 139 ? -6.045  11.132  -9.087  1.00 19.04 ? 125 MET A C   1 
ATOM   1102 O O   . MET A 1 139 ? -5.172  10.366  -8.580  1.00 19.75 ? 125 MET A O   1 
ATOM   1103 C CB  . MET A 1 139 ? -6.753  13.039  -7.613  1.00 19.13 ? 125 MET A CB  1 
ATOM   1104 C CG  . MET A 1 139 ? -6.244  12.347  -6.387  1.00 19.59 ? 125 MET A CG  1 
ATOM   1105 S SD  . MET A 1 139 ? -4.490  12.691  -5.975  1.00 26.19 ? 125 MET A SD  1 
ATOM   1106 C CE  . MET A 1 139 ? -4.575  14.342  -5.213  1.00 28.88 ? 125 MET A CE  1 
ATOM   1107 N N   . THR A 1 140 ? -7.076  10.711  -9.815  1.00 19.72 ? 126 THR A N   1 
ATOM   1108 C CA  . THR A 1 140 ? -7.275  9.318   -10.155 1.00 20.38 ? 126 THR A CA  1 
ATOM   1109 C C   . THR A 1 140 ? -6.088  8.821   -11.031 1.00 25.02 ? 126 THR A C   1 
ATOM   1110 O O   . THR A 1 140 ? -5.451  7.800   -10.742 1.00 19.57 ? 126 THR A O   1 
ATOM   1111 C CB  . THR A 1 140 ? -8.666  9.097   -10.802 1.00 22.25 ? 126 THR A CB  1 
ATOM   1112 O OG1 . THR A 1 140 ? -9.662  9.505   -9.866  1.00 22.11 ? 126 THR A OG1 1 
ATOM   1113 C CG2 . THR A 1 140 ? -8.860  7.573   -11.131 1.00 23.90 ? 126 THR A CG2 1 
ATOM   1114 N N   . ASP A 1 141 ? -5.729  9.595   -12.045 1.00 21.94 ? 127 ASP A N   1 
ATOM   1115 C CA  . ASP A 1 141 ? -4.616  9.203   -12.914 1.00 24.25 ? 127 ASP A CA  1 
ATOM   1116 C C   . ASP A 1 141 ? -3.300  9.234   -12.081 1.00 21.06 ? 127 ASP A C   1 
ATOM   1117 O O   . ASP A 1 141 ? -2.440  8.357   -12.214 1.00 21.60 ? 127 ASP A O   1 
ATOM   1118 C CB  . ASP A 1 141 ? -4.543  10.179  -14.108 1.00 25.62 ? 127 ASP A CB  1 
ATOM   1119 C CG  . ASP A 1 141 ? -3.192  10.097  -14.828 1.00 35.02 ? 127 ASP A CG  1 
ATOM   1120 O OD1 . ASP A 1 141 ? -3.015  9.212   -15.741 1.00 36.06 ? 127 ASP A OD1 1 
ATOM   1121 O OD2 . ASP A 1 141 ? -2.280  10.885  -14.435 1.00 35.33 ? 127 ASP A OD2 1 
ATOM   1122 N N   . ASN A 1 142 ? -3.153  10.203  -11.180 1.00 20.53 ? 128 ASN A N   1 
ATOM   1123 C CA  . ASN A 1 142 ? -1.957  10.319  -10.412 1.00 21.02 ? 128 ASN A CA  1 
ATOM   1124 C C   . ASN A 1 142 ? -1.801  9.153   -9.426  1.00 22.70 ? 128 ASN A C   1 
ATOM   1125 O O   . ASN A 1 142 ? -0.679  8.572   -9.251  1.00 19.09 ? 128 ASN A O   1 
ATOM   1126 C CB  . ASN A 1 142 ? -2.013  11.611  -9.617  1.00 24.99 ? 128 ASN A CB  1 
ATOM   1127 C CG  . ASN A 1 142 ? -0.796  11.842  -8.780  1.00 28.63 ? 128 ASN A CG  1 
ATOM   1128 O OD1 . ASN A 1 142 ? -0.802  11.635  -7.560  1.00 29.43 ? 128 ASN A OD1 1 
ATOM   1129 N ND2 . ASN A 1 142 ? 0.284   12.279  -9.437  1.00 28.37 ? 128 ASN A ND2 1 
ATOM   1130 N N   . ILE A 1 143 ? -2.900  8.830   -8.755  1.00 16.90 ? 129 ILE A N   1 
ATOM   1131 C CA  . ILE A 1 143 ? -2.839  7.710   -7.824  1.00 18.49 ? 129 ILE A CA  1 
ATOM   1132 C C   . ILE A 1 143 ? -2.585  6.403   -8.556  1.00 19.70 ? 129 ILE A C   1 
ATOM   1133 O O   . ILE A 1 143 ? -1.826  5.565   -8.009  1.00 23.10 ? 129 ILE A O   1 
ATOM   1134 C CB  . ILE A 1 143 ? -4.097  7.634   -6.896  1.00 18.94 ? 129 ILE A CB  1 
ATOM   1135 C CG1 . ILE A 1 143 ? -4.023  8.790   -5.890  1.00 21.09 ? 129 ILE A CG1 1 
ATOM   1136 C CG2 . ILE A 1 143 ? -4.141  6.303   -6.077  1.00 17.55 ? 129 ILE A CG2 1 
ATOM   1137 C CD1 . ILE A 1 143 ? -5.383  8.983   -5.199  1.00 20.47 ? 129 ILE A CD1 1 
ATOM   1138 N N   . ASN A 1 144 ? -3.235  6.177   -9.700  1.00 17.41 ? 130 ASN A N   1 
ATOM   1139 C CA  . ASN A 1 144 ? -2.982  4.956   -10.492 1.00 19.57 ? 130 ASN A CA  1 
ATOM   1140 C C   . ASN A 1 144 ? -1.530  4.823   -10.840 1.00 22.84 ? 130 ASN A C   1 
ATOM   1141 O O   . ASN A 1 144 ? -0.931  3.778   -10.582 1.00 22.81 ? 130 ASN A O   1 
ATOM   1142 C CB  . ASN A 1 144 ? -3.838  4.866   -11.752 1.00 21.09 ? 130 ASN A CB  1 
ATOM   1143 C CG  . ASN A 1 144 ? -5.184  4.335   -11.488 1.00 22.11 ? 130 ASN A CG  1 
ATOM   1144 O OD1 . ASN A 1 144 ? -5.319  3.402   -10.688 1.00 19.69 ? 130 ASN A OD1 1 
ATOM   1145 N ND2 . ASN A 1 144 ? -6.232  4.921   -12.137 1.00 23.44 ? 130 ASN A ND2 1 
ATOM   1146 N N   . ARG A 1 145 ? -0.957  5.887   -11.431 1.00 20.75 ? 131 ARG A N   1 
ATOM   1147 C CA  . ARG A 1 145 ? 0.473   5.887   -11.809 1.00 23.22 ? 131 ARG A CA  1 
ATOM   1148 C C   . ARG A 1 145 ? 1.437   5.672   -10.637 1.00 25.13 ? 131 ARG A C   1 
ATOM   1149 O O   . ARG A 1 145 ? 2.320   4.792   -10.674 1.00 24.10 ? 131 ARG A O   1 
ATOM   1150 C CB  . ARG A 1 145 ? 0.824   7.203   -12.546 1.00 24.46 ? 131 ARG A CB  1 
ATOM   1151 C CG  . ARG A 1 145 ? 2.335   7.462   -12.637 1.00 34.00 ? 131 ARG A CG  1 
ATOM   1152 C CD  . ARG A 1 145 ? 2.708   8.885   -13.115 1.00 39.97 ? 131 ARG A CD  1 
ATOM   1153 N NE  . ARG A 1 145 ? 1.805   9.155   -14.225 1.00 47.09 ? 131 ARG A NE  1 
ATOM   1154 C CZ  . ARG A 1 145 ? 0.822   10.051  -14.226 1.00 51.67 ? 131 ARG A CZ  1 
ATOM   1155 N NH1 . ARG A 1 145 ? 0.647   10.898  -13.203 1.00 48.17 ? 131 ARG A NH1 1 
ATOM   1156 N NH2 . ARG A 1 145 ? 0.045   10.115  -15.294 1.00 54.71 ? 131 ARG A NH2 1 
ATOM   1157 N N   . ASN A 1 146 ? 1.299   6.471   -9.582  1.00 21.13 ? 132 ASN A N   1 
ATOM   1158 C CA  . ASN A 1 146 ? 2.168   6.305   -8.442  1.00 24.84 ? 132 ASN A CA  1 
ATOM   1159 C C   . ASN A 1 146 ? 1.958   5.007   -7.674  1.00 25.38 ? 132 ASN A C   1 
ATOM   1160 O O   . ASN A 1 146 ? 2.913   4.433   -7.168  1.00 22.47 ? 132 ASN A O   1 
ATOM   1161 C CB  . ASN A 1 146 ? 2.034   7.491   -7.485  1.00 27.27 ? 132 ASN A CB  1 
ATOM   1162 C CG  . ASN A 1 146 ? 2.498   8.800   -8.118  1.00 36.28 ? 132 ASN A CG  1 
ATOM   1163 O OD1 . ASN A 1 146 ? 3.351   8.804   -9.021  1.00 42.30 ? 132 ASN A OD1 1 
ATOM   1164 N ND2 . ASN A 1 146 ? 1.916   9.922   -7.673  1.00 39.14 ? 132 ASN A ND2 1 
ATOM   1165 N N   . SER A 1 147 ? 0.709   4.546   -7.554  1.00 22.71 ? 133 SER A N   1 
ATOM   1166 C CA  . SER A 1 147 ? 0.455   3.175   -6.960  1.00 25.18 ? 133 SER A CA  1 
ATOM   1167 C C   . SER A 1 147 ? 1.180   2.106   -7.686  1.00 22.49 ? 133 SER A C   1 
ATOM   1168 O O   . SER A 1 147 ? 1.827   1.173   -7.068  1.00 23.07 ? 133 SER A O   1 
ATOM   1169 C CB  . SER A 1 147 ? -1.044  2.824   -7.021  1.00 23.76 ? 133 SER A CB  1 
ATOM   1170 O OG  . SER A 1 147 ? -1.644  3.541   -6.029  1.00 27.80 ? 133 SER A OG  1 
ATOM   1171 N N   . ARG A 1 148 ? 1.139   2.193   -8.995  1.00 23.25 ? 134 ARG A N   1 
ATOM   1172 C CA  . ARG A 1 148 ? 1.779   1.175   -9.818  1.00 24.84 ? 134 ARG A CA  1 
ATOM   1173 C C   . ARG A 1 148 ? 3.274   1.161   -9.515  1.00 24.59 ? 134 ARG A C   1 
ATOM   1174 O O   . ARG A 1 148 ? 3.865   0.079   -9.332  1.00 21.57 ? 134 ARG A O   1 
ATOM   1175 C CB  . ARG A 1 148 ? 1.408   1.297   -11.308 1.00 24.93 ? 134 ARG A CB  1 
ATOM   1176 C CG  . ARG A 1 148 ? 0.009   0.717   -11.619 1.00 31.58 ? 134 ARG A CG  1 
ATOM   1177 C CD  . ARG A 1 148 ? -0.618  1.324   -12.881 1.00 34.50 ? 134 ARG A CD  1 
ATOM   1178 N NE  . ARG A 1 148 ? -2.074  1.219   -12.727 1.00 45.14 ? 134 ARG A NE  1 
ATOM   1179 C CZ  . ARG A 1 148 ? -3.020  1.785   -13.483 1.00 47.87 ? 134 ARG A CZ  1 
ATOM   1180 N NH1 . ARG A 1 148 ? -2.714  2.588   -14.510 1.00 53.71 ? 134 ARG A NH1 1 
ATOM   1181 N NH2 . ARG A 1 148 ? -4.300  1.525   -13.217 1.00 49.50 ? 134 ARG A NH2 1 
ATOM   1182 N N   . THR A 1 149 ? 3.899   2.342   -9.402  1.00 20.08 ? 135 THR A N   1 
ATOM   1183 C CA  . THR A 1 149 ? 5.321   2.391   -9.080  1.00 18.43 ? 135 THR A CA  1 
ATOM   1184 C C   . THR A 1 149 ? 5.643   1.846   -7.691  1.00 17.20 ? 135 THR A C   1 
ATOM   1185 O O   . THR A 1 149 ? 6.623   1.112   -7.512  1.00 17.18 ? 135 THR A O   1 
ATOM   1186 C CB  . THR A 1 149 ? 5.795   3.859   -9.064  1.00 22.28 ? 135 THR A CB  1 
ATOM   1187 O OG1 . THR A 1 149 ? 5.507   4.416   -10.360 1.00 24.13 ? 135 THR A OG1 1 
ATOM   1188 C CG2 . THR A 1 149 ? 7.206   3.889   -8.740  1.00 22.13 ? 135 THR A CG2 1 
ATOM   1189 N N   . GLN A 1 150 ? 4.810   2.200   -6.713  1.00 16.33 ? 136 GLN A N   1 
ATOM   1190 C CA  . GLN A 1 150 ? 5.069   1.745   -5.350  1.00 16.38 ? 136 GLN A CA  1 
ATOM   1191 C C   . GLN A 1 150 ? 4.816   0.263   -5.200  1.00 14.79 ? 136 GLN A C   1 
ATOM   1192 O O   . GLN A 1 150 ? 5.585   -0.421  -4.492  1.00 16.44 ? 136 GLN A O   1 
ATOM   1193 C CB  . GLN A 1 150 ? 4.249   2.499   -4.290  1.00 18.29 ? 136 GLN A CB  1 
ATOM   1194 C CG  . GLN A 1 150 ? 4.521   4.018   -4.344  1.00 19.17 ? 136 GLN A CG  1 
ATOM   1195 C CD  . GLN A 1 150 ? 5.949   4.305   -4.001  1.00 21.89 ? 136 GLN A CD  1 
ATOM   1196 O OE1 . GLN A 1 150 ? 6.515   3.746   -3.106  1.00 23.92 ? 136 GLN A OE1 1 
ATOM   1197 N NE2 . GLN A 1 150 ? 6.500   5.236   -4.670  1.00 27.01 ? 136 GLN A NE2 1 
ATOM   1198 N N   . MET A 1 151 ? 3.752   -0.216  -5.788  1.00 15.69 ? 137 MET A N   1 
ATOM   1199 C CA  . MET A 1 151 ? 3.496   -1.690  -5.697  1.00 17.38 ? 137 MET A CA  1 
ATOM   1200 C C   . MET A 1 151 ? 4.651   -2.504  -6.288  1.00 20.07 ? 137 MET A C   1 
ATOM   1201 O O   . MET A 1 151 ? 5.140   -3.515  -5.699  1.00 19.02 ? 137 MET A O   1 
ATOM   1202 C CB  . MET A 1 151 ? 2.172   -2.034  -6.350  1.00 16.76 ? 137 MET A CB  1 
ATOM   1203 C CG  . MET A 1 151 ? 0.914   -1.413  -5.575  1.00 15.76 ? 137 MET A CG  1 
ATOM   1204 S SD  . MET A 1 151 ? -0.603  -1.693  -6.457  1.00 18.11 ? 137 MET A SD  1 
ATOM   1205 C CE  . MET A 1 151 ? -1.223  -3.282  -5.779  1.00 16.53 ? 137 MET A CE  1 
ATOM   1206 N N   . ALA A 1 152 ? 5.125   -2.058  -7.436  1.00 18.53 ? 138 ALA A N   1 
ATOM   1207 C CA  . ALA A 1 152 ? 6.291   -2.725  -8.040  1.00 18.86 ? 138 ALA A CA  1 
ATOM   1208 C C   . ALA A 1 152 ? 7.513   -2.668  -7.194  1.00 18.13 ? 138 ALA A C   1 
ATOM   1209 O O   . ALA A 1 152 ? 8.249   -3.673  -7.087  1.00 19.65 ? 138 ALA A O   1 
ATOM   1210 C CB  . ALA A 1 152 ? 6.539   -2.170  -9.471  1.00 17.21 ? 138 ALA A CB  1 
ATOM   1211 N N   . LEU A 1 153 ? 7.805   -1.540  -6.546  1.00 17.53 ? 139 LEU A N   1 
ATOM   1212 C CA  . LEU A 1 153 ? 8.997   -1.481  -5.697  1.00 19.58 ? 139 LEU A CA  1 
ATOM   1213 C C   . LEU A 1 153 ? 8.856   -2.382  -4.444  1.00 19.47 ? 139 LEU A C   1 
ATOM   1214 O O   . LEU A 1 153 ? 9.795   -3.077  -4.005  1.00 19.01 ? 139 LEU A O   1 
ATOM   1215 C CB  . LEU A 1 153 ? 9.190   -0.007  -5.276  1.00 19.94 ? 139 LEU A CB  1 
ATOM   1216 C CG  . LEU A 1 153 ? 10.532  0.460   -4.722  1.00 30.03 ? 139 LEU A CG  1 
ATOM   1217 C CD1 . LEU A 1 153 ? 11.614  0.230   -5.772  1.00 31.82 ? 139 LEU A CD1 1 
ATOM   1218 C CD2 . LEU A 1 153 ? 10.332  1.964   -4.525  1.00 28.45 ? 139 LEU A CD2 1 
ATOM   1219 N N   . ILE A 1 154 ? 7.621   -2.439  -3.886  1.00 17.72 ? 140 ILE A N   1 
ATOM   1220 C CA  . ILE A 1 154 ? 7.343   -3.321  -2.716  1.00 16.83 ? 140 ILE A CA  1 
ATOM   1221 C C   . ILE A 1 154 ? 7.553   -4.773  -3.221  1.00 15.71 ? 140 ILE A C   1 
ATOM   1222 O O   . ILE A 1 154 ? 8.182   -5.576  -2.519  1.00 17.93 ? 140 ILE A O   1 
ATOM   1223 C CB  . ILE A 1 154 ? 5.881   -3.084  -2.233  1.00 16.96 ? 140 ILE A CB  1 
ATOM   1224 C CG1 . ILE A 1 154 ? 5.789   -1.731  -1.470  1.00 18.97 ? 140 ILE A CG1 1 
ATOM   1225 C CG2 . ILE A 1 154 ? 5.425   -4.242  -1.319  1.00 18.14 ? 140 ILE A CG2 1 
ATOM   1226 C CD1 . ILE A 1 154 ? 4.327   -1.267  -1.314  1.00 19.49 ? 140 ILE A CD1 1 
ATOM   1227 N N   . ARG A 1 155 ? 7.006   -5.112  -4.353  1.00 16.94 ? 141 ARG A N   1 
ATOM   1228 C CA  . ARG A 1 155 ? 7.193   -6.463  -4.921  1.00 20.15 ? 141 ARG A CA  1 
ATOM   1229 C C   . ARG A 1 155 ? 8.709   -6.773  -4.980  1.00 22.92 ? 141 ARG A C   1 
ATOM   1230 O O   . ARG A 1 155 ? 9.177   -7.822  -4.489  1.00 19.46 ? 141 ARG A O   1 
ATOM   1231 C CB  . ARG A 1 155 ? 6.533   -6.591  -6.297  1.00 18.55 ? 141 ARG A CB  1 
ATOM   1232 C CG  . ARG A 1 155 ? 6.718   -7.936  -6.981  1.00 20.37 ? 141 ARG A CG  1 
ATOM   1233 C CD  . ARG A 1 155 ? 7.854   -7.852  -7.972  1.00 24.45 ? 141 ARG A CD  1 
ATOM   1234 N NE  . ARG A 1 155 ? 7.757   -6.737  -8.929  1.00 26.53 ? 141 ARG A NE  1 
ATOM   1235 C CZ  . ARG A 1 155 ? 7.048   -6.775  -10.039 1.00 25.17 ? 141 ARG A CZ  1 
ATOM   1236 N NH1 . ARG A 1 155 ? 6.325   -7.825  -10.339 1.00 29.15 ? 141 ARG A NH1 1 
ATOM   1237 N NH2 . ARG A 1 155 ? 7.042   -5.752  -10.872 1.00 32.36 ? 141 ARG A NH2 1 
ATOM   1238 N N   . ASP A 1 156 ? 9.480   -5.875  -5.607  1.00 20.37 ? 142 ASP A N   1 
ATOM   1239 C CA  . ASP A 1 156 ? 10.926  -6.130  -5.663  1.00 21.29 ? 142 ASP A CA  1 
ATOM   1240 C C   . ASP A 1 156 ? 11.581  -6.293  -4.338  1.00 21.21 ? 142 ASP A C   1 
ATOM   1241 O O   . ASP A 1 156 ? 12.423  -7.173  -4.153  1.00 19.91 ? 142 ASP A O   1 
ATOM   1242 C CB  . ASP A 1 156 ? 11.633  -4.968  -6.360  1.00 23.45 ? 142 ASP A CB  1 
ATOM   1243 C CG  . ASP A 1 156 ? 11.237  -4.856  -7.766  1.00 26.17 ? 142 ASP A CG  1 
ATOM   1244 O OD1 . ASP A 1 156 ? 10.529  -5.742  -8.275  1.00 32.45 ? 142 ASP A OD1 1 
ATOM   1245 O OD2 . ASP A 1 156 ? 11.586  -3.834  -8.361  1.00 38.62 ? 142 ASP A OD2 1 
ATOM   1246 N N   . ARG A 1 157 ? 11.277  -5.439  -3.370  1.00 18.59 ? 143 ARG A N   1 
ATOM   1247 C CA  . ARG A 1 157 ? 11.969  -5.568  -2.128  1.00 19.48 ? 143 ARG A CA  1 
ATOM   1248 C C   . ARG A 1 157 ? 11.534  -6.836  -1.333  1.00 18.19 ? 143 ARG A C   1 
ATOM   1249 O O   . ARG A 1 157 ? 12.323  -7.412  -0.539  1.00 18.16 ? 143 ARG A O   1 
ATOM   1250 C CB  . ARG A 1 157 ? 11.693  -4.330  -1.291  1.00 21.21 ? 143 ARG A CB  1 
ATOM   1251 C CG  . ARG A 1 157 ? 12.561  -3.211  -1.827  1.00 27.51 ? 143 ARG A CG  1 
ATOM   1252 C CD  . ARG A 1 157 ? 12.183  -1.808  -1.390  1.00 32.95 ? 143 ARG A CD  1 
ATOM   1253 N NE  . ARG A 1 157 ? 13.083  -0.910  -2.141  1.00 38.86 ? 143 ARG A NE  1 
ATOM   1254 C CZ  . ARG A 1 157 ? 13.040  0.404   -2.103  1.00 43.86 ? 143 ARG A CZ  1 
ATOM   1255 N NH1 . ARG A 1 157 ? 12.136  1.001   -1.323  1.00 42.23 ? 143 ARG A NH1 1 
ATOM   1256 N NH2 . ARG A 1 157 ? 13.918  1.113   -2.822  1.00 42.91 ? 143 ARG A NH2 1 
ATOM   1257 N N   . ILE A 1 158 ? 10.266  -7.208  -1.450  1.00 15.26 ? 144 ILE A N   1 
ATOM   1258 C CA  . ILE A 1 158 ? 9.858   -8.429  -0.736  1.00 15.73 ? 144 ILE A CA  1 
ATOM   1259 C C   . ILE A 1 158 ? 10.470  -9.679  -1.433  1.00 17.57 ? 144 ILE A C   1 
ATOM   1260 O O   . ILE A 1 158 ? 10.866  -10.633 -0.714  1.00 19.82 ? 144 ILE A O   1 
ATOM   1261 C CB  . ILE A 1 158 ? 8.356   -8.511  -0.552  1.00 16.89 ? 144 ILE A CB  1 
ATOM   1262 C CG1 . ILE A 1 158 ? 7.945   -7.379  0.454   1.00 15.52 ? 144 ILE A CG1 1 
ATOM   1263 C CG2 . ILE A 1 158 ? 7.943   -9.879  0.022   1.00 16.50 ? 144 ILE A CG2 1 
ATOM   1264 C CD1 . ILE A 1 158 ? 6.414   -7.182  0.539   1.00 17.28 ? 144 ILE A CD1 1 
ATOM   1265 N N   . GLU A 1 159 ? 10.463  -9.702  -2.750  1.00 16.96 ? 145 GLU A N   1 
ATOM   1266 C CA  . GLU A 1 159 ? 11.098  -10.865 -3.452  1.00 17.77 ? 145 GLU A CA  1 
ATOM   1267 C C   . GLU A 1 159 ? 12.588  -10.944 -3.096  1.00 21.54 ? 145 GLU A C   1 
ATOM   1268 O O   . GLU A 1 159 ? 13.104  -12.064 -2.884  1.00 21.37 ? 145 GLU A O   1 
ATOM   1269 C CB  . GLU A 1 159 ? 10.827  -10.801 -4.917  1.00 18.21 ? 145 GLU A CB  1 
ATOM   1270 C CG  . GLU A 1 159 ? 9.417   -11.156 -5.267  1.00 19.86 ? 145 GLU A CG  1 
ATOM   1271 C CD  . GLU A 1 159 ? 9.078   -11.005 -6.699  1.00 22.23 ? 145 GLU A CD  1 
ATOM   1272 O OE1 . GLU A 1 159 ? 9.992   -10.721 -7.553  1.00 28.48 ? 145 GLU A OE1 1 
ATOM   1273 O OE2 . GLU A 1 159 ? 7.883   -11.204 -7.058  1.00 23.53 ? 145 GLU A OE2 1 
ATOM   1274 N N   . GLN A 1 160 ? 13.273  -9.792  -2.992  1.00 20.81 ? 146 GLN A N   1 
ATOM   1275 C CA  . GLN A 1 160 ? 14.657  -9.784  -2.509  1.00 23.02 ? 146 GLN A CA  1 
ATOM   1276 C C   . GLN A 1 160 ? 14.808  -10.342 -1.118  1.00 22.46 ? 146 GLN A C   1 
ATOM   1277 O O   . GLN A 1 160 ? 15.723  -11.165 -0.835  1.00 22.15 ? 146 GLN A O   1 
ATOM   1278 C CB  . GLN A 1 160 ? 15.208  -8.346  -2.539  1.00 25.91 ? 146 GLN A CB  1 
ATOM   1279 C CG  . GLN A 1 160 ? 16.619  -8.158  -2.021  1.00 32.23 ? 146 GLN A CG  1 
ATOM   1280 C CD  . GLN A 1 160 ? 17.536  -7.885  -3.194  1.00 46.80 ? 146 GLN A CD  1 
ATOM   1281 O OE1 . GLN A 1 160 ? 17.787  -8.775  -4.019  1.00 51.69 ? 146 GLN A OE1 1 
ATOM   1282 N NE2 . GLN A 1 160 ? 18.007  -6.634  -3.314  1.00 51.83 ? 146 GLN A NE2 1 
ATOM   1283 N N   . ALA A 1 161 ? 13.952  -9.907  -0.181  1.00 19.38 ? 147 ALA A N   1 
ATOM   1284 C CA  . ALA A 1 161 ? 14.027  -10.387 1.169   1.00 18.90 ? 147 ALA A CA  1 
ATOM   1285 C C   . ALA A 1 161 ? 13.779  -11.888 1.189   1.00 18.30 ? 147 ALA A C   1 
ATOM   1286 O O   . ALA A 1 161 ? 14.422  -12.611 1.970   1.00 20.15 ? 147 ALA A O   1 
ATOM   1287 C CB  . ALA A 1 161 ? 12.957  -9.712  2.022   1.00 20.57 ? 147 ALA A CB  1 
ATOM   1288 N N   . ALA A 1 162 ? 12.778  -12.332 0.438   1.00 18.94 ? 148 ALA A N   1 
ATOM   1289 C CA  . ALA A 1 162 ? 12.454  -13.812 0.422   1.00 19.90 ? 148 ALA A CA  1 
ATOM   1290 C C   . ALA A 1 162 ? 13.703  -14.600 -0.102  1.00 20.49 ? 148 ALA A C   1 
ATOM   1291 O O   . ALA A 1 162 ? 14.079  -15.653 0.486   1.00 20.26 ? 148 ALA A O   1 
ATOM   1292 C CB  . ALA A 1 162 ? 11.264  -14.084 -0.446  1.00 18.92 ? 148 ALA A CB  1 
ATOM   1293 N N   . GLY A 1 163 ? 14.339  -14.066 -1.152  1.00 20.26 ? 149 GLY A N   1 
ATOM   1294 C CA  . GLY A 1 163 ? 15.545  -14.694 -1.735  1.00 22.62 ? 149 GLY A CA  1 
ATOM   1295 C C   . GLY A 1 163 ? 16.682  -14.749 -0.727  1.00 22.81 ? 149 GLY A C   1 
ATOM   1296 O O   . GLY A 1 163 ? 17.380  -15.771 -0.613  1.00 22.11 ? 149 GLY A O   1 
ATOM   1297 N N   . GLU A 1 164 ? 16.915  -13.661 0.010   1.00 20.59 ? 150 GLU A N   1 
ATOM   1298 C CA  . GLU A 1 164 ? 17.983  -13.658 1.008   1.00 23.44 ? 150 GLU A CA  1 
ATOM   1299 C C   . GLU A 1 164 ? 17.718  -14.580 2.140   1.00 23.47 ? 150 GLU A C   1 
ATOM   1300 O O   . GLU A 1 164 ? 18.634  -15.266 2.591   1.00 21.82 ? 150 GLU A O   1 
ATOM   1301 C CB  . GLU A 1 164 ? 18.233  -12.224 1.545   1.00 29.72 ? 150 GLU A CB  1 
ATOM   1302 C CG  . GLU A 1 164 ? 18.971  -11.332 0.530   1.00 35.58 ? 150 GLU A CG  1 
ATOM   1303 C CD  . GLU A 1 164 ? 18.968  -9.826  0.880   1.00 49.05 ? 150 GLU A CD  1 
ATOM   1304 O OE1 . GLU A 1 164 ? 18.571  -9.444  2.009   1.00 48.66 ? 150 GLU A OE1 1 
ATOM   1305 O OE2 . GLU A 1 164 ? 19.365  -9.000  0.007   1.00 54.79 ? 150 GLU A OE2 1 
ATOM   1306 N N   . ARG A 1 165 ? 16.476  -14.627 2.634   1.00 20.39 ? 151 ARG A N   1 
ATOM   1307 C CA  . ARG A 1 165 ? 16.161  -15.581 3.714   1.00 24.00 ? 151 ARG A CA  1 
ATOM   1308 C C   . ARG A 1 165 ? 16.368  -17.021 3.208   1.00 22.48 ? 151 ARG A C   1 
ATOM   1309 O O   . ARG A 1 165 ? 16.861  -17.874 3.940   1.00 22.14 ? 151 ARG A O   1 
ATOM   1310 C CB  . ARG A 1 165 ? 14.678  -15.491 4.206   1.00 26.47 ? 151 ARG A CB  1 
ATOM   1311 C CG  . ARG A 1 165 ? 14.244  -14.201 4.906   1.00 37.06 ? 151 ARG A CG  1 
ATOM   1312 C CD  . ARG A 1 165 ? 12.825  -14.354 5.533   1.00 40.64 ? 151 ARG A CD  1 
ATOM   1313 N NE  . ARG A 1 165 ? 11.963  -15.140 4.627   1.00 44.19 ? 151 ARG A NE  1 
ATOM   1314 C CZ  . ARG A 1 165 ? 10.770  -15.688 4.919   1.00 46.52 ? 151 ARG A CZ  1 
ATOM   1315 N NH1 . ARG A 1 165 ? 10.249  -15.569 6.168   1.00 37.92 ? 151 ARG A NH1 1 
ATOM   1316 N NH2 . ARG A 1 165 ? 10.099  -16.355 3.945   1.00 30.85 ? 151 ARG A NH2 1 
ATOM   1317 N N   . ARG A 1 166 ? 15.992  -17.291 1.978   1.00 21.86 ? 152 ARG A N   1 
ATOM   1318 C CA  . ARG A 1 166 ? 16.207  -18.642 1.393   1.00 24.16 ? 152 ARG A CA  1 
ATOM   1319 C C   . ARG A 1 166 ? 17.681  -18.982 1.289   1.00 21.52 ? 152 ARG A C   1 
ATOM   1320 O O   . ARG A 1 166 ? 18.119  -20.104 1.630   1.00 20.97 ? 152 ARG A O   1 
ATOM   1321 C CB  . ARG A 1 166 ? 15.568  -18.675 0.017   1.00 24.48 ? 152 ARG A CB  1 
ATOM   1322 C CG  . ARG A 1 166 ? 14.943  -20.007 -0.387  1.00 35.99 ? 152 ARG A CG  1 
ATOM   1323 C CD  . ARG A 1 166 ? 13.540  -19.868 -0.995  1.00 35.07 ? 152 ARG A CD  1 
ATOM   1324 N NE  . ARG A 1 166 ? 13.627  -18.961 -2.109  1.00 34.54 ? 152 ARG A NE  1 
ATOM   1325 C CZ  . ARG A 1 166 ? 12.754  -18.002 -2.397  1.00 29.80 ? 152 ARG A CZ  1 
ATOM   1326 N NH1 . ARG A 1 166 ? 11.633  -17.881 -1.733  1.00 34.86 ? 152 ARG A NH1 1 
ATOM   1327 N NH2 . ARG A 1 166 ? 13.002  -17.210 -3.408  1.00 31.00 ? 152 ARG A NH2 1 
ATOM   1328 N N   . THR A 1 167 ? 18.461  -18.047 0.771   1.00 21.37 ? 153 THR A N   1 
ATOM   1329 C CA  . THR A 1 167 ? 19.947  -18.289 0.719   1.00 20.39 ? 153 THR A CA  1 
ATOM   1330 C C   . THR A 1 167 ? 20.541  -18.543 2.095   1.00 23.86 ? 153 THR A C   1 
ATOM   1331 O O   . THR A 1 167 ? 21.313  -19.489 2.285   1.00 21.79 ? 153 THR A O   1 
ATOM   1332 C CB  . THR A 1 167 ? 20.618  -17.123 0.046   1.00 21.13 ? 153 THR A CB  1 
ATOM   1333 O OG1 . THR A 1 167 ? 20.060  -16.971 -1.257  1.00 19.28 ? 153 THR A OG1 1 
ATOM   1334 C CG2 . THR A 1 167 ? 22.202  -17.343 -0.070  1.00 22.12 ? 153 THR A CG2 1 
ATOM   1335 N N   . ALA A 1 168 ? 20.185  -17.727 3.094   1.00 19.90 ? 154 ALA A N   1 
ATOM   1336 C CA  . ALA A 1 168 ? 20.673  -17.994 4.465   1.00 20.95 ? 154 ALA A CA  1 
ATOM   1337 C C   . ALA A 1 168 ? 20.334  -19.401 4.988   1.00 23.55 ? 154 ALA A C   1 
ATOM   1338 O O   . ALA A 1 168 ? 21.103  -20.028 5.673   1.00 26.75 ? 154 ALA A O   1 
ATOM   1339 C CB  . ALA A 1 168 ? 20.187  -16.931 5.461   1.00 22.03 ? 154 ALA A CB  1 
ATOM   1340 N N   . SER A 1 169 ? 19.157  -19.865 4.669   1.00 23.01 ? 155 SER A N   1 
ATOM   1341 C CA  . SER A 1 169 ? 18.668  -21.115 5.167   1.00 24.50 ? 155 SER A CA  1 
ATOM   1342 C C   . SER A 1 169 ? 19.318  -22.250 4.402   1.00 24.22 ? 155 SER A C   1 
ATOM   1343 O O   . SER A 1 169 ? 19.700  -23.227 5.009   1.00 28.89 ? 155 SER A O   1 
ATOM   1344 C CB  . SER A 1 169 ? 17.134  -21.131 5.021   1.00 27.10 ? 155 SER A CB  1 
ATOM   1345 O OG  . SER A 1 169 ? 16.612  -22.410 5.300   1.00 38.69 ? 155 SER A OG  1 
ATOM   1346 N N   . VAL A 1 170 ? 19.501  -22.116 3.092   1.00 21.87 ? 156 VAL A N   1 
ATOM   1347 C CA  . VAL A 1 170 ? 20.113  -23.204 2.320   1.00 25.06 ? 156 VAL A CA  1 
ATOM   1348 C C   . VAL A 1 170 ? 21.620  -23.323 2.673   1.00 27.90 ? 156 VAL A C   1 
ATOM   1349 O O   . VAL A 1 170 ? 22.225  -24.447 2.693   1.00 29.05 ? 156 VAL A O   1 
ATOM   1350 C CB  . VAL A 1 170 ? 19.875  -22.988 0.811   1.00 24.83 ? 156 VAL A CB  1 
ATOM   1351 C CG1 . VAL A 1 170 ? 20.626  -23.985 -0.066  1.00 26.08 ? 156 VAL A CG1 1 
ATOM   1352 C CG2 . VAL A 1 170 ? 18.381  -23.047 0.509   1.00 23.80 ? 156 VAL A CG2 1 
ATOM   1353 N N   . LEU A 1 171 ? 22.240  -22.199 2.995   1.00 23.52 ? 157 LEU A N   1 
ATOM   1354 C CA  . LEU A 1 171 ? 23.670  -22.264 3.366   1.00 25.59 ? 157 LEU A CA  1 
ATOM   1355 C C   . LEU A 1 171 ? 23.911  -22.625 4.843   1.00 32.67 ? 157 LEU A C   1 
ATOM   1356 O O   . LEU A 1 171 ? 25.020  -23.022 5.216   1.00 34.56 ? 157 LEU A O   1 
ATOM   1357 C CB  . LEU A 1 171 ? 24.353  -20.943 3.048   1.00 22.89 ? 157 LEU A CB  1 
ATOM   1358 C CG  . LEU A 1 171 ? 24.305  -20.498 1.592   1.00 24.62 ? 157 LEU A CG  1 
ATOM   1359 C CD1 . LEU A 1 171 ? 25.198  -19.245 1.384   1.00 25.39 ? 157 LEU A CD1 1 
ATOM   1360 C CD2 . LEU A 1 171 ? 24.771  -21.616 0.691   1.00 28.47 ? 157 LEU A CD2 1 
ATOM   1361 N N   . ALA A 1 172 ? 22.908  -22.432 5.694   1.00 32.36 ? 158 ALA A N   1 
ATOM   1362 C CA  . ALA A 1 172 ? 23.027  -22.803 7.104   1.00 36.69 ? 158 ALA A CA  1 
ATOM   1363 C C   . ALA A 1 172 ? 22.991  -24.317 7.286   1.00 39.17 ? 158 ALA A C   1 
ATOM   1364 O O   . ALA A 1 172 ? 22.440  -25.064 6.455   1.00 36.29 ? 158 ALA A O   1 
ATOM   1365 C CB  . ALA A 1 172 ? 21.960  -22.124 7.948   1.00 36.32 ? 158 ALA A CB  1 
ATOM   1366 N N   . ASP A 1 173 ? 23.576  -24.756 8.396   1.00 45.32 ? 159 ASP A N   1 
ATOM   1367 C CA  . ASP A 1 173 ? 23.692  -26.179 8.712   1.00 56.15 ? 159 ASP A CA  1 
ATOM   1368 C C   . ASP A 1 173 ? 22.428  -26.716 9.329   1.00 60.54 ? 159 ASP A C   1 
ATOM   1369 O O   . ASP A 1 173 ? 22.444  -26.892 10.551  1.00 74.41 ? 159 ASP A O   1 
ATOM   1370 C CB  . ASP A 1 173 ? 24.902  -26.421 9.621   1.00 49.77 ? 159 ASP A CB  1 
ATOM   1371 C CG  . ASP A 1 173 ? 26.183  -26.435 8.839   1.00 58.69 ? 159 ASP A CG  1 
ATOM   1372 O OD1 . ASP A 1 173 ? 26.326  -27.293 7.914   1.00 58.85 ? 159 ASP A OD1 1 
ATOM   1373 O OD2 . ASP A 1 173 ? 27.039  -25.566 9.126   1.00 65.07 ? 159 ASP A OD2 1 
ATOM   1374 O OXT . ASP A 1 173 ? 21.413  -26.986 8.646   1.00 56.87 ? 159 ASP A OXT 1 
HETATM 1375 C C1  . GOL B 2 .   ? -1.698  3.171   3.091   1.00 41.98 ? 400 GOL A C1  1 
HETATM 1376 O O1  . GOL B 2 .   ? -2.301  3.724   4.272   1.00 40.88 ? 400 GOL A O1  1 
HETATM 1377 C C2  . GOL B 2 .   ? -1.926  4.099   1.882   1.00 50.00 ? 400 GOL A C2  1 
HETATM 1378 O O2  . GOL B 2 .   ? -1.328  5.396   2.171   1.00 51.98 ? 400 GOL A O2  1 
HETATM 1379 C C3  . GOL B 2 .   ? -1.546  3.504   0.491   1.00 46.74 ? 400 GOL A C3  1 
HETATM 1380 O O3  . GOL B 2 .   ? -1.691  4.443   -0.631  1.00 41.37 ? 400 GOL A O3  1 
HETATM 1381 O O   . HOH C 3 .   ? -8.296  -11.075 1.276   1.00 16.37 ? 501 HOH A O   1 
HETATM 1382 O O   . HOH C 3 .   ? 5.055   16.022  -0.080  1.00 26.72 ? 502 HOH A O   1 
HETATM 1383 O O   . HOH C 3 .   ? -14.548 15.976  -5.974  1.00 21.83 ? 503 HOH A O   1 
HETATM 1384 O O   . HOH C 3 .   ? -15.311 11.440  -6.514  1.00 24.52 ? 504 HOH A O   1 
HETATM 1385 O O   . HOH C 3 .   ? 12.325  -0.997  5.314   1.00 31.99 ? 505 HOH A O   1 
HETATM 1386 O O   . HOH C 3 .   ? -3.242  7.573   3.981   1.00 25.18 ? 506 HOH A O   1 
HETATM 1387 O O   . HOH C 3 .   ? -8.580  -4.047  -2.477  1.00 18.55 ? 507 HOH A O   1 
HETATM 1388 O O   . HOH C 3 .   ? 5.619   11.010  9.771   1.00 22.75 ? 508 HOH A O   1 
HETATM 1389 O O   . HOH C 3 .   ? 6.880   -16.602 4.984   1.00 27.05 ? 509 HOH A O   1 
HETATM 1390 O O   . HOH C 3 .   ? -1.714  -1.927  11.238  1.00 26.32 ? 510 HOH A O   1 
HETATM 1391 O O   . HOH C 3 .   ? -7.511  1.664   -11.230 1.00 28.70 ? 511 HOH A O   1 
HETATM 1392 O O   . HOH C 3 .   ? -1.159  -9.928  -10.406 1.00 19.49 ? 512 HOH A O   1 
HETATM 1393 O O   . HOH C 3 .   ? 3.942   -6.666  10.360  1.00 28.76 ? 513 HOH A O   1 
HETATM 1394 O O   . HOH C 3 .   ? -5.351  1.276   -6.356  1.00 16.44 ? 514 HOH A O   1 
HETATM 1395 O O   . HOH C 3 .   ? -5.152  -0.422  3.566   1.00 20.76 ? 515 HOH A O   1 
HETATM 1396 O O   . HOH C 3 .   ? -12.820 -1.629  -8.995  1.00 25.00 ? 516 HOH A O   1 
HETATM 1397 O O   . HOH C 3 .   ? -7.737  7.157   14.835  1.00 35.04 ? 517 HOH A O   1 
HETATM 1398 O O   . HOH C 3 .   ? 6.183   -10.349 -9.371  1.00 33.89 ? 518 HOH A O   1 
HETATM 1399 O O   . HOH C 3 .   ? -2.974  0.795   4.883   1.00 24.51 ? 519 HOH A O   1 
HETATM 1400 O O   . HOH C 3 .   ? -11.161 9.885   5.123   1.00 18.79 ? 520 HOH A O   1 
HETATM 1401 O O   . HOH C 3 .   ? -13.146 8.038   5.267   1.00 26.13 ? 521 HOH A O   1 
HETATM 1402 O O   . HOH C 3 .   ? -11.171 1.719   4.310   1.00 25.39 ? 522 HOH A O   1 
HETATM 1403 O O   . HOH C 3 .   ? -13.439 0.486   3.450   1.00 33.86 ? 523 HOH A O   1 
HETATM 1404 O O   . HOH C 3 .   ? -11.559 1.602   -0.963  1.00 26.23 ? 524 HOH A O   1 
HETATM 1405 O O   . HOH C 3 .   ? -14.563 0.455   -3.819  1.00 32.11 ? 525 HOH A O   1 
HETATM 1406 O O   . HOH C 3 .   ? 12.877  3.451   -0.168  1.00 37.73 ? 526 HOH A O   1 
HETATM 1407 O O   . HOH C 3 .   ? -2.740  -11.675 -12.669 1.00 22.32 ? 527 HOH A O   1 
HETATM 1408 O O   . HOH C 3 .   ? 7.449   -2.317  5.760   1.00 22.42 ? 528 HOH A O   1 
HETATM 1409 O O   . HOH C 3 .   ? 9.498   -4.093  5.663   1.00 27.98 ? 529 HOH A O   1 
HETATM 1410 O O   . HOH C 3 .   ? 9.356   -5.707  7.959   1.00 32.15 ? 530 HOH A O   1 
HETATM 1411 O O   . HOH C 3 .   ? 10.189  -18.470 0.962   1.00 33.21 ? 531 HOH A O   1 
HETATM 1412 O O   . HOH C 3 .   ? 16.909  -17.596 6.727   1.00 30.38 ? 532 HOH A O   1 
HETATM 1413 O O   . HOH C 3 .   ? 5.294   -19.061 5.241   1.00 31.02 ? 533 HOH A O   1 
HETATM 1414 O O   . HOH C 3 .   ? 7.827   -12.765 8.150   1.00 26.97 ? 534 HOH A O   1 
HETATM 1415 O O   . HOH C 3 .   ? 2.710   -18.010 4.252   1.00 21.79 ? 535 HOH A O   1 
HETATM 1416 O O   . HOH C 3 .   ? 9.918   6.745   9.804   1.00 35.56 ? 536 HOH A O   1 
HETATM 1417 O O   . HOH C 3 .   ? -3.392  2.436   -4.777  1.00 25.16 ? 537 HOH A O   1 
HETATM 1418 O O   . HOH C 3 .   ? 5.667   -0.927  12.393  1.00 33.44 ? 538 HOH A O   1 
HETATM 1419 O O   . HOH C 3 .   ? -6.503  18.206  6.917   1.00 25.47 ? 539 HOH A O   1 
HETATM 1420 O O   . HOH C 3 .   ? 12.341  -16.934 2.012   1.00 36.00 ? 540 HOH A O   1 
HETATM 1421 O O   . HOH C 3 .   ? 13.968  -8.591  -6.069  1.00 32.79 ? 541 HOH A O   1 
HETATM 1422 O O   . HOH C 3 .   ? -16.602 5.953   3.775   1.00 39.83 ? 542 HOH A O   1 
HETATM 1423 O O   . HOH C 3 .   ? 6.024   -17.009 -9.115  1.00 28.30 ? 543 HOH A O   1 
HETATM 1424 O O   . HOH C 3 .   ? 8.078   -8.022  8.724   1.00 32.40 ? 544 HOH A O   1 
HETATM 1425 O O   . HOH C 3 .   ? 3.200   -1.898  12.419  1.00 31.83 ? 545 HOH A O   1 
HETATM 1426 O O   . HOH C 3 .   ? -7.107  19.243  -12.004 1.00 34.11 ? 546 HOH A O   1 
HETATM 1427 O O   . HOH C 3 .   ? -12.827 15.327  -12.330 1.00 30.15 ? 547 HOH A O   1 
HETATM 1428 O O   . HOH C 3 .   ? 8.850   0.914   -8.990  1.00 28.61 ? 548 HOH A O   1 
HETATM 1429 O O   . HOH C 3 .   ? -4.772  -13.702 -12.542 1.00 33.10 ? 549 HOH A O   1 
HETATM 1430 O O   . HOH C 3 .   ? -15.721 5.683   -5.159  1.00 32.38 ? 550 HOH A O   1 
HETATM 1431 O O   . HOH C 3 .   ? 0.007   -13.559 9.506   1.00 41.48 ? 551 HOH A O   1 
HETATM 1432 O O   . HOH C 3 .   ? 4.817   -11.751 -11.152 1.00 29.88 ? 552 HOH A O   1 
HETATM 1433 O O   . HOH C 3 .   ? 7.682   -15.185 7.116   1.00 41.21 ? 553 HOH A O   1 
HETATM 1434 O O   . HOH C 3 .   ? 14.667  -6.302  0.734   1.00 33.49 ? 554 HOH A O   1 
HETATM 1435 O O   . HOH C 3 .   ? 12.830  -14.307 -4.388  1.00 32.24 ? 555 HOH A O   1 
HETATM 1436 O O   . HOH C 3 .   ? -5.391  3.871   17.069  1.00 38.47 ? 556 HOH A O   1 
HETATM 1437 O O   . HOH C 3 .   ? -3.072  7.750   -1.485  1.00 42.57 ? 557 HOH A O   1 
HETATM 1438 O O   . HOH C 3 .   ? 5.524   10.710  16.386  1.00 41.02 ? 558 HOH A O   1 
HETATM 1439 O O   . HOH C 3 .   ? 5.446   7.144   -9.668  1.00 36.99 ? 559 HOH A O   1 
HETATM 1440 O O   . HOH C 3 .   ? -9.747  -4.875  7.982   1.00 34.27 ? 560 HOH A O   1 
HETATM 1441 O O   . HOH C 3 .   ? -9.452  4.182   -11.717 1.00 31.93 ? 561 HOH A O   1 
HETATM 1442 O O   . HOH C 3 .   ? -15.325 8.427   -5.058  1.00 37.34 ? 562 HOH A O   1 
HETATM 1443 O O   . HOH C 3 .   ? 6.437   -20.888 3.205   1.00 37.52 ? 563 HOH A O   1 
HETATM 1444 O O   . HOH C 3 .   ? 0.409   -3.736  11.302  1.00 39.07 ? 564 HOH A O   1 
HETATM 1445 O O   . HOH C 3 .   ? 10.530  17.730  -5.748  1.00 43.24 ? 565 HOH A O   1 
HETATM 1446 O O   . HOH C 3 .   ? 10.167  -1.522  -9.711  1.00 31.43 ? 566 HOH A O   1 
HETATM 1447 O O   . HOH C 3 .   ? 27.394  -23.205 4.754   1.00 38.21 ? 567 HOH A O   1 
HETATM 1448 O O   . HOH C 3 .   ? 6.979   -7.976  10.984  1.00 42.79 ? 568 HOH A O   1 
HETATM 1449 O O   . HOH C 3 .   ? -0.893  -8.869  11.428  1.00 35.84 ? 569 HOH A O   1 
HETATM 1450 O O   . HOH C 3 .   ? 10.182  15.067  3.401   1.00 23.84 ? 570 HOH A O   1 
HETATM 1451 O O   . HOH C 3 .   ? 6.875   11.218  -1.777  1.00 30.58 ? 571 HOH A O   1 
HETATM 1452 O O   . HOH C 3 .   ? 4.439   -15.393 -13.759 1.00 45.05 ? 572 HOH A O   1 
HETATM 1453 O O   . HOH C 3 .   ? 10.701  -15.069 -5.727  1.00 33.50 ? 573 HOH A O   1 
HETATM 1454 O O   . HOH C 3 .   ? 9.660   -16.681 -2.466  1.00 27.45 ? 574 HOH A O   1 
HETATM 1455 O O   . HOH C 3 .   ? -13.265 11.560  6.691   1.00 46.94 ? 575 HOH A O   1 
HETATM 1456 O O   . HOH C 3 .   ? -15.356 3.938   0.174   1.00 40.71 ? 576 HOH A O   1 
HETATM 1457 O O   . HOH C 3 .   ? -15.889 13.791  -9.836  1.00 32.13 ? 577 HOH A O   1 
HETATM 1458 O O   . HOH C 3 .   ? -2.654  13.289  -13.201 1.00 34.65 ? 578 HOH A O   1 
HETATM 1459 O O   . HOH C 3 .   ? 17.680  -17.161 -3.259  1.00 20.31 ? 579 HOH A O   1 
HETATM 1460 O O   . HOH C 3 .   ? 12.600  -3.370  2.328   1.00 34.88 ? 580 HOH A O   1 
HETATM 1461 O O   . HOH C 3 .   ? -11.707 -3.554  -5.395  1.00 28.51 ? 581 HOH A O   1 
HETATM 1462 O O   . HOH C 3 .   ? 2.242   21.624  -3.714  1.00 44.44 ? 582 HOH A O   1 
HETATM 1463 O O   . HOH C 3 .   ? 11.788  -3.711  4.687   1.00 35.84 ? 583 HOH A O   1 
HETATM 1464 O O   . HOH C 3 .   ? 3.398   -17.741 -14.094 1.00 40.31 ? 584 HOH A O   1 
HETATM 1465 O O   . HOH C 3 .   ? 9.379   -10.857 -10.257 1.00 40.37 ? 585 HOH A O   1 
HETATM 1466 O O   . HOH C 3 .   ? -12.168 -11.722 10.763  1.00 31.02 ? 586 HOH A O   1 
HETATM 1467 O O   . HOH C 3 .   ? -0.254  6.401   22.062  1.00 36.52 ? 587 HOH A O   1 
HETATM 1468 O O   . HOH C 3 .   ? 13.521  -5.438  6.264   1.00 36.93 ? 588 HOH A O   1 
HETATM 1469 O O   . HOH C 3 .   ? 9.362   22.154  1.887   1.00 34.79 ? 589 HOH A O   1 
HETATM 1470 O O   . HOH C 3 .   ? -10.756 -10.553 0.482   1.00 31.47 ? 590 HOH A O   1 
HETATM 1471 O O   . HOH C 3 .   ? 11.935  -9.244  -8.237  1.00 36.93 ? 591 HOH A O   1 
HETATM 1472 O O   . HOH C 3 .   ? -16.070 8.266   4.313   1.00 42.85 ? 592 HOH A O   1 
HETATM 1473 O O   . HOH C 3 .   ? 23.373  -18.954 6.348   1.00 37.22 ? 593 HOH A O   1 
HETATM 1474 O O   . HOH C 3 .   ? -11.791 2.656   6.900   1.00 38.63 ? 594 HOH A O   1 
HETATM 1475 O O   . HOH C 3 .   ? -14.993 13.770  -12.029 1.00 43.07 ? 595 HOH A O   1 
HETATM 1476 O O   . HOH C 3 .   ? 3.294   -22.552 -5.749  1.00 43.14 ? 596 HOH A O   1 
HETATM 1477 O O   . HOH C 3 .   ? 14.636  -7.124  4.491   1.00 41.72 ? 597 HOH A O   1 
HETATM 1478 O O   . HOH C 3 .   ? 9.414   -10.158 8.088   1.00 39.18 ? 598 HOH A O   1 
HETATM 1479 O O   . HOH C 3 .   ? 2.115   12.615  -16.510 1.00 45.37 ? 599 HOH A O   1 
HETATM 1480 O O   . HOH C 3 .   ? 6.033   -19.443 -10.535 1.00 40.48 ? 600 HOH A O   1 
HETATM 1481 O O   . HOH C 3 .   ? -11.949 -6.162  -4.488  1.00 38.47 ? 601 HOH A O   1 
HETATM 1482 O O   . HOH C 3 .   ? -17.938 15.759  2.039   1.00 36.69 ? 602 HOH A O   1 
HETATM 1483 O O   . HOH C 3 .   ? 6.640   22.099  2.949   1.00 32.96 ? 603 HOH A O   1 
HETATM 1484 O O   . HOH C 3 .   ? 8.889   -20.252 3.214   1.00 40.04 ? 604 HOH A O   1 
HETATM 1485 O O   . HOH C 3 .   ? 0.865   4.348   -2.171  1.00 44.14 ? 605 HOH A O   1 
HETATM 1486 O O   . HOH C 3 .   ? 12.040  7.738   8.374   1.00 38.95 ? 606 HOH A O   1 
HETATM 1487 O O   . HOH C 3 .   ? -8.132  9.801   -14.799 1.00 33.42 ? 607 HOH A O   1 
HETATM 1488 O O   . HOH C 3 .   ? -13.867 -7.269  -4.611  1.00 41.49 ? 608 HOH A O   1 
HETATM 1489 O O   . HOH C 3 .   ? -13.202 16.123  5.237   1.00 42.34 ? 609 HOH A O   1 
HETATM 1490 O O   . HOH C 3 .   ? -0.153  9.774   -5.497  1.00 42.16 ? 610 HOH A O   1 
HETATM 1491 O O   . HOH C 3 .   ? -10.242 10.687  15.152  1.00 40.10 ? 611 HOH A O   1 
HETATM 1492 O O   . HOH C 3 .   ? 19.503  -25.543 6.302   1.00 47.53 ? 612 HOH A O   1 
HETATM 1493 O O   . HOH C 3 .   ? 4.229   -21.225 -10.356 1.00 51.45 ? 613 HOH A O   1 
HETATM 1494 O O   . HOH C 3 .   ? -3.991  -14.639 -15.265 1.00 41.90 ? 614 HOH A O   1 
HETATM 1495 O O   . HOH C 3 .   ? -11.541 12.304  13.364  1.00 40.70 ? 615 HOH A O   1 
HETATM 1496 O O   . HOH C 3 .   ? 8.669   -19.199 -10.811 1.00 37.72 ? 616 HOH A O   1 
HETATM 1497 O O   . HOH C 3 .   ? -17.242 4.390   2.346   1.00 44.78 ? 617 HOH A O   1 
HETATM 1498 O O   . HOH C 3 .   ? -10.520 2.633   11.369  1.00 44.10 ? 618 HOH A O   1 
HETATM 1499 O O   . HOH C 3 .   ? 1.691   10.845  -18.314 1.00 46.68 ? 619 HOH A O   1 
HETATM 1500 O O   . HOH C 3 .   ? -7.620  18.956  9.499   1.00 39.92 ? 620 HOH A O   1 
HETATM 1501 O O   . HOH C 3 .   ? 13.505  -2.030  -7.256  1.00 41.38 ? 621 HOH A O   1 
HETATM 1502 O O   . HOH C 3 .   ? -3.993  8.851   1.509   1.00 39.93 ? 622 HOH A O   1 
HETATM 1503 O O   . HOH C 3 .   ? -14.732 -5.820  -6.221  1.00 47.70 ? 623 HOH A O   1 
HETATM 1504 O O   . HOH C 3 .   ? -16.124 10.415  -9.057  1.00 35.57 ? 624 HOH A O   1 
HETATM 1505 O O   . HOH C 3 .   ? 2.409   -8.868  11.058  1.00 33.88 ? 625 HOH A O   1 
HETATM 1506 O O   . HOH C 3 .   ? 3.804   -4.675  12.245  1.00 39.50 ? 626 HOH A O   1 
HETATM 1507 O O   . HOH C 3 .   ? 10.453  4.763   -6.698  1.00 44.17 ? 627 HOH A O   1 
HETATM 1508 O O   . HOH C 3 .   ? 10.803  -14.650 8.508   1.00 51.06 ? 628 HOH A O   1 
HETATM 1509 O O   . HOH C 3 .   ? 3.606   3.997   -13.197 1.00 35.50 ? 629 HOH A O   1 
HETATM 1510 O O   . HOH C 3 .   ? -0.473  -6.248  11.757  1.00 54.30 ? 630 HOH A O   1 
HETATM 1511 O O   . HOH C 3 .   ? -11.655 9.454   9.360   1.00 42.99 ? 631 HOH A O   1 
HETATM 1512 O O   . HOH C 3 .   ? -6.297  18.170  11.764  1.00 24.75 ? 632 HOH A O   1 
HETATM 1513 O O   . HOH C 3 .   ? 1.386   -18.937 -2.626  1.00 30.81 ? 633 HOH A O   1 
HETATM 1514 O O   . HOH C 3 .   ? -13.607 -2.880  3.190   1.00 41.72 ? 634 HOH A O   1 
HETATM 1515 O O   . HOH C 3 .   ? -5.050  -20.253 -5.357  1.00 41.85 ? 635 HOH A O   1 
HETATM 1516 O O   . HOH C 3 .   ? -16.645 17.295  3.456   1.00 46.86 ? 636 HOH A O   1 
HETATM 1517 O O   . HOH C 3 .   ? -11.917 12.721  8.935   1.00 44.76 ? 637 HOH A O   1 
HETATM 1518 O O   . HOH C 3 .   ? 14.478  -1.983  -4.801  1.00 46.06 ? 638 HOH A O   1 
HETATM 1519 O O   . HOH C 3 .   ? 28.322  -21.031 3.949   1.00 45.17 ? 639 HOH A O   1 
HETATM 1520 O O   . HOH C 3 .   ? -6.435  -4.891  -16.802 1.00 44.27 ? 640 HOH A O   1 
HETATM 1521 O O   . HOH C 3 .   ? 16.973  -15.310 -4.963  1.00 43.21 ? 641 HOH A O   1 
HETATM 1522 O O   . HOH C 3 .   ? -9.472  16.482  8.433   1.00 39.74 ? 642 HOH A O   1 
HETATM 1523 O O   . HOH C 3 .   ? -14.286 -2.581  -5.683  1.00 41.64 ? 643 HOH A O   1 
HETATM 1524 O O   . HOH C 3 .   ? -4.159  -2.898  12.553  1.00 29.56 ? 644 HOH A O   1 
HETATM 1525 O O   . HOH C 3 .   ? -13.051 16.833  -8.522  1.00 27.47 ? 645 HOH A O   1 
HETATM 1526 O O   . HOH C 3 .   ? 0.178   15.265  10.957  1.00 41.52 ? 646 HOH A O   1 
HETATM 1527 O O   . HOH C 3 .   ? -0.350  17.357  10.069  1.00 46.75 ? 647 HOH A O   1 
HETATM 1528 O O   . HOH C 3 .   ? -11.974 19.425  -7.191  1.00 37.92 ? 648 HOH A O   1 
HETATM 1529 O O   . HOH C 3 .   ? -6.569  7.073   -14.218 1.00 34.93 ? 649 HOH A O   1 
HETATM 1530 O O   . HOH C 3 .   ? -7.535  -21.917 -4.803  1.00 47.14 ? 650 HOH A O   1 
HETATM 1531 O O   . HOH C 3 .   ? -14.359 16.835  -10.348 1.00 40.36 ? 651 HOH A O   1 
HETATM 1532 O O   . HOH C 3 .   ? -13.107 -8.532  5.608   1.00 47.71 ? 652 HOH A O   1 
HETATM 1533 O O   . HOH C 3 .   ? -0.642  7.322   -4.681  1.00 33.66 ? 653 HOH A O   1 
HETATM 1534 O O   . HOH C 3 .   ? -6.195  4.573   19.580  1.00 42.41 ? 654 HOH A O   1 
HETATM 1535 O O   . HOH C 3 .   ? -13.759 1.662   0.706   1.00 44.52 ? 655 HOH A O   1 
HETATM 1536 O O   . HOH C 3 .   ? -13.790 22.822  -0.049  1.00 40.60 ? 656 HOH A O   1 
HETATM 1537 O O   . HOH C 3 .   ? -15.046 12.000  -14.425 1.00 46.47 ? 657 HOH A O   1 
HETATM 1538 O O   . HOH C 3 .   ? -11.027 18.474  6.039   1.00 44.72 ? 658 HOH A O   1 
HETATM 1539 O O   . HOH C 3 .   ? 9.498   -3.691  -10.333 1.00 41.67 ? 659 HOH A O   1 
HETATM 1540 O O   . HOH C 3 .   ? 0.742   18.590  5.189   1.00 39.65 ? 660 HOH A O   1 
HETATM 1541 O O   . HOH C 3 .   ? 9.313   10.006  -3.394  1.00 51.04 ? 661 HOH A O   1 
HETATM 1542 O O   . HOH C 3 .   ? 1.454   8.695   -20.466 1.00 38.86 ? 662 HOH A O   1 
HETATM 1543 O O   . HOH C 3 .   ? -6.372  -20.595 -2.792  1.00 40.71 ? 663 HOH A O   1 
HETATM 1544 O O   . HOH C 3 .   ? 7.197   -0.094  14.540  1.00 44.88 ? 664 HOH A O   1 
HETATM 1545 O O   . HOH C 3 .   ? 0.915   -16.415 7.839   1.00 50.16 ? 665 HOH A O   1 
HETATM 1546 O O   . HOH C 3 .   ? 10.817  14.384  -3.550  1.00 40.12 ? 666 HOH A O   1 
HETATM 1547 O O   . HOH C 3 .   ? -6.121  -10.942 -12.169 1.00 42.73 ? 667 HOH A O   1 
HETATM 1548 O O   . HOH C 3 .   ? 0.944   17.855  -4.733  1.00 49.83 ? 668 HOH A O   1 
HETATM 1549 O O   . HOH C 3 .   ? 14.970  -4.926  -4.293  1.00 48.09 ? 669 HOH A O   1 
HETATM 1550 O O   . HOH C 3 .   ? -8.815  -17.781 -11.172 1.00 43.99 ? 670 HOH A O   1 
HETATM 1551 O O   . HOH C 3 .   ? 10.876  3.239   -8.907  1.00 45.37 ? 671 HOH A O   1 
HETATM 1552 O O   . HOH C 3 .   ? 15.830  -4.641  -2.097  1.00 43.76 ? 672 HOH A O   1 
HETATM 1553 O O   . HOH C 3 .   ? 13.910  -0.193  6.613   1.00 48.11 ? 673 HOH A O   1 
HETATM 1554 O O   . HOH C 3 .   ? 0.469   6.032   -19.940 1.00 39.65 ? 674 HOH A O   1 
HETATM 1555 O O   . HOH C 3 .   ? -8.259  21.522  2.260   1.00 44.00 ? 675 HOH A O   1 
HETATM 1556 O O   . HOH C 3 .   ? 15.581  -11.295 4.247   1.00 36.75 ? 676 HOH A O   1 
HETATM 1557 O O   . HOH C 3 .   ? -6.145  -22.027 -0.197  1.00 39.29 ? 677 HOH A O   1 
HETATM 1558 O O   . HOH C 3 .   ? -12.862 -8.623  -3.063  1.00 48.38 ? 678 HOH A O   1 
HETATM 1559 O O   . HOH C 3 .   ? 15.540  3.476   1.452   1.00 44.95 ? 679 HOH A O   1 
HETATM 1560 O O   . HOH C 3 .   ? 1.001   -1.605  15.593  1.00 49.09 ? 680 HOH A O   1 
HETATM 1561 O O   . HOH C 3 .   ? 3.205   -0.441  15.932  1.00 49.93 ? 681 HOH A O   1 
HETATM 1562 O O   . HOH C 3 .   ? 1.781   15.409  -3.755  1.00 45.14 ? 682 HOH A O   1 
HETATM 1563 O O   . HOH C 3 .   ? -14.489 18.124  3.565   1.00 45.43 ? 683 HOH A O   1 
HETATM 1564 O O   . HOH C 3 .   ? 12.544  2.281   7.328   1.00 30.23 ? 684 HOH A O   1 
HETATM 1565 O O   . HOH C 3 .   ? -2.334  16.306  2.692   1.00 36.40 ? 685 HOH A O   1 
HETATM 1566 O O   . HOH C 3 .   ? -10.244 1.334   9.259   1.00 40.22 ? 686 HOH A O   1 
HETATM 1567 O O   . HOH C 3 .   ? -8.375  21.954  -0.295  1.00 42.12 ? 687 HOH A O   1 
HETATM 1568 O O   . HOH C 3 .   ? 11.000  -7.897  -9.477  1.00 45.03 ? 688 HOH A O   1 
HETATM 1569 O O   . HOH C 3 .   ? -2.259  15.258  1.131   1.00 43.45 ? 689 HOH A O   1 
HETATM 1570 O O   . HOH C 3 .   ? -1.061  4.389   -14.605 1.00 48.93 ? 690 HOH A O   1 
HETATM 1571 O O   . HOH C 3 .   ? 1.467   -12.536 10.955  1.00 51.78 ? 691 HOH A O   1 
HETATM 1572 O O   . HOH C 3 .   ? 10.011  13.135  8.277   1.00 44.66 ? 692 HOH A O   1 
HETATM 1573 O O   . HOH C 3 .   ? -6.702  -18.097 -12.288 1.00 44.65 ? 693 HOH A O   1 
HETATM 1574 O O   . HOH C 3 .   ? 9.242   20.833  -9.930  1.00 43.87 ? 694 HOH A O   1 
HETATM 1575 O O   . HOH C 3 .   ? 5.935   15.365  9.984   1.00 43.88 ? 695 HOH A O   1 
HETATM 1576 O O   . HOH C 3 .   ? -0.357  -11.909 12.159  1.00 61.15 ? 696 HOH A O   1 
HETATM 1577 O O   . HOH C 3 .   ? 2.335   8.268   20.924  1.00 45.96 ? 697 HOH A O   1 
HETATM 1578 O O   . HOH C 3 .   ? -0.011  -23.337 -5.256  1.00 50.05 ? 698 HOH A O   1 
HETATM 1579 O O   . HOH C 3 .   ? -13.907 -10.573 3.890   1.00 52.32 ? 699 HOH A O   1 
# 
loop_
_pdbx_poly_seq_scheme.asym_id 
_pdbx_poly_seq_scheme.entity_id 
_pdbx_poly_seq_scheme.seq_id 
_pdbx_poly_seq_scheme.mon_id 
_pdbx_poly_seq_scheme.ndb_seq_num 
_pdbx_poly_seq_scheme.pdb_seq_num 
_pdbx_poly_seq_scheme.auth_seq_num 
_pdbx_poly_seq_scheme.pdb_mon_id 
_pdbx_poly_seq_scheme.auth_mon_id 
_pdbx_poly_seq_scheme.pdb_strand_id 
_pdbx_poly_seq_scheme.pdb_ins_code 
_pdbx_poly_seq_scheme.hetero 
A 1 1   HIS 1   -13 -13 HIS HIS A . n 
A 1 2   HIS 2   -12 -12 HIS HIS A . n 
A 1 3   HIS 3   -11 -11 HIS HIS A . n 
A 1 4   HIS 4   -10 -10 HIS HIS A . n 
A 1 5   SER 5   -9  -9  SER SER A . n 
A 1 6   SER 6   -8  -8  SER SER A . n 
A 1 7   GLY 7   -7  -7  GLY GLY A . n 
A 1 8   LEU 8   -6  -6  LEU LEU A . n 
A 1 9   VAL 9   -5  -5  VAL VAL A . n 
A 1 10  PRO 10  -4  -4  PRO PRO A . n 
A 1 11  ARG 11  -3  -3  ARG ARG A . n 
A 1 12  GLY 12  -2  -2  GLY GLY A . n 
A 1 13  SER 13  -1  ?   ?   ?   A . n 
A 1 14  HIS 14  0   0   HIS HIS A . n 
A 1 15  MET 15  1   1   MET MET A . n 
A 1 16  ALA 16  2   2   ALA ALA A . n 
A 1 17  GLY 17  3   3   GLY GLY A . n 
A 1 18  HIS 18  4   4   HIS HIS A . n 
A 1 19  THR 19  5   5   THR THR A . n 
A 1 20  ASP 20  6   6   ASP ASP A . n 
A 1 21  ASN 21  7   7   ASN ASN A . n 
A 1 22  GLU 22  8   8   GLU GLU A . n 
A 1 23  ILE 23  9   9   ILE ILE A . n 
A 1 24  THR 24  10  10  THR THR A . n 
A 1 25  ILE 25  11  11  ILE ILE A . n 
A 1 26  ALA 26  12  12  ALA ALA A . n 
A 1 27  ALA 27  13  13  ALA ALA A . n 
A 1 28  PRO 28  14  14  PRO PRO A . n 
A 1 29  MET 29  15  15  MET MET A . n 
A 1 30  GLU 30  16  16  GLU GLU A . n 
A 1 31  LEU 31  17  17  LEU LEU A . n 
A 1 32  VAL 32  18  18  VAL VAL A . n 
A 1 33  TRP 33  19  19  TRP TRP A . n 
A 1 34  ASN 34  20  20  ASN ASN A . n 
A 1 35  MET 35  21  21  MET MET A . n 
A 1 36  THR 36  22  22  THR THR A . n 
A 1 37  ASN 37  23  23  ASN ASN A . n 
A 1 38  ASP 38  24  24  ASP ASP A . n 
A 1 39  ILE 39  25  25  ILE ILE A . n 
A 1 40  GLU 40  26  26  GLU GLU A . n 
A 1 41  LYS 41  27  27  LYS LYS A . n 
A 1 42  TRP 42  28  28  TRP TRP A . n 
A 1 43  PRO 43  29  29  PRO PRO A . n 
A 1 44  GLY 44  30  30  GLY GLY A . n 
A 1 45  LEU 45  31  31  LEU LEU A . n 
A 1 46  PHE 46  32  32  PHE PHE A . n 
A 1 47  SER 47  33  33  SER SER A . n 
A 1 48  GLU 48  34  34  GLU GLU A . n 
A 1 49  TYR 49  35  35  TYR TYR A . n 
A 1 50  ALA 50  36  36  ALA ALA A . n 
A 1 51  SER 51  37  37  SER SER A . n 
A 1 52  VAL 52  38  38  VAL VAL A . n 
A 1 53  GLU 53  39  39  GLU GLU A . n 
A 1 54  VAL 54  40  40  VAL VAL A . n 
A 1 55  LEU 55  41  41  LEU LEU A . n 
A 1 56  GLY 56  42  42  GLY GLY A . n 
A 1 57  ARG 57  43  43  ARG ARG A . n 
A 1 58  ASP 58  44  44  ASP ASP A . n 
A 1 59  ASP 59  45  45  ASP ASP A . n 
A 1 60  ASP 60  46  46  ASP ASP A . n 
A 1 61  LYS 61  47  47  LYS LYS A . n 
A 1 62  VAL 62  48  48  VAL VAL A . n 
A 1 63  THR 63  49  49  THR THR A . n 
A 1 64  PHE 64  50  50  PHE PHE A . n 
A 1 65  ARG 65  51  51  ARG ARG A . n 
A 1 66  LEU 66  52  52  LEU LEU A . n 
A 1 67  THR 67  53  53  THR THR A . n 
A 1 68  MET 68  54  54  MET MET A . n 
A 1 69  HIS 69  55  55  HIS HIS A . n 
A 1 70  PRO 70  56  56  PRO PRO A . n 
A 1 71  ASP 71  57  57  ASP ASP A . n 
A 1 72  ALA 72  58  58  ALA ALA A . n 
A 1 73  ASP 73  59  59  ASP ASP A . n 
A 1 74  GLY 74  60  60  GLY GLY A . n 
A 1 75  LYS 75  61  61  LYS LYS A . n 
A 1 76  VAL 76  62  62  VAL VAL A . n 
A 1 77  TRP 77  63  63  TRP TRP A . n 
A 1 78  SER 78  64  64  SER SER A . n 
A 1 79  TRP 79  65  65  TRP TRP A . n 
A 1 80  VAL 80  66  66  VAL VAL A . n 
A 1 81  SER 81  67  67  SER SER A . n 
A 1 82  GLU 82  68  68  GLU GLU A . n 
A 1 83  ARG 83  69  69  ARG ARG A . n 
A 1 84  VAL 84  70  70  VAL VAL A . n 
A 1 85  ALA 85  71  71  ALA ALA A . n 
A 1 86  ASP 86  72  72  ASP ASP A . n 
A 1 87  PRO 87  73  73  PRO PRO A . n 
A 1 88  VAL 88  74  74  VAL VAL A . n 
A 1 89  THR 89  75  75  THR THR A . n 
A 1 90  ARG 90  76  76  ARG ARG A . n 
A 1 91  THR 91  77  77  THR THR A . n 
A 1 92  VAL 92  78  78  VAL VAL A . n 
A 1 93  ARG 93  79  79  ARG ARG A . n 
A 1 94  ALA 94  80  80  ALA ALA A . n 
A 1 95  GLN 95  81  81  GLN GLN A . n 
A 1 96  ARG 96  82  82  ARG ARG A . n 
A 1 97  VAL 97  83  83  VAL VAL A . n 
A 1 98  GLU 98  84  84  GLU GLU A . n 
A 1 99  THR 99  85  85  THR THR A . n 
A 1 100 GLY 100 86  86  GLY GLY A . n 
A 1 101 PRO 101 87  87  PRO PRO A . n 
A 1 102 PHE 102 88  88  PHE PHE A . n 
A 1 103 GLN 103 89  89  GLN GLN A . n 
A 1 104 TYR 104 90  90  TYR TYR A . n 
A 1 105 MET 105 91  91  MET MET A . n 
A 1 106 ASN 106 92  92  ASN ASN A . n 
A 1 107 ILE 107 93  93  ILE ILE A . n 
A 1 108 VAL 108 94  94  VAL VAL A . n 
A 1 109 TRP 109 95  95  TRP TRP A . n 
A 1 110 GLU 110 96  96  GLU GLU A . n 
A 1 111 TYR 111 97  97  TYR TYR A . n 
A 1 112 ALA 112 98  98  ALA ALA A . n 
A 1 113 GLU 113 99  99  GLU GLU A . n 
A 1 114 THR 114 100 100 THR THR A . n 
A 1 115 ALA 115 101 101 ALA ALA A . n 
A 1 116 GLU 116 102 102 GLU GLU A . n 
A 1 117 GLY 117 103 103 GLY GLY A . n 
A 1 118 THR 118 104 104 THR THR A . n 
A 1 119 VAL 119 105 105 VAL VAL A . n 
A 1 120 MET 120 106 106 MET MET A . n 
A 1 121 ARG 121 107 107 ARG ARG A . n 
A 1 122 TRP 122 108 108 TRP TRP A . n 
A 1 123 THR 123 109 109 THR THR A . n 
A 1 124 GLN 124 110 110 GLN GLN A . n 
A 1 125 ASP 125 111 111 ASP ASP A . n 
A 1 126 PHE 126 112 112 PHE PHE A . n 
A 1 127 ALA 127 113 113 ALA ALA A . n 
A 1 128 MET 128 114 114 MET MET A . n 
A 1 129 LYS 129 115 115 LYS LYS A . n 
A 1 130 PRO 130 116 116 PRO PRO A . n 
A 1 131 ASP 131 117 117 ASP ASP A . n 
A 1 132 ALA 132 118 118 ALA ALA A . n 
A 1 133 PRO 133 119 119 PRO PRO A . n 
A 1 134 VAL 134 120 120 VAL VAL A . n 
A 1 135 ASP 135 121 121 ASP ASP A . n 
A 1 136 ASP 136 122 122 ASP ASP A . n 
A 1 137 ALA 137 123 123 ALA ALA A . n 
A 1 138 TRP 138 124 124 TRP TRP A . n 
A 1 139 MET 139 125 125 MET MET A . n 
A 1 140 THR 140 126 126 THR THR A . n 
A 1 141 ASP 141 127 127 ASP ASP A . n 
A 1 142 ASN 142 128 128 ASN ASN A . n 
A 1 143 ILE 143 129 129 ILE ILE A . n 
A 1 144 ASN 144 130 130 ASN ASN A . n 
A 1 145 ARG 145 131 131 ARG ARG A . n 
A 1 146 ASN 146 132 132 ASN ASN A . n 
A 1 147 SER 147 133 133 SER SER A . n 
A 1 148 ARG 148 134 134 ARG ARG A . n 
A 1 149 THR 149 135 135 THR THR A . n 
A 1 150 GLN 150 136 136 GLN GLN A . n 
A 1 151 MET 151 137 137 MET MET A . n 
A 1 152 ALA 152 138 138 ALA ALA A . n 
A 1 153 LEU 153 139 139 LEU LEU A . n 
A 1 154 ILE 154 140 140 ILE ILE A . n 
A 1 155 ARG 155 141 141 ARG ARG A . n 
A 1 156 ASP 156 142 142 ASP ASP A . n 
A 1 157 ARG 157 143 143 ARG ARG A . n 
A 1 158 ILE 158 144 144 ILE ILE A . n 
A 1 159 GLU 159 145 145 GLU GLU A . n 
A 1 160 GLN 160 146 146 GLN GLN A . n 
A 1 161 ALA 161 147 147 ALA ALA A . n 
A 1 162 ALA 162 148 148 ALA ALA A . n 
A 1 163 GLY 163 149 149 GLY GLY A . n 
A 1 164 GLU 164 150 150 GLU GLU A . n 
A 1 165 ARG 165 151 151 ARG ARG A . n 
A 1 166 ARG 166 152 152 ARG ARG A . n 
A 1 167 THR 167 153 153 THR THR A . n 
A 1 168 ALA 168 154 154 ALA ALA A . n 
A 1 169 SER 169 155 155 SER SER A . n 
A 1 170 VAL 170 156 156 VAL VAL A . n 
A 1 171 LEU 171 157 157 LEU LEU A . n 
A 1 172 ALA 172 158 158 ALA ALA A . n 
A 1 173 ASP 173 159 159 ASP ASP A . n 
# 
loop_
_pdbx_nonpoly_scheme.asym_id 
_pdbx_nonpoly_scheme.entity_id 
_pdbx_nonpoly_scheme.mon_id 
_pdbx_nonpoly_scheme.ndb_seq_num 
_pdbx_nonpoly_scheme.pdb_seq_num 
_pdbx_nonpoly_scheme.auth_seq_num 
_pdbx_nonpoly_scheme.pdb_mon_id 
_pdbx_nonpoly_scheme.auth_mon_id 
_pdbx_nonpoly_scheme.pdb_strand_id 
_pdbx_nonpoly_scheme.pdb_ins_code 
B 2 GOL 1   400 400 GOL GOL A . 
C 3 HOH 1   501 1   HOH HOH A . 
C 3 HOH 2   502 2   HOH HOH A . 
C 3 HOH 3   503 3   HOH HOH A . 
C 3 HOH 4   504 4   HOH HOH A . 
C 3 HOH 5   505 5   HOH HOH A . 
C 3 HOH 6   506 6   HOH HOH A . 
C 3 HOH 7   507 7   HOH HOH A . 
C 3 HOH 8   508 8   HOH HOH A . 
C 3 HOH 9   509 9   HOH HOH A . 
C 3 HOH 10  510 10  HOH HOH A . 
C 3 HOH 11  511 11  HOH HOH A . 
C 3 HOH 12  512 12  HOH HOH A . 
C 3 HOH 13  513 13  HOH HOH A . 
C 3 HOH 14  514 14  HOH HOH A . 
C 3 HOH 15  515 15  HOH HOH A . 
C 3 HOH 16  516 16  HOH HOH A . 
C 3 HOH 17  517 17  HOH HOH A . 
C 3 HOH 18  518 18  HOH HOH A . 
C 3 HOH 19  519 19  HOH HOH A . 
C 3 HOH 20  520 20  HOH HOH A . 
C 3 HOH 21  521 21  HOH HOH A . 
C 3 HOH 22  522 22  HOH HOH A . 
C 3 HOH 23  523 23  HOH HOH A . 
C 3 HOH 24  524 24  HOH HOH A . 
C 3 HOH 25  525 25  HOH HOH A . 
C 3 HOH 26  526 26  HOH HOH A . 
C 3 HOH 27  527 27  HOH HOH A . 
C 3 HOH 28  528 28  HOH HOH A . 
C 3 HOH 29  529 29  HOH HOH A . 
C 3 HOH 30  530 30  HOH HOH A . 
C 3 HOH 31  531 31  HOH HOH A . 
C 3 HOH 32  532 32  HOH HOH A . 
C 3 HOH 33  533 33  HOH HOH A . 
C 3 HOH 34  534 34  HOH HOH A . 
C 3 HOH 35  535 35  HOH HOH A . 
C 3 HOH 36  536 36  HOH HOH A . 
C 3 HOH 37  537 37  HOH HOH A . 
C 3 HOH 38  538 38  HOH HOH A . 
C 3 HOH 39  539 39  HOH HOH A . 
C 3 HOH 40  540 40  HOH HOH A . 
C 3 HOH 41  541 41  HOH HOH A . 
C 3 HOH 42  542 42  HOH HOH A . 
C 3 HOH 43  543 43  HOH HOH A . 
C 3 HOH 44  544 44  HOH HOH A . 
C 3 HOH 45  545 45  HOH HOH A . 
C 3 HOH 46  546 46  HOH HOH A . 
C 3 HOH 47  547 47  HOH HOH A . 
C 3 HOH 48  548 48  HOH HOH A . 
C 3 HOH 49  549 49  HOH HOH A . 
C 3 HOH 50  550 50  HOH HOH A . 
C 3 HOH 51  551 51  HOH HOH A . 
C 3 HOH 52  552 52  HOH HOH A . 
C 3 HOH 53  553 53  HOH HOH A . 
C 3 HOH 54  554 54  HOH HOH A . 
C 3 HOH 55  555 55  HOH HOH A . 
C 3 HOH 56  556 56  HOH HOH A . 
C 3 HOH 57  557 57  HOH HOH A . 
C 3 HOH 58  558 58  HOH HOH A . 
C 3 HOH 59  559 59  HOH HOH A . 
C 3 HOH 60  560 60  HOH HOH A . 
C 3 HOH 61  561 61  HOH HOH A . 
C 3 HOH 62  562 62  HOH HOH A . 
C 3 HOH 63  563 63  HOH HOH A . 
C 3 HOH 64  564 64  HOH HOH A . 
C 3 HOH 65  565 65  HOH HOH A . 
C 3 HOH 66  566 66  HOH HOH A . 
C 3 HOH 67  567 67  HOH HOH A . 
C 3 HOH 68  568 68  HOH HOH A . 
C 3 HOH 69  569 69  HOH HOH A . 
C 3 HOH 70  570 70  HOH HOH A . 
C 3 HOH 71  571 71  HOH HOH A . 
C 3 HOH 72  572 72  HOH HOH A . 
C 3 HOH 73  573 73  HOH HOH A . 
C 3 HOH 74  574 74  HOH HOH A . 
C 3 HOH 75  575 75  HOH HOH A . 
C 3 HOH 76  576 76  HOH HOH A . 
C 3 HOH 77  577 77  HOH HOH A . 
C 3 HOH 78  578 78  HOH HOH A . 
C 3 HOH 79  579 79  HOH HOH A . 
C 3 HOH 80  580 80  HOH HOH A . 
C 3 HOH 81  581 81  HOH HOH A . 
C 3 HOH 82  582 82  HOH HOH A . 
C 3 HOH 83  583 83  HOH HOH A . 
C 3 HOH 84  584 84  HOH HOH A . 
C 3 HOH 85  585 85  HOH HOH A . 
C 3 HOH 86  586 86  HOH HOH A . 
C 3 HOH 87  587 87  HOH HOH A . 
C 3 HOH 88  588 88  HOH HOH A . 
C 3 HOH 89  589 89  HOH HOH A . 
C 3 HOH 90  590 90  HOH HOH A . 
C 3 HOH 91  591 91  HOH HOH A . 
C 3 HOH 92  592 92  HOH HOH A . 
C 3 HOH 93  593 93  HOH HOH A . 
C 3 HOH 94  594 94  HOH HOH A . 
C 3 HOH 95  595 95  HOH HOH A . 
C 3 HOH 96  596 96  HOH HOH A . 
C 3 HOH 97  597 97  HOH HOH A . 
C 3 HOH 98  598 98  HOH HOH A . 
C 3 HOH 99  599 99  HOH HOH A . 
C 3 HOH 100 600 100 HOH HOH A . 
C 3 HOH 101 601 101 HOH HOH A . 
C 3 HOH 102 602 102 HOH HOH A . 
C 3 HOH 103 603 103 HOH HOH A . 
C 3 HOH 104 604 104 HOH HOH A . 
C 3 HOH 105 605 105 HOH HOH A . 
C 3 HOH 106 606 106 HOH HOH A . 
C 3 HOH 107 607 107 HOH HOH A . 
C 3 HOH 108 608 108 HOH HOH A . 
C 3 HOH 109 609 109 HOH HOH A . 
C 3 HOH 110 610 110 HOH HOH A . 
C 3 HOH 111 611 111 HOH HOH A . 
C 3 HOH 112 612 112 HOH HOH A . 
C 3 HOH 113 613 113 HOH HOH A . 
C 3 HOH 114 614 114 HOH HOH A . 
C 3 HOH 115 615 115 HOH HOH A . 
C 3 HOH 116 616 116 HOH HOH A . 
C 3 HOH 117 617 117 HOH HOH A . 
C 3 HOH 118 618 118 HOH HOH A . 
C 3 HOH 119 619 119 HOH HOH A . 
C 3 HOH 120 620 120 HOH HOH A . 
C 3 HOH 121 621 121 HOH HOH A . 
C 3 HOH 122 622 122 HOH HOH A . 
C 3 HOH 123 623 123 HOH HOH A . 
C 3 HOH 124 624 124 HOH HOH A . 
C 3 HOH 125 625 125 HOH HOH A . 
C 3 HOH 126 626 126 HOH HOH A . 
C 3 HOH 127 627 127 HOH HOH A . 
C 3 HOH 128 628 128 HOH HOH A . 
C 3 HOH 129 629 129 HOH HOH A . 
C 3 HOH 130 630 130 HOH HOH A . 
C 3 HOH 131 631 131 HOH HOH A . 
C 3 HOH 132 632 132 HOH HOH A . 
C 3 HOH 133 633 133 HOH HOH A . 
C 3 HOH 134 634 134 HOH HOH A . 
C 3 HOH 135 635 135 HOH HOH A . 
C 3 HOH 136 636 136 HOH HOH A . 
C 3 HOH 137 637 137 HOH HOH A . 
C 3 HOH 138 638 138 HOH HOH A . 
C 3 HOH 139 639 139 HOH HOH A . 
C 3 HOH 140 640 140 HOH HOH A . 
C 3 HOH 141 641 141 HOH HOH A . 
C 3 HOH 142 642 142 HOH HOH A . 
C 3 HOH 143 643 143 HOH HOH A . 
C 3 HOH 144 644 144 HOH HOH A . 
C 3 HOH 145 645 145 HOH HOH A . 
C 3 HOH 146 646 146 HOH HOH A . 
C 3 HOH 147 647 147 HOH HOH A . 
C 3 HOH 148 648 148 HOH HOH A . 
C 3 HOH 149 649 149 HOH HOH A . 
C 3 HOH 150 650 150 HOH HOH A . 
C 3 HOH 151 651 151 HOH HOH A . 
C 3 HOH 152 652 152 HOH HOH A . 
C 3 HOH 153 653 153 HOH HOH A . 
C 3 HOH 154 654 154 HOH HOH A . 
C 3 HOH 155 655 155 HOH HOH A . 
C 3 HOH 156 656 156 HOH HOH A . 
C 3 HOH 157 657 157 HOH HOH A . 
C 3 HOH 158 658 158 HOH HOH A . 
C 3 HOH 159 659 159 HOH HOH A . 
C 3 HOH 160 660 160 HOH HOH A . 
C 3 HOH 161 661 161 HOH HOH A . 
C 3 HOH 162 662 162 HOH HOH A . 
C 3 HOH 163 663 163 HOH HOH A . 
C 3 HOH 164 664 164 HOH HOH A . 
C 3 HOH 165 665 165 HOH HOH A . 
C 3 HOH 166 666 166 HOH HOH A . 
C 3 HOH 167 667 167 HOH HOH A . 
C 3 HOH 168 668 168 HOH HOH A . 
C 3 HOH 169 669 169 HOH HOH A . 
C 3 HOH 170 670 170 HOH HOH A . 
C 3 HOH 171 671 171 HOH HOH A . 
C 3 HOH 172 672 172 HOH HOH A . 
C 3 HOH 173 673 173 HOH HOH A . 
C 3 HOH 174 674 174 HOH HOH A . 
C 3 HOH 175 675 175 HOH HOH A . 
C 3 HOH 176 676 176 HOH HOH A . 
C 3 HOH 177 677 177 HOH HOH A . 
C 3 HOH 178 678 178 HOH HOH A . 
C 3 HOH 179 679 179 HOH HOH A . 
C 3 HOH 180 680 180 HOH HOH A . 
C 3 HOH 181 681 181 HOH HOH A . 
C 3 HOH 182 682 182 HOH HOH A . 
C 3 HOH 183 683 183 HOH HOH A . 
C 3 HOH 184 684 184 HOH HOH A . 
C 3 HOH 185 685 185 HOH HOH A . 
C 3 HOH 186 686 186 HOH HOH A . 
C 3 HOH 187 687 187 HOH HOH A . 
C 3 HOH 188 688 188 HOH HOH A . 
C 3 HOH 189 689 189 HOH HOH A . 
C 3 HOH 190 690 190 HOH HOH A . 
C 3 HOH 191 691 191 HOH HOH A . 
C 3 HOH 192 692 192 HOH HOH A . 
C 3 HOH 193 693 193 HOH HOH A . 
C 3 HOH 194 694 194 HOH HOH A . 
C 3 HOH 195 695 195 HOH HOH A . 
C 3 HOH 196 696 196 HOH HOH A . 
C 3 HOH 197 697 197 HOH HOH A . 
C 3 HOH 198 698 198 HOH HOH A . 
C 3 HOH 199 699 199 HOH HOH A . 
# 
_pdbx_struct_assembly.id                   1 
_pdbx_struct_assembly.details              author_and_software_defined_assembly 
_pdbx_struct_assembly.method_details       PISA 
_pdbx_struct_assembly.oligomeric_details   monomeric 
_pdbx_struct_assembly.oligomeric_count     1 
# 
_pdbx_struct_assembly_gen.assembly_id       1 
_pdbx_struct_assembly_gen.oper_expression   1 
_pdbx_struct_assembly_gen.asym_id_list      A,B,C 
# 
_pdbx_struct_oper_list.id                   1 
_pdbx_struct_oper_list.type                 'identity operation' 
_pdbx_struct_oper_list.name                 1_555 
_pdbx_struct_oper_list.symmetry_operation   x,y,z 
_pdbx_struct_oper_list.matrix[1][1]         1.0000000000 
_pdbx_struct_oper_list.matrix[1][2]         0.0000000000 
_pdbx_struct_oper_list.matrix[1][3]         0.0000000000 
_pdbx_struct_oper_list.vector[1]            0.0000000000 
_pdbx_struct_oper_list.matrix[2][1]         0.0000000000 
_pdbx_struct_oper_list.matrix[2][2]         1.0000000000 
_pdbx_struct_oper_list.matrix[2][3]         0.0000000000 
_pdbx_struct_oper_list.vector[2]            0.0000000000 
_pdbx_struct_oper_list.matrix[3][1]         0.0000000000 
_pdbx_struct_oper_list.matrix[3][2]         0.0000000000 
_pdbx_struct_oper_list.matrix[3][3]         1.0000000000 
_pdbx_struct_oper_list.vector[3]            0.0000000000 
# 
loop_
_pdbx_audit_revision_history.ordinal 
_pdbx_audit_revision_history.data_content_type 
_pdbx_audit_revision_history.major_revision 
_pdbx_audit_revision_history.minor_revision 
_pdbx_audit_revision_history.revision_date 
1 'Structure model' 1 0 2012-04-04 
2 'Structure model' 1 1 2012-04-25 
3 'Structure model' 1 2 2018-06-20 
4 'Structure model' 1 3 2019-07-17 
5 'Structure model' 1 4 2023-09-13 
# 
_pdbx_audit_revision_details.ordinal             1 
_pdbx_audit_revision_details.revision_ordinal    1 
_pdbx_audit_revision_details.data_content_type   'Structure model' 
_pdbx_audit_revision_details.provider            repository 
_pdbx_audit_revision_details.type                'Initial release' 
_pdbx_audit_revision_details.description         ? 
_pdbx_audit_revision_details.details             ? 
# 
loop_
_pdbx_audit_revision_group.ordinal 
_pdbx_audit_revision_group.revision_ordinal 
_pdbx_audit_revision_group.data_content_type 
_pdbx_audit_revision_group.group 
1 2 'Structure model' 'Database references'    
2 3 'Structure model' 'Data collection'        
3 4 'Structure model' 'Data collection'        
4 4 'Structure model' 'Refinement description' 
5 5 'Structure model' 'Data collection'        
6 5 'Structure model' 'Database references'    
7 5 'Structure model' 'Derived calculations'   
8 5 'Structure model' 'Refinement description' 
# 
loop_
_pdbx_audit_revision_category.ordinal 
_pdbx_audit_revision_category.revision_ordinal 
_pdbx_audit_revision_category.data_content_type 
_pdbx_audit_revision_category.category 
1 3 'Structure model' diffrn_radiation              
2 4 'Structure model' software                      
3 5 'Structure model' chem_comp_atom                
4 5 'Structure model' chem_comp_bond                
5 5 'Structure model' database_2                    
6 5 'Structure model' pdbx_initial_refinement_model 
7 5 'Structure model' struct_ref_seq_dif            
8 5 'Structure model' struct_site                   
# 
loop_
_pdbx_audit_revision_item.ordinal 
_pdbx_audit_revision_item.revision_ordinal 
_pdbx_audit_revision_item.data_content_type 
_pdbx_audit_revision_item.item 
1  3 'Structure model' '_diffrn_radiation.pdbx_diffrn_protocol' 
2  3 'Structure model' '_diffrn_radiation.pdbx_scattering_type' 
3  4 'Structure model' '_software.classification'               
4  4 'Structure model' '_software.name'                         
5  4 'Structure model' '_software.version'                      
6  5 'Structure model' '_database_2.pdbx_DOI'                   
7  5 'Structure model' '_database_2.pdbx_database_accession'    
8  5 'Structure model' '_struct_ref_seq_dif.details'            
9  5 'Structure model' '_struct_site.pdbx_auth_asym_id'         
10 5 'Structure model' '_struct_site.pdbx_auth_comp_id'         
11 5 'Structure model' '_struct_site.pdbx_auth_seq_id'          
# 
loop_
_software.name 
_software.classification 
_software.version 
_software.citation_id 
_software.pdbx_ordinal 
_software.date 
_software.type 
_software.location 
_software.language 
REFMAC   refinement        5.6.0117                     ? 1 ? ? ? ? 
PHASER   phasing           .                            ? 2 ? ? ? ? 
PHENIX   refinement        '(phenix.refine: 1.7.1_743)' ? 3 ? ? ? ? 
HKL-2000 'data reduction'  .                            ? 4 ? ? ? ? 
HKL-2000 'data scaling'    .                            ? 5 ? ? ? ? 
HKL-2000 'data collection' .                            ? 6 ? ? ? ? 
# 
loop_
_pdbx_validate_close_contact.id 
_pdbx_validate_close_contact.PDB_model_num 
_pdbx_validate_close_contact.auth_atom_id_1 
_pdbx_validate_close_contact.auth_asym_id_1 
_pdbx_validate_close_contact.auth_comp_id_1 
_pdbx_validate_close_contact.auth_seq_id_1 
_pdbx_validate_close_contact.PDB_ins_code_1 
_pdbx_validate_close_contact.label_alt_id_1 
_pdbx_validate_close_contact.auth_atom_id_2 
_pdbx_validate_close_contact.auth_asym_id_2 
_pdbx_validate_close_contact.auth_comp_id_2 
_pdbx_validate_close_contact.auth_seq_id_2 
_pdbx_validate_close_contact.PDB_ins_code_2 
_pdbx_validate_close_contact.label_alt_id_2 
_pdbx_validate_close_contact.dist 
1 1 O A HOH 685 ? ? O A HOH 689 ? ? 1.88 
2 1 O A HOH 591 ? ? O A HOH 688 ? ? 2.06 
# 
loop_
_pdbx_validate_symm_contact.id 
_pdbx_validate_symm_contact.PDB_model_num 
_pdbx_validate_symm_contact.auth_atom_id_1 
_pdbx_validate_symm_contact.auth_asym_id_1 
_pdbx_validate_symm_contact.auth_comp_id_1 
_pdbx_validate_symm_contact.auth_seq_id_1 
_pdbx_validate_symm_contact.PDB_ins_code_1 
_pdbx_validate_symm_contact.label_alt_id_1 
_pdbx_validate_symm_contact.site_symmetry_1 
_pdbx_validate_symm_contact.auth_atom_id_2 
_pdbx_validate_symm_contact.auth_asym_id_2 
_pdbx_validate_symm_contact.auth_comp_id_2 
_pdbx_validate_symm_contact.auth_seq_id_2 
_pdbx_validate_symm_contact.PDB_ins_code_2 
_pdbx_validate_symm_contact.label_alt_id_2 
_pdbx_validate_symm_contact.site_symmetry_2 
_pdbx_validate_symm_contact.dist 
1 1 O A HOH 608 ? ? 1_555 O A HOH 612 ? ? 2_446 2.07 
2 1 O A HOH 603 ? ? 1_555 O A HOH 611 ? ? 2_557 2.08 
3 1 O A HOH 599 ? ? 1_555 O A HOH 608 ? ? 2_457 2.10 
# 
loop_
_pdbx_validate_rmsd_bond.id 
_pdbx_validate_rmsd_bond.PDB_model_num 
_pdbx_validate_rmsd_bond.auth_atom_id_1 
_pdbx_validate_rmsd_bond.auth_asym_id_1 
_pdbx_validate_rmsd_bond.auth_comp_id_1 
_pdbx_validate_rmsd_bond.auth_seq_id_1 
_pdbx_validate_rmsd_bond.PDB_ins_code_1 
_pdbx_validate_rmsd_bond.label_alt_id_1 
_pdbx_validate_rmsd_bond.auth_atom_id_2 
_pdbx_validate_rmsd_bond.auth_asym_id_2 
_pdbx_validate_rmsd_bond.auth_comp_id_2 
_pdbx_validate_rmsd_bond.auth_seq_id_2 
_pdbx_validate_rmsd_bond.PDB_ins_code_2 
_pdbx_validate_rmsd_bond.label_alt_id_2 
_pdbx_validate_rmsd_bond.bond_value 
_pdbx_validate_rmsd_bond.bond_target_value 
_pdbx_validate_rmsd_bond.bond_deviation 
_pdbx_validate_rmsd_bond.bond_standard_deviation 
_pdbx_validate_rmsd_bond.linker_flag 
1 1 CG  A HIS -13 ? ? CD2 A HIS -13 ? ? 1.425 1.354 0.071 0.009 N 
2 1 CG  A HIS -10 ? ? CD2 A HIS -10 ? ? 1.422 1.354 0.068 0.009 N 
3 1 CG  A HIS 55  ? ? CD2 A HIS 55  ? ? 1.418 1.354 0.064 0.009 N 
4 1 CE2 A TRP 63  ? ? CD2 A TRP 63  ? ? 1.482 1.409 0.073 0.012 N 
# 
loop_
_pdbx_validate_rmsd_angle.id 
_pdbx_validate_rmsd_angle.PDB_model_num 
_pdbx_validate_rmsd_angle.auth_atom_id_1 
_pdbx_validate_rmsd_angle.auth_asym_id_1 
_pdbx_validate_rmsd_angle.auth_comp_id_1 
_pdbx_validate_rmsd_angle.auth_seq_id_1 
_pdbx_validate_rmsd_angle.PDB_ins_code_1 
_pdbx_validate_rmsd_angle.label_alt_id_1 
_pdbx_validate_rmsd_angle.auth_atom_id_2 
_pdbx_validate_rmsd_angle.auth_asym_id_2 
_pdbx_validate_rmsd_angle.auth_comp_id_2 
_pdbx_validate_rmsd_angle.auth_seq_id_2 
_pdbx_validate_rmsd_angle.PDB_ins_code_2 
_pdbx_validate_rmsd_angle.label_alt_id_2 
_pdbx_validate_rmsd_angle.auth_atom_id_3 
_pdbx_validate_rmsd_angle.auth_asym_id_3 
_pdbx_validate_rmsd_angle.auth_comp_id_3 
_pdbx_validate_rmsd_angle.auth_seq_id_3 
_pdbx_validate_rmsd_angle.PDB_ins_code_3 
_pdbx_validate_rmsd_angle.label_alt_id_3 
_pdbx_validate_rmsd_angle.angle_value 
_pdbx_validate_rmsd_angle.angle_target_value 
_pdbx_validate_rmsd_angle.angle_deviation 
_pdbx_validate_rmsd_angle.angle_standard_deviation 
_pdbx_validate_rmsd_angle.linker_flag 
1 1 NE A ARG 76 ? ? CZ A ARG 76 ? ? NH1 A ARG 76 ? ? 123.90 120.30 3.60  0.50 N 
2 1 NE A ARG 76 ? ? CZ A ARG 76 ? ? NH2 A ARG 76 ? ? 116.69 120.30 -3.61 0.50 N 
# 
loop_
_pdbx_validate_torsion.id 
_pdbx_validate_torsion.PDB_model_num 
_pdbx_validate_torsion.auth_comp_id 
_pdbx_validate_torsion.auth_asym_id 
_pdbx_validate_torsion.auth_seq_id 
_pdbx_validate_torsion.PDB_ins_code 
_pdbx_validate_torsion.label_alt_id 
_pdbx_validate_torsion.phi 
_pdbx_validate_torsion.psi 
1 1 HIS A -12 ? ? 65.79 -13.96  
2 1 ASP A 45  ? ? 65.53 -115.89 
# 
loop_
_pdbx_unobs_or_zero_occ_atoms.id 
_pdbx_unobs_or_zero_occ_atoms.PDB_model_num 
_pdbx_unobs_or_zero_occ_atoms.polymer_flag 
_pdbx_unobs_or_zero_occ_atoms.occupancy_flag 
_pdbx_unobs_or_zero_occ_atoms.auth_asym_id 
_pdbx_unobs_or_zero_occ_atoms.auth_comp_id 
_pdbx_unobs_or_zero_occ_atoms.auth_seq_id 
_pdbx_unobs_or_zero_occ_atoms.PDB_ins_code 
_pdbx_unobs_or_zero_occ_atoms.auth_atom_id 
_pdbx_unobs_or_zero_occ_atoms.label_alt_id 
_pdbx_unobs_or_zero_occ_atoms.label_asym_id 
_pdbx_unobs_or_zero_occ_atoms.label_comp_id 
_pdbx_unobs_or_zero_occ_atoms.label_seq_id 
_pdbx_unobs_or_zero_occ_atoms.label_atom_id 
1 1 Y 1 A HIS -12 ? CG  ? A HIS 2  CG  
2 1 Y 1 A HIS -12 ? ND1 ? A HIS 2  ND1 
3 1 Y 1 A HIS -12 ? CD2 ? A HIS 2  CD2 
4 1 Y 1 A HIS -12 ? CE1 ? A HIS 2  CE1 
5 1 Y 1 A HIS -12 ? NE2 ? A HIS 2  NE2 
6 1 Y 1 A LYS 47  ? CE  ? A LYS 61 CE  
# 
_pdbx_unobs_or_zero_occ_residues.id               1 
_pdbx_unobs_or_zero_occ_residues.PDB_model_num    1 
_pdbx_unobs_or_zero_occ_residues.polymer_flag     Y 
_pdbx_unobs_or_zero_occ_residues.occupancy_flag   1 
_pdbx_unobs_or_zero_occ_residues.auth_asym_id     A 
_pdbx_unobs_or_zero_occ_residues.auth_comp_id     SER 
_pdbx_unobs_or_zero_occ_residues.auth_seq_id      -1 
_pdbx_unobs_or_zero_occ_residues.PDB_ins_code     ? 
_pdbx_unobs_or_zero_occ_residues.label_asym_id    A 
_pdbx_unobs_or_zero_occ_residues.label_comp_id    SER 
_pdbx_unobs_or_zero_occ_residues.label_seq_id     13 
# 
loop_
_chem_comp_atom.comp_id 
_chem_comp_atom.atom_id 
_chem_comp_atom.type_symbol 
_chem_comp_atom.pdbx_aromatic_flag 
_chem_comp_atom.pdbx_stereo_config 
_chem_comp_atom.pdbx_ordinal 
ALA N    N N N 1   
ALA CA   C N S 2   
ALA C    C N N 3   
ALA O    O N N 4   
ALA CB   C N N 5   
ALA OXT  O N N 6   
ALA H    H N N 7   
ALA H2   H N N 8   
ALA HA   H N N 9   
ALA HB1  H N N 10  
ALA HB2  H N N 11  
ALA HB3  H N N 12  
ALA HXT  H N N 13  
ARG N    N N N 14  
ARG CA   C N S 15  
ARG C    C N N 16  
ARG O    O N N 17  
ARG CB   C N N 18  
ARG CG   C N N 19  
ARG CD   C N N 20  
ARG NE   N N N 21  
ARG CZ   C N N 22  
ARG NH1  N N N 23  
ARG NH2  N N N 24  
ARG OXT  O N N 25  
ARG H    H N N 26  
ARG H2   H N N 27  
ARG HA   H N N 28  
ARG HB2  H N N 29  
ARG HB3  H N N 30  
ARG HG2  H N N 31  
ARG HG3  H N N 32  
ARG HD2  H N N 33  
ARG HD3  H N N 34  
ARG HE   H N N 35  
ARG HH11 H N N 36  
ARG HH12 H N N 37  
ARG HH21 H N N 38  
ARG HH22 H N N 39  
ARG HXT  H N N 40  
ASN N    N N N 41  
ASN CA   C N S 42  
ASN C    C N N 43  
ASN O    O N N 44  
ASN CB   C N N 45  
ASN CG   C N N 46  
ASN OD1  O N N 47  
ASN ND2  N N N 48  
ASN OXT  O N N 49  
ASN H    H N N 50  
ASN H2   H N N 51  
ASN HA   H N N 52  
ASN HB2  H N N 53  
ASN HB3  H N N 54  
ASN HD21 H N N 55  
ASN HD22 H N N 56  
ASN HXT  H N N 57  
ASP N    N N N 58  
ASP CA   C N S 59  
ASP C    C N N 60  
ASP O    O N N 61  
ASP CB   C N N 62  
ASP CG   C N N 63  
ASP OD1  O N N 64  
ASP OD2  O N N 65  
ASP OXT  O N N 66  
ASP H    H N N 67  
ASP H2   H N N 68  
ASP HA   H N N 69  
ASP HB2  H N N 70  
ASP HB3  H N N 71  
ASP HD2  H N N 72  
ASP HXT  H N N 73  
GLN N    N N N 74  
GLN CA   C N S 75  
GLN C    C N N 76  
GLN O    O N N 77  
GLN CB   C N N 78  
GLN CG   C N N 79  
GLN CD   C N N 80  
GLN OE1  O N N 81  
GLN NE2  N N N 82  
GLN OXT  O N N 83  
GLN H    H N N 84  
GLN H2   H N N 85  
GLN HA   H N N 86  
GLN HB2  H N N 87  
GLN HB3  H N N 88  
GLN HG2  H N N 89  
GLN HG3  H N N 90  
GLN HE21 H N N 91  
GLN HE22 H N N 92  
GLN HXT  H N N 93  
GLU N    N N N 94  
GLU CA   C N S 95  
GLU C    C N N 96  
GLU O    O N N 97  
GLU CB   C N N 98  
GLU CG   C N N 99  
GLU CD   C N N 100 
GLU OE1  O N N 101 
GLU OE2  O N N 102 
GLU OXT  O N N 103 
GLU H    H N N 104 
GLU H2   H N N 105 
GLU HA   H N N 106 
GLU HB2  H N N 107 
GLU HB3  H N N 108 
GLU HG2  H N N 109 
GLU HG3  H N N 110 
GLU HE2  H N N 111 
GLU HXT  H N N 112 
GLY N    N N N 113 
GLY CA   C N N 114 
GLY C    C N N 115 
GLY O    O N N 116 
GLY OXT  O N N 117 
GLY H    H N N 118 
GLY H2   H N N 119 
GLY HA2  H N N 120 
GLY HA3  H N N 121 
GLY HXT  H N N 122 
GOL C1   C N N 123 
GOL O1   O N N 124 
GOL C2   C N N 125 
GOL O2   O N N 126 
GOL C3   C N N 127 
GOL O3   O N N 128 
GOL H11  H N N 129 
GOL H12  H N N 130 
GOL HO1  H N N 131 
GOL H2   H N N 132 
GOL HO2  H N N 133 
GOL H31  H N N 134 
GOL H32  H N N 135 
GOL HO3  H N N 136 
HIS N    N N N 137 
HIS CA   C N S 138 
HIS C    C N N 139 
HIS O    O N N 140 
HIS CB   C N N 141 
HIS CG   C Y N 142 
HIS ND1  N Y N 143 
HIS CD2  C Y N 144 
HIS CE1  C Y N 145 
HIS NE2  N Y N 146 
HIS OXT  O N N 147 
HIS H    H N N 148 
HIS H2   H N N 149 
HIS HA   H N N 150 
HIS HB2  H N N 151 
HIS HB3  H N N 152 
HIS HD1  H N N 153 
HIS HD2  H N N 154 
HIS HE1  H N N 155 
HIS HE2  H N N 156 
HIS HXT  H N N 157 
HOH O    O N N 158 
HOH H1   H N N 159 
HOH H2   H N N 160 
ILE N    N N N 161 
ILE CA   C N S 162 
ILE C    C N N 163 
ILE O    O N N 164 
ILE CB   C N S 165 
ILE CG1  C N N 166 
ILE CG2  C N N 167 
ILE CD1  C N N 168 
ILE OXT  O N N 169 
ILE H    H N N 170 
ILE H2   H N N 171 
ILE HA   H N N 172 
ILE HB   H N N 173 
ILE HG12 H N N 174 
ILE HG13 H N N 175 
ILE HG21 H N N 176 
ILE HG22 H N N 177 
ILE HG23 H N N 178 
ILE HD11 H N N 179 
ILE HD12 H N N 180 
ILE HD13 H N N 181 
ILE HXT  H N N 182 
LEU N    N N N 183 
LEU CA   C N S 184 
LEU C    C N N 185 
LEU O    O N N 186 
LEU CB   C N N 187 
LEU CG   C N N 188 
LEU CD1  C N N 189 
LEU CD2  C N N 190 
LEU OXT  O N N 191 
LEU H    H N N 192 
LEU H2   H N N 193 
LEU HA   H N N 194 
LEU HB2  H N N 195 
LEU HB3  H N N 196 
LEU HG   H N N 197 
LEU HD11 H N N 198 
LEU HD12 H N N 199 
LEU HD13 H N N 200 
LEU HD21 H N N 201 
LEU HD22 H N N 202 
LEU HD23 H N N 203 
LEU HXT  H N N 204 
LYS N    N N N 205 
LYS CA   C N S 206 
LYS C    C N N 207 
LYS O    O N N 208 
LYS CB   C N N 209 
LYS CG   C N N 210 
LYS CD   C N N 211 
LYS CE   C N N 212 
LYS NZ   N N N 213 
LYS OXT  O N N 214 
LYS H    H N N 215 
LYS H2   H N N 216 
LYS HA   H N N 217 
LYS HB2  H N N 218 
LYS HB3  H N N 219 
LYS HG2  H N N 220 
LYS HG3  H N N 221 
LYS HD2  H N N 222 
LYS HD3  H N N 223 
LYS HE2  H N N 224 
LYS HE3  H N N 225 
LYS HZ1  H N N 226 
LYS HZ2  H N N 227 
LYS HZ3  H N N 228 
LYS HXT  H N N 229 
MET N    N N N 230 
MET CA   C N S 231 
MET C    C N N 232 
MET O    O N N 233 
MET CB   C N N 234 
MET CG   C N N 235 
MET SD   S N N 236 
MET CE   C N N 237 
MET OXT  O N N 238 
MET H    H N N 239 
MET H2   H N N 240 
MET HA   H N N 241 
MET HB2  H N N 242 
MET HB3  H N N 243 
MET HG2  H N N 244 
MET HG3  H N N 245 
MET HE1  H N N 246 
MET HE2  H N N 247 
MET HE3  H N N 248 
MET HXT  H N N 249 
PHE N    N N N 250 
PHE CA   C N S 251 
PHE C    C N N 252 
PHE O    O N N 253 
PHE CB   C N N 254 
PHE CG   C Y N 255 
PHE CD1  C Y N 256 
PHE CD2  C Y N 257 
PHE CE1  C Y N 258 
PHE CE2  C Y N 259 
PHE CZ   C Y N 260 
PHE OXT  O N N 261 
PHE H    H N N 262 
PHE H2   H N N 263 
PHE HA   H N N 264 
PHE HB2  H N N 265 
PHE HB3  H N N 266 
PHE HD1  H N N 267 
PHE HD2  H N N 268 
PHE HE1  H N N 269 
PHE HE2  H N N 270 
PHE HZ   H N N 271 
PHE HXT  H N N 272 
PRO N    N N N 273 
PRO CA   C N S 274 
PRO C    C N N 275 
PRO O    O N N 276 
PRO CB   C N N 277 
PRO CG   C N N 278 
PRO CD   C N N 279 
PRO OXT  O N N 280 
PRO H    H N N 281 
PRO HA   H N N 282 
PRO HB2  H N N 283 
PRO HB3  H N N 284 
PRO HG2  H N N 285 
PRO HG3  H N N 286 
PRO HD2  H N N 287 
PRO HD3  H N N 288 
PRO HXT  H N N 289 
SER N    N N N 290 
SER CA   C N S 291 
SER C    C N N 292 
SER O    O N N 293 
SER CB   C N N 294 
SER OG   O N N 295 
SER OXT  O N N 296 
SER H    H N N 297 
SER H2   H N N 298 
SER HA   H N N 299 
SER HB2  H N N 300 
SER HB3  H N N 301 
SER HG   H N N 302 
SER HXT  H N N 303 
THR N    N N N 304 
THR CA   C N S 305 
THR C    C N N 306 
THR O    O N N 307 
THR CB   C N R 308 
THR OG1  O N N 309 
THR CG2  C N N 310 
THR OXT  O N N 311 
THR H    H N N 312 
THR H2   H N N 313 
THR HA   H N N 314 
THR HB   H N N 315 
THR HG1  H N N 316 
THR HG21 H N N 317 
THR HG22 H N N 318 
THR HG23 H N N 319 
THR HXT  H N N 320 
TRP N    N N N 321 
TRP CA   C N S 322 
TRP C    C N N 323 
TRP O    O N N 324 
TRP CB   C N N 325 
TRP CG   C Y N 326 
TRP CD1  C Y N 327 
TRP CD2  C Y N 328 
TRP NE1  N Y N 329 
TRP CE2  C Y N 330 
TRP CE3  C Y N 331 
TRP CZ2  C Y N 332 
TRP CZ3  C Y N 333 
TRP CH2  C Y N 334 
TRP OXT  O N N 335 
TRP H    H N N 336 
TRP H2   H N N 337 
TRP HA   H N N 338 
TRP HB2  H N N 339 
TRP HB3  H N N 340 
TRP HD1  H N N 341 
TRP HE1  H N N 342 
TRP HE3  H N N 343 
TRP HZ2  H N N 344 
TRP HZ3  H N N 345 
TRP HH2  H N N 346 
TRP HXT  H N N 347 
TYR N    N N N 348 
TYR CA   C N S 349 
TYR C    C N N 350 
TYR O    O N N 351 
TYR CB   C N N 352 
TYR CG   C Y N 353 
TYR CD1  C Y N 354 
TYR CD2  C Y N 355 
TYR CE1  C Y N 356 
TYR CE2  C Y N 357 
TYR CZ   C Y N 358 
TYR OH   O N N 359 
TYR OXT  O N N 360 
TYR H    H N N 361 
TYR H2   H N N 362 
TYR HA   H N N 363 
TYR HB2  H N N 364 
TYR HB3  H N N 365 
TYR HD1  H N N 366 
TYR HD2  H N N 367 
TYR HE1  H N N 368 
TYR HE2  H N N 369 
TYR HH   H N N 370 
TYR HXT  H N N 371 
VAL N    N N N 372 
VAL CA   C N S 373 
VAL C    C N N 374 
VAL O    O N N 375 
VAL CB   C N N 376 
VAL CG1  C N N 377 
VAL CG2  C N N 378 
VAL OXT  O N N 379 
VAL H    H N N 380 
VAL H2   H N N 381 
VAL HA   H N N 382 
VAL HB   H N N 383 
VAL HG11 H N N 384 
VAL HG12 H N N 385 
VAL HG13 H N N 386 
VAL HG21 H N N 387 
VAL HG22 H N N 388 
VAL HG23 H N N 389 
VAL HXT  H N N 390 
# 
loop_
_chem_comp_bond.comp_id 
_chem_comp_bond.atom_id_1 
_chem_comp_bond.atom_id_2 
_chem_comp_bond.value_order 
_chem_comp_bond.pdbx_aromatic_flag 
_chem_comp_bond.pdbx_stereo_config 
_chem_comp_bond.pdbx_ordinal 
ALA N   CA   sing N N 1   
ALA N   H    sing N N 2   
ALA N   H2   sing N N 3   
ALA CA  C    sing N N 4   
ALA CA  CB   sing N N 5   
ALA CA  HA   sing N N 6   
ALA C   O    doub N N 7   
ALA C   OXT  sing N N 8   
ALA CB  HB1  sing N N 9   
ALA CB  HB2  sing N N 10  
ALA CB  HB3  sing N N 11  
ALA OXT HXT  sing N N 12  
ARG N   CA   sing N N 13  
ARG N   H    sing N N 14  
ARG N   H2   sing N N 15  
ARG CA  C    sing N N 16  
ARG CA  CB   sing N N 17  
ARG CA  HA   sing N N 18  
ARG C   O    doub N N 19  
ARG C   OXT  sing N N 20  
ARG CB  CG   sing N N 21  
ARG CB  HB2  sing N N 22  
ARG CB  HB3  sing N N 23  
ARG CG  CD   sing N N 24  
ARG CG  HG2  sing N N 25  
ARG CG  HG3  sing N N 26  
ARG CD  NE   sing N N 27  
ARG CD  HD2  sing N N 28  
ARG CD  HD3  sing N N 29  
ARG NE  CZ   sing N N 30  
ARG NE  HE   sing N N 31  
ARG CZ  NH1  sing N N 32  
ARG CZ  NH2  doub N N 33  
ARG NH1 HH11 sing N N 34  
ARG NH1 HH12 sing N N 35  
ARG NH2 HH21 sing N N 36  
ARG NH2 HH22 sing N N 37  
ARG OXT HXT  sing N N 38  
ASN N   CA   sing N N 39  
ASN N   H    sing N N 40  
ASN N   H2   sing N N 41  
ASN CA  C    sing N N 42  
ASN CA  CB   sing N N 43  
ASN CA  HA   sing N N 44  
ASN C   O    doub N N 45  
ASN C   OXT  sing N N 46  
ASN CB  CG   sing N N 47  
ASN CB  HB2  sing N N 48  
ASN CB  HB3  sing N N 49  
ASN CG  OD1  doub N N 50  
ASN CG  ND2  sing N N 51  
ASN ND2 HD21 sing N N 52  
ASN ND2 HD22 sing N N 53  
ASN OXT HXT  sing N N 54  
ASP N   CA   sing N N 55  
ASP N   H    sing N N 56  
ASP N   H2   sing N N 57  
ASP CA  C    sing N N 58  
ASP CA  CB   sing N N 59  
ASP CA  HA   sing N N 60  
ASP C   O    doub N N 61  
ASP C   OXT  sing N N 62  
ASP CB  CG   sing N N 63  
ASP CB  HB2  sing N N 64  
ASP CB  HB3  sing N N 65  
ASP CG  OD1  doub N N 66  
ASP CG  OD2  sing N N 67  
ASP OD2 HD2  sing N N 68  
ASP OXT HXT  sing N N 69  
GLN N   CA   sing N N 70  
GLN N   H    sing N N 71  
GLN N   H2   sing N N 72  
GLN CA  C    sing N N 73  
GLN CA  CB   sing N N 74  
GLN CA  HA   sing N N 75  
GLN C   O    doub N N 76  
GLN C   OXT  sing N N 77  
GLN CB  CG   sing N N 78  
GLN CB  HB2  sing N N 79  
GLN CB  HB3  sing N N 80  
GLN CG  CD   sing N N 81  
GLN CG  HG2  sing N N 82  
GLN CG  HG3  sing N N 83  
GLN CD  OE1  doub N N 84  
GLN CD  NE2  sing N N 85  
GLN NE2 HE21 sing N N 86  
GLN NE2 HE22 sing N N 87  
GLN OXT HXT  sing N N 88  
GLU N   CA   sing N N 89  
GLU N   H    sing N N 90  
GLU N   H2   sing N N 91  
GLU CA  C    sing N N 92  
GLU CA  CB   sing N N 93  
GLU CA  HA   sing N N 94  
GLU C   O    doub N N 95  
GLU C   OXT  sing N N 96  
GLU CB  CG   sing N N 97  
GLU CB  HB2  sing N N 98  
GLU CB  HB3  sing N N 99  
GLU CG  CD   sing N N 100 
GLU CG  HG2  sing N N 101 
GLU CG  HG3  sing N N 102 
GLU CD  OE1  doub N N 103 
GLU CD  OE2  sing N N 104 
GLU OE2 HE2  sing N N 105 
GLU OXT HXT  sing N N 106 
GLY N   CA   sing N N 107 
GLY N   H    sing N N 108 
GLY N   H2   sing N N 109 
GLY CA  C    sing N N 110 
GLY CA  HA2  sing N N 111 
GLY CA  HA3  sing N N 112 
GLY C   O    doub N N 113 
GLY C   OXT  sing N N 114 
GLY OXT HXT  sing N N 115 
GOL C1  O1   sing N N 116 
GOL C1  C2   sing N N 117 
GOL C1  H11  sing N N 118 
GOL C1  H12  sing N N 119 
GOL O1  HO1  sing N N 120 
GOL C2  O2   sing N N 121 
GOL C2  C3   sing N N 122 
GOL C2  H2   sing N N 123 
GOL O2  HO2  sing N N 124 
GOL C3  O3   sing N N 125 
GOL C3  H31  sing N N 126 
GOL C3  H32  sing N N 127 
GOL O3  HO3  sing N N 128 
HIS N   CA   sing N N 129 
HIS N   H    sing N N 130 
HIS N   H2   sing N N 131 
HIS CA  C    sing N N 132 
HIS CA  CB   sing N N 133 
HIS CA  HA   sing N N 134 
HIS C   O    doub N N 135 
HIS C   OXT  sing N N 136 
HIS CB  CG   sing N N 137 
HIS CB  HB2  sing N N 138 
HIS CB  HB3  sing N N 139 
HIS CG  ND1  sing Y N 140 
HIS CG  CD2  doub Y N 141 
HIS ND1 CE1  doub Y N 142 
HIS ND1 HD1  sing N N 143 
HIS CD2 NE2  sing Y N 144 
HIS CD2 HD2  sing N N 145 
HIS CE1 NE2  sing Y N 146 
HIS CE1 HE1  sing N N 147 
HIS NE2 HE2  sing N N 148 
HIS OXT HXT  sing N N 149 
HOH O   H1   sing N N 150 
HOH O   H2   sing N N 151 
ILE N   CA   sing N N 152 
ILE N   H    sing N N 153 
ILE N   H2   sing N N 154 
ILE CA  C    sing N N 155 
ILE CA  CB   sing N N 156 
ILE CA  HA   sing N N 157 
ILE C   O    doub N N 158 
ILE C   OXT  sing N N 159 
ILE CB  CG1  sing N N 160 
ILE CB  CG2  sing N N 161 
ILE CB  HB   sing N N 162 
ILE CG1 CD1  sing N N 163 
ILE CG1 HG12 sing N N 164 
ILE CG1 HG13 sing N N 165 
ILE CG2 HG21 sing N N 166 
ILE CG2 HG22 sing N N 167 
ILE CG2 HG23 sing N N 168 
ILE CD1 HD11 sing N N 169 
ILE CD1 HD12 sing N N 170 
ILE CD1 HD13 sing N N 171 
ILE OXT HXT  sing N N 172 
LEU N   CA   sing N N 173 
LEU N   H    sing N N 174 
LEU N   H2   sing N N 175 
LEU CA  C    sing N N 176 
LEU CA  CB   sing N N 177 
LEU CA  HA   sing N N 178 
LEU C   O    doub N N 179 
LEU C   OXT  sing N N 180 
LEU CB  CG   sing N N 181 
LEU CB  HB2  sing N N 182 
LEU CB  HB3  sing N N 183 
LEU CG  CD1  sing N N 184 
LEU CG  CD2  sing N N 185 
LEU CG  HG   sing N N 186 
LEU CD1 HD11 sing N N 187 
LEU CD1 HD12 sing N N 188 
LEU CD1 HD13 sing N N 189 
LEU CD2 HD21 sing N N 190 
LEU CD2 HD22 sing N N 191 
LEU CD2 HD23 sing N N 192 
LEU OXT HXT  sing N N 193 
LYS N   CA   sing N N 194 
LYS N   H    sing N N 195 
LYS N   H2   sing N N 196 
LYS CA  C    sing N N 197 
LYS CA  CB   sing N N 198 
LYS CA  HA   sing N N 199 
LYS C   O    doub N N 200 
LYS C   OXT  sing N N 201 
LYS CB  CG   sing N N 202 
LYS CB  HB2  sing N N 203 
LYS CB  HB3  sing N N 204 
LYS CG  CD   sing N N 205 
LYS CG  HG2  sing N N 206 
LYS CG  HG3  sing N N 207 
LYS CD  CE   sing N N 208 
LYS CD  HD2  sing N N 209 
LYS CD  HD3  sing N N 210 
LYS CE  NZ   sing N N 211 
LYS CE  HE2  sing N N 212 
LYS CE  HE3  sing N N 213 
LYS NZ  HZ1  sing N N 214 
LYS NZ  HZ2  sing N N 215 
LYS NZ  HZ3  sing N N 216 
LYS OXT HXT  sing N N 217 
MET N   CA   sing N N 218 
MET N   H    sing N N 219 
MET N   H2   sing N N 220 
MET CA  C    sing N N 221 
MET CA  CB   sing N N 222 
MET CA  HA   sing N N 223 
MET C   O    doub N N 224 
MET C   OXT  sing N N 225 
MET CB  CG   sing N N 226 
MET CB  HB2  sing N N 227 
MET CB  HB3  sing N N 228 
MET CG  SD   sing N N 229 
MET CG  HG2  sing N N 230 
MET CG  HG3  sing N N 231 
MET SD  CE   sing N N 232 
MET CE  HE1  sing N N 233 
MET CE  HE2  sing N N 234 
MET CE  HE3  sing N N 235 
MET OXT HXT  sing N N 236 
PHE N   CA   sing N N 237 
PHE N   H    sing N N 238 
PHE N   H2   sing N N 239 
PHE CA  C    sing N N 240 
PHE CA  CB   sing N N 241 
PHE CA  HA   sing N N 242 
PHE C   O    doub N N 243 
PHE C   OXT  sing N N 244 
PHE CB  CG   sing N N 245 
PHE CB  HB2  sing N N 246 
PHE CB  HB3  sing N N 247 
PHE CG  CD1  doub Y N 248 
PHE CG  CD2  sing Y N 249 
PHE CD1 CE1  sing Y N 250 
PHE CD1 HD1  sing N N 251 
PHE CD2 CE2  doub Y N 252 
PHE CD2 HD2  sing N N 253 
PHE CE1 CZ   doub Y N 254 
PHE CE1 HE1  sing N N 255 
PHE CE2 CZ   sing Y N 256 
PHE CE2 HE2  sing N N 257 
PHE CZ  HZ   sing N N 258 
PHE OXT HXT  sing N N 259 
PRO N   CA   sing N N 260 
PRO N   CD   sing N N 261 
PRO N   H    sing N N 262 
PRO CA  C    sing N N 263 
PRO CA  CB   sing N N 264 
PRO CA  HA   sing N N 265 
PRO C   O    doub N N 266 
PRO C   OXT  sing N N 267 
PRO CB  CG   sing N N 268 
PRO CB  HB2  sing N N 269 
PRO CB  HB3  sing N N 270 
PRO CG  CD   sing N N 271 
PRO CG  HG2  sing N N 272 
PRO CG  HG3  sing N N 273 
PRO CD  HD2  sing N N 274 
PRO CD  HD3  sing N N 275 
PRO OXT HXT  sing N N 276 
SER N   CA   sing N N 277 
SER N   H    sing N N 278 
SER N   H2   sing N N 279 
SER CA  C    sing N N 280 
SER CA  CB   sing N N 281 
SER CA  HA   sing N N 282 
SER C   O    doub N N 283 
SER C   OXT  sing N N 284 
SER CB  OG   sing N N 285 
SER CB  HB2  sing N N 286 
SER CB  HB3  sing N N 287 
SER OG  HG   sing N N 288 
SER OXT HXT  sing N N 289 
THR N   CA   sing N N 290 
THR N   H    sing N N 291 
THR N   H2   sing N N 292 
THR CA  C    sing N N 293 
THR CA  CB   sing N N 294 
THR CA  HA   sing N N 295 
THR C   O    doub N N 296 
THR C   OXT  sing N N 297 
THR CB  OG1  sing N N 298 
THR CB  CG2  sing N N 299 
THR CB  HB   sing N N 300 
THR OG1 HG1  sing N N 301 
THR CG2 HG21 sing N N 302 
THR CG2 HG22 sing N N 303 
THR CG2 HG23 sing N N 304 
THR OXT HXT  sing N N 305 
TRP N   CA   sing N N 306 
TRP N   H    sing N N 307 
TRP N   H2   sing N N 308 
TRP CA  C    sing N N 309 
TRP CA  CB   sing N N 310 
TRP CA  HA   sing N N 311 
TRP C   O    doub N N 312 
TRP C   OXT  sing N N 313 
TRP CB  CG   sing N N 314 
TRP CB  HB2  sing N N 315 
TRP CB  HB3  sing N N 316 
TRP CG  CD1  doub Y N 317 
TRP CG  CD2  sing Y N 318 
TRP CD1 NE1  sing Y N 319 
TRP CD1 HD1  sing N N 320 
TRP CD2 CE2  doub Y N 321 
TRP CD2 CE3  sing Y N 322 
TRP NE1 CE2  sing Y N 323 
TRP NE1 HE1  sing N N 324 
TRP CE2 CZ2  sing Y N 325 
TRP CE3 CZ3  doub Y N 326 
TRP CE3 HE3  sing N N 327 
TRP CZ2 CH2  doub Y N 328 
TRP CZ2 HZ2  sing N N 329 
TRP CZ3 CH2  sing Y N 330 
TRP CZ3 HZ3  sing N N 331 
TRP CH2 HH2  sing N N 332 
TRP OXT HXT  sing N N 333 
TYR N   CA   sing N N 334 
TYR N   H    sing N N 335 
TYR N   H2   sing N N 336 
TYR CA  C    sing N N 337 
TYR CA  CB   sing N N 338 
TYR CA  HA   sing N N 339 
TYR C   O    doub N N 340 
TYR C   OXT  sing N N 341 
TYR CB  CG   sing N N 342 
TYR CB  HB2  sing N N 343 
TYR CB  HB3  sing N N 344 
TYR CG  CD1  doub Y N 345 
TYR CG  CD2  sing Y N 346 
TYR CD1 CE1  sing Y N 347 
TYR CD1 HD1  sing N N 348 
TYR CD2 CE2  doub Y N 349 
TYR CD2 HD2  sing N N 350 
TYR CE1 CZ   doub Y N 351 
TYR CE1 HE1  sing N N 352 
TYR CE2 CZ   sing Y N 353 
TYR CE2 HE2  sing N N 354 
TYR CZ  OH   sing N N 355 
TYR OH  HH   sing N N 356 
TYR OXT HXT  sing N N 357 
VAL N   CA   sing N N 358 
VAL N   H    sing N N 359 
VAL N   H2   sing N N 360 
VAL CA  C    sing N N 361 
VAL CA  CB   sing N N 362 
VAL CA  HA   sing N N 363 
VAL C   O    doub N N 364 
VAL C   OXT  sing N N 365 
VAL CB  CG1  sing N N 366 
VAL CB  CG2  sing N N 367 
VAL CB  HB   sing N N 368 
VAL CG1 HG11 sing N N 369 
VAL CG1 HG12 sing N N 370 
VAL CG1 HG13 sing N N 371 
VAL CG2 HG21 sing N N 372 
VAL CG2 HG22 sing N N 373 
VAL CG2 HG23 sing N N 374 
VAL OXT HXT  sing N N 375 
# 
loop_
_pdbx_entity_nonpoly.entity_id 
_pdbx_entity_nonpoly.name 
_pdbx_entity_nonpoly.comp_id 
2 GLYCEROL GOL 
3 water    HOH 
# 
_pdbx_initial_refinement_model.id               1 
_pdbx_initial_refinement_model.entity_id_list   ? 
_pdbx_initial_refinement_model.type             'experimental model' 
_pdbx_initial_refinement_model.source_name      PDB 
_pdbx_initial_refinement_model.accession_code   2RER 
_pdbx_initial_refinement_model.details          'PDB entry 2RER' 
# 
